data_3RSN
# 
_entry.id   3RSN 
# 
_audit_conform.dict_name       mmcif_pdbx.dic 
_audit_conform.dict_version    5.398 
_audit_conform.dict_location   http://mmcif.pdb.org/dictionaries/ascii/mmcif_pdbx.dic 
# 
loop_
_database_2.database_id 
_database_2.database_code 
_database_2.pdbx_database_accession 
_database_2.pdbx_DOI 
PDB   3RSN         pdb_00003rsn 10.2210/pdb3rsn/pdb 
RCSB  RCSB065327   ?            ?                   
WWPDB D_1000065327 ?            ?                   
# 
loop_
_pdbx_audit_revision_history.ordinal 
_pdbx_audit_revision_history.data_content_type 
_pdbx_audit_revision_history.major_revision 
_pdbx_audit_revision_history.minor_revision 
_pdbx_audit_revision_history.revision_date 
1 'Structure model' 1 0 2011-06-22 
2 'Structure model' 1 1 2011-07-13 
3 'Structure model' 1 2 2011-12-14 
4 'Structure model' 1 3 2024-11-06 
# 
_pdbx_audit_revision_details.ordinal             1 
_pdbx_audit_revision_details.revision_ordinal    1 
_pdbx_audit_revision_details.data_content_type   'Structure model' 
_pdbx_audit_revision_details.provider            repository 
_pdbx_audit_revision_details.type                'Initial release' 
_pdbx_audit_revision_details.description         ? 
_pdbx_audit_revision_details.details             ? 
# 
loop_
_pdbx_audit_revision_group.ordinal 
_pdbx_audit_revision_group.revision_ordinal 
_pdbx_audit_revision_group.data_content_type 
_pdbx_audit_revision_group.group 
1 2 'Structure model' 'Version format compliance' 
2 3 'Structure model' 'Database references'       
3 4 'Structure model' 'Data collection'           
4 4 'Structure model' 'Database references'       
5 4 'Structure model' 'Derived calculations'      
6 4 'Structure model' 'Structure summary'         
# 
loop_
_pdbx_audit_revision_category.ordinal 
_pdbx_audit_revision_category.revision_ordinal 
_pdbx_audit_revision_category.data_content_type 
_pdbx_audit_revision_category.category 
1 4 'Structure model' chem_comp_atom            
2 4 'Structure model' chem_comp_bond            
3 4 'Structure model' database_2                
4 4 'Structure model' pdbx_entry_details        
5 4 'Structure model' pdbx_modification_feature 
6 4 'Structure model' pdbx_struct_conn_angle    
7 4 'Structure model' struct_conn               
8 4 'Structure model' struct_ref_seq_dif        
9 4 'Structure model' struct_site               
# 
loop_
_pdbx_audit_revision_item.ordinal 
_pdbx_audit_revision_item.revision_ordinal 
_pdbx_audit_revision_item.data_content_type 
_pdbx_audit_revision_item.item 
1  4 'Structure model' '_database_2.pdbx_DOI'                       
2  4 'Structure model' '_database_2.pdbx_database_accession'        
3  4 'Structure model' '_pdbx_struct_conn_angle.ptnr1_auth_seq_id'  
4  4 'Structure model' '_pdbx_struct_conn_angle.ptnr1_label_seq_id' 
5  4 'Structure model' '_pdbx_struct_conn_angle.ptnr3_auth_seq_id'  
6  4 'Structure model' '_pdbx_struct_conn_angle.ptnr3_label_seq_id' 
7  4 'Structure model' '_pdbx_struct_conn_angle.value'              
8  4 'Structure model' '_struct_conn.pdbx_dist_value'               
9  4 'Structure model' '_struct_conn.pdbx_leaving_atom_flag'        
10 4 'Structure model' '_struct_conn.ptnr1_auth_seq_id'             
11 4 'Structure model' '_struct_conn.ptnr1_label_seq_id'            
12 4 'Structure model' '_struct_ref_seq_dif.details'                
13 4 'Structure model' '_struct_site.pdbx_auth_asym_id'             
14 4 'Structure model' '_struct_site.pdbx_auth_comp_id'             
15 4 'Structure model' '_struct_site.pdbx_auth_seq_id'              
# 
_pdbx_database_status.status_code                     REL 
_pdbx_database_status.entry_id                        3RSN 
_pdbx_database_status.recvd_initial_deposition_date   2011-05-02 
_pdbx_database_status.deposit_site                    RCSB 
_pdbx_database_status.process_site                    RCSB 
_pdbx_database_status.status_code_sf                  REL 
_pdbx_database_status.status_code_mr                  ? 
_pdbx_database_status.SG_entry                        ? 
_pdbx_database_status.status_code_cs                  ? 
_pdbx_database_status.pdb_format_compatible           Y 
_pdbx_database_status.status_code_nmr_data            ? 
_pdbx_database_status.methods_development_category    ? 
# 
loop_
_audit_author.name 
_audit_author.pdbx_ordinal 
'Chen, Y.'     1 
'Wan, B.'      2 
'Wang, K.C.'   3 
'Cao, F.'      4 
'Yang, Y.'     5 
'Protacio, A.' 6 
'Dou, Y.'      7 
'Chang, H.Y.'  8 
'Lei, M.'      9 
# 
_citation.id                        primary 
_citation.title                     
'Crystal structure of the N-terminal region of human Ash2L shows a winged-helix motif involved in DNA binding.' 
_citation.journal_abbrev            'Embo Rep.' 
_citation.journal_volume            12 
_citation.page_first                797 
_citation.page_last                 803 
_citation.year                      2011 
_citation.journal_id_ASTM           ? 
_citation.country                   UK 
_citation.journal_id_ISSN           1469-221X 
_citation.journal_id_CSD            ? 
_citation.book_publisher            ? 
_citation.pdbx_database_id_PubMed   21660059 
_citation.pdbx_database_id_DOI      10.1038/embor.2011.101 
# 
loop_
_citation_author.citation_id 
_citation_author.name 
_citation_author.ordinal 
_citation_author.identifier_ORCID 
primary 'Chen, Y.'     1 ? 
primary 'Wan, B.'      2 ? 
primary 'Wang, K.C.'   3 ? 
primary 'Cao, F.'      4 ? 
primary 'Yang, Y.'     5 ? 
primary 'Protacio, A.' 6 ? 
primary 'Dou, Y.'      7 ? 
primary 'Chang, H.Y.'  8 ? 
primary 'Lei, M.'      9 ? 
# 
loop_
_entity.id 
_entity.type 
_entity.src_method 
_entity.pdbx_description 
_entity.formula_weight 
_entity.pdbx_number_of_molecules 
_entity.pdbx_ec 
_entity.pdbx_mutation 
_entity.pdbx_fragment 
_entity.details 
1 polymer     man 'Set1/Ash2 histone methyltransferase complex subunit ASH2' 20621.139 1  ? ? 
'Ash2L N-terminal domain, UNP residues 96-271' ? 
2 non-polymer syn 'ZINC ION'                                                 65.409    1  ? ? ? ? 
3 water       nat water                                                      18.015    75 ? ? ? ? 
# 
_entity_name_com.entity_id   1 
_entity_name_com.name        'ASH2-like protein' 
# 
_entity_poly.entity_id                      1 
_entity_poly.type                           'polypeptide(L)' 
_entity_poly.nstd_linkage                   no 
_entity_poly.nstd_monomer                   yes 
_entity_poly.pdbx_seq_one_letter_code       
;SDTQAGSVDEENGRQLGEVELQCGICTKWFTADTFGIDTSSCLPF(MSE)TNYSFHCNVCHHSGNTYFLRKQANLKE
(MSE)CLSALANLTWQSRTQDEHPKT(MSE)FSKDKDIIPFIDKYWEC(MSE)TTRQRPGK(MSE)TWPNNIVKT(MSE)
SKERDVFLVKEHPDPGSKDPEEDYPKFGLLDQDLSNIGPAYDNQ
;
_entity_poly.pdbx_seq_one_letter_code_can   
;SDTQAGSVDEENGRQLGEVELQCGICTKWFTADTFGIDTSSCLPFMTNYSFHCNVCHHSGNTYFLRKQANLKEMCLSALA
NLTWQSRTQDEHPKTMFSKDKDIIPFIDKYWECMTTRQRPGKMTWPNNIVKTMSKERDVFLVKEHPDPGSKDPEEDYPKF
GLLDQDLSNIGPAYDNQ
;
_entity_poly.pdbx_strand_id                 A 
_entity_poly.pdbx_target_identifier         ? 
# 
loop_
_pdbx_entity_nonpoly.entity_id 
_pdbx_entity_nonpoly.name 
_pdbx_entity_nonpoly.comp_id 
2 'ZINC ION' ZN  
3 water      HOH 
# 
loop_
_entity_poly_seq.entity_id 
_entity_poly_seq.num 
_entity_poly_seq.mon_id 
_entity_poly_seq.hetero 
1 1   SER n 
1 2   ASP n 
1 3   THR n 
1 4   GLN n 
1 5   ALA n 
1 6   GLY n 
1 7   SER n 
1 8   VAL n 
1 9   ASP n 
1 10  GLU n 
1 11  GLU n 
1 12  ASN n 
1 13  GLY n 
1 14  ARG n 
1 15  GLN n 
1 16  LEU n 
1 17  GLY n 
1 18  GLU n 
1 19  VAL n 
1 20  GLU n 
1 21  LEU n 
1 22  GLN n 
1 23  CYS n 
1 24  GLY n 
1 25  ILE n 
1 26  CYS n 
1 27  THR n 
1 28  LYS n 
1 29  TRP n 
1 30  PHE n 
1 31  THR n 
1 32  ALA n 
1 33  ASP n 
1 34  THR n 
1 35  PHE n 
1 36  GLY n 
1 37  ILE n 
1 38  ASP n 
1 39  THR n 
1 40  SER n 
1 41  SER n 
1 42  CYS n 
1 43  LEU n 
1 44  PRO n 
1 45  PHE n 
1 46  MSE n 
1 47  THR n 
1 48  ASN n 
1 49  TYR n 
1 50  SER n 
1 51  PHE n 
1 52  HIS n 
1 53  CYS n 
1 54  ASN n 
1 55  VAL n 
1 56  CYS n 
1 57  HIS n 
1 58  HIS n 
1 59  SER n 
1 60  GLY n 
1 61  ASN n 
1 62  THR n 
1 63  TYR n 
1 64  PHE n 
1 65  LEU n 
1 66  ARG n 
1 67  LYS n 
1 68  GLN n 
1 69  ALA n 
1 70  ASN n 
1 71  LEU n 
1 72  LYS n 
1 73  GLU n 
1 74  MSE n 
1 75  CYS n 
1 76  LEU n 
1 77  SER n 
1 78  ALA n 
1 79  LEU n 
1 80  ALA n 
1 81  ASN n 
1 82  LEU n 
1 83  THR n 
1 84  TRP n 
1 85  GLN n 
1 86  SER n 
1 87  ARG n 
1 88  THR n 
1 89  GLN n 
1 90  ASP n 
1 91  GLU n 
1 92  HIS n 
1 93  PRO n 
1 94  LYS n 
1 95  THR n 
1 96  MSE n 
1 97  PHE n 
1 98  SER n 
1 99  LYS n 
1 100 ASP n 
1 101 LYS n 
1 102 ASP n 
1 103 ILE n 
1 104 ILE n 
1 105 PRO n 
1 106 PHE n 
1 107 ILE n 
1 108 ASP n 
1 109 LYS n 
1 110 TYR n 
1 111 TRP n 
1 112 GLU n 
1 113 CYS n 
1 114 MSE n 
1 115 THR n 
1 116 THR n 
1 117 ARG n 
1 118 GLN n 
1 119 ARG n 
1 120 PRO n 
1 121 GLY n 
1 122 LYS n 
1 123 MSE n 
1 124 THR n 
1 125 TRP n 
1 126 PRO n 
1 127 ASN n 
1 128 ASN n 
1 129 ILE n 
1 130 VAL n 
1 131 LYS n 
1 132 THR n 
1 133 MSE n 
1 134 SER n 
1 135 LYS n 
1 136 GLU n 
1 137 ARG n 
1 138 ASP n 
1 139 VAL n 
1 140 PHE n 
1 141 LEU n 
1 142 VAL n 
1 143 LYS n 
1 144 GLU n 
1 145 HIS n 
1 146 PRO n 
1 147 ASP n 
1 148 PRO n 
1 149 GLY n 
1 150 SER n 
1 151 LYS n 
1 152 ASP n 
1 153 PRO n 
1 154 GLU n 
1 155 GLU n 
1 156 ASP n 
1 157 TYR n 
1 158 PRO n 
1 159 LYS n 
1 160 PHE n 
1 161 GLY n 
1 162 LEU n 
1 163 LEU n 
1 164 ASP n 
1 165 GLN n 
1 166 ASP n 
1 167 LEU n 
1 168 SER n 
1 169 ASN n 
1 170 ILE n 
1 171 GLY n 
1 172 PRO n 
1 173 ALA n 
1 174 TYR n 
1 175 ASP n 
1 176 ASN n 
1 177 GLN n 
# 
_entity_src_gen.entity_id                          1 
_entity_src_gen.pdbx_src_id                        1 
_entity_src_gen.pdbx_alt_source_flag               sample 
_entity_src_gen.pdbx_seq_type                      ? 
_entity_src_gen.pdbx_beg_seq_num                   ? 
_entity_src_gen.pdbx_end_seq_num                   ? 
_entity_src_gen.gene_src_common_name               human 
_entity_src_gen.gene_src_genus                     ? 
_entity_src_gen.pdbx_gene_src_gene                 'ASH2L, ASH2L1' 
_entity_src_gen.gene_src_species                   ? 
_entity_src_gen.gene_src_strain                    ? 
_entity_src_gen.gene_src_tissue                    ? 
_entity_src_gen.gene_src_tissue_fraction           ? 
_entity_src_gen.gene_src_details                   ? 
_entity_src_gen.pdbx_gene_src_fragment             ? 
_entity_src_gen.pdbx_gene_src_scientific_name      'Homo sapiens' 
_entity_src_gen.pdbx_gene_src_ncbi_taxonomy_id     9606 
_entity_src_gen.pdbx_gene_src_variant              ? 
_entity_src_gen.pdbx_gene_src_cell_line            ? 
_entity_src_gen.pdbx_gene_src_atcc                 ? 
_entity_src_gen.pdbx_gene_src_organ                ? 
_entity_src_gen.pdbx_gene_src_organelle            ? 
_entity_src_gen.pdbx_gene_src_cell                 ? 
_entity_src_gen.pdbx_gene_src_cellular_location    ? 
_entity_src_gen.host_org_common_name               ? 
_entity_src_gen.pdbx_host_org_scientific_name      'Escherichia coli' 
_entity_src_gen.pdbx_host_org_ncbi_taxonomy_id     469008 
_entity_src_gen.host_org_genus                     ? 
_entity_src_gen.pdbx_host_org_gene                 ? 
_entity_src_gen.pdbx_host_org_organ                ? 
_entity_src_gen.host_org_species                   ? 
_entity_src_gen.pdbx_host_org_tissue               ? 
_entity_src_gen.pdbx_host_org_tissue_fraction      ? 
_entity_src_gen.pdbx_host_org_strain               'BL21(DE3)' 
_entity_src_gen.pdbx_host_org_variant              ? 
_entity_src_gen.pdbx_host_org_cell_line            ? 
_entity_src_gen.pdbx_host_org_atcc                 ? 
_entity_src_gen.pdbx_host_org_culture_collection   ? 
_entity_src_gen.pdbx_host_org_cell                 ? 
_entity_src_gen.pdbx_host_org_organelle            ? 
_entity_src_gen.pdbx_host_org_cellular_location    ? 
_entity_src_gen.pdbx_host_org_vector_type          ? 
_entity_src_gen.pdbx_host_org_vector               ? 
_entity_src_gen.host_org_details                   ? 
_entity_src_gen.expression_system_id               ? 
_entity_src_gen.plasmid_name                       ? 
_entity_src_gen.plasmid_details                    ? 
_entity_src_gen.pdbx_description                   ? 
# 
loop_
_chem_comp.id 
_chem_comp.type 
_chem_comp.mon_nstd_flag 
_chem_comp.name 
_chem_comp.pdbx_synonyms 
_chem_comp.formula 
_chem_comp.formula_weight 
ALA 'L-peptide linking' y ALANINE          ? 'C3 H7 N O2'     89.093  
ARG 'L-peptide linking' y ARGININE         ? 'C6 H15 N4 O2 1' 175.209 
ASN 'L-peptide linking' y ASPARAGINE       ? 'C4 H8 N2 O3'    132.118 
ASP 'L-peptide linking' y 'ASPARTIC ACID'  ? 'C4 H7 N O4'     133.103 
CYS 'L-peptide linking' y CYSTEINE         ? 'C3 H7 N O2 S'   121.158 
GLN 'L-peptide linking' y GLUTAMINE        ? 'C5 H10 N2 O3'   146.144 
GLU 'L-peptide linking' y 'GLUTAMIC ACID'  ? 'C5 H9 N O4'     147.129 
GLY 'peptide linking'   y GLYCINE          ? 'C2 H5 N O2'     75.067  
HIS 'L-peptide linking' y HISTIDINE        ? 'C6 H10 N3 O2 1' 156.162 
HOH non-polymer         . WATER            ? 'H2 O'           18.015  
ILE 'L-peptide linking' y ISOLEUCINE       ? 'C6 H13 N O2'    131.173 
LEU 'L-peptide linking' y LEUCINE          ? 'C6 H13 N O2'    131.173 
LYS 'L-peptide linking' y LYSINE           ? 'C6 H15 N2 O2 1' 147.195 
MSE 'L-peptide linking' n SELENOMETHIONINE ? 'C5 H11 N O2 Se' 196.106 
PHE 'L-peptide linking' y PHENYLALANINE    ? 'C9 H11 N O2'    165.189 
PRO 'L-peptide linking' y PROLINE          ? 'C5 H9 N O2'     115.130 
SER 'L-peptide linking' y SERINE           ? 'C3 H7 N O3'     105.093 
THR 'L-peptide linking' y THREONINE        ? 'C4 H9 N O3'     119.119 
TRP 'L-peptide linking' y TRYPTOPHAN       ? 'C11 H12 N2 O2'  204.225 
TYR 'L-peptide linking' y TYROSINE         ? 'C9 H11 N O3'    181.189 
VAL 'L-peptide linking' y VALINE           ? 'C5 H11 N O2'    117.146 
ZN  non-polymer         . 'ZINC ION'       ? 'Zn 2'           65.409  
# 
loop_
_pdbx_poly_seq_scheme.asym_id 
_pdbx_poly_seq_scheme.entity_id 
_pdbx_poly_seq_scheme.seq_id 
_pdbx_poly_seq_scheme.mon_id 
_pdbx_poly_seq_scheme.ndb_seq_num 
_pdbx_poly_seq_scheme.pdb_seq_num 
_pdbx_poly_seq_scheme.auth_seq_num 
_pdbx_poly_seq_scheme.pdb_mon_id 
_pdbx_poly_seq_scheme.auth_mon_id 
_pdbx_poly_seq_scheme.pdb_strand_id 
_pdbx_poly_seq_scheme.pdb_ins_code 
_pdbx_poly_seq_scheme.hetero 
A 1 1   SER 1   1   ?   ?   ?   A . n 
A 1 2   ASP 2   2   ?   ?   ?   A . n 
A 1 3   THR 3   3   ?   ?   ?   A . n 
A 1 4   GLN 4   4   ?   ?   ?   A . n 
A 1 5   ALA 5   5   ?   ?   ?   A . n 
A 1 6   GLY 6   6   ?   ?   ?   A . n 
A 1 7   SER 7   7   ?   ?   ?   A . n 
A 1 8   VAL 8   8   ?   ?   ?   A . n 
A 1 9   ASP 9   9   ?   ?   ?   A . n 
A 1 10  GLU 10  10  ?   ?   ?   A . n 
A 1 11  GLU 11  11  11  GLU GLU A . n 
A 1 12  ASN 12  12  12  ASN ASN A . n 
A 1 13  GLY 13  13  13  GLY GLY A . n 
A 1 14  ARG 14  14  14  ARG ARG A . n 
A 1 15  GLN 15  15  15  GLN GLN A . n 
A 1 16  LEU 16  16  16  LEU LEU A . n 
A 1 17  GLY 17  17  17  GLY GLY A . n 
A 1 18  GLU 18  18  18  GLU GLU A . n 
A 1 19  VAL 19  19  19  VAL VAL A . n 
A 1 20  GLU 20  20  20  GLU GLU A . n 
A 1 21  LEU 21  21  21  LEU LEU A . n 
A 1 22  GLN 22  22  22  GLN GLN A . n 
A 1 23  CYS 23  23  23  CYS CYS A . n 
A 1 24  GLY 24  24  24  GLY GLY A . n 
A 1 25  ILE 25  25  25  ILE ILE A . n 
A 1 26  CYS 26  26  26  CYS CYS A . n 
A 1 27  THR 27  27  27  THR THR A . n 
A 1 28  LYS 28  28  28  LYS LYS A . n 
A 1 29  TRP 29  29  29  TRP TRP A . n 
A 1 30  PHE 30  30  30  PHE PHE A . n 
A 1 31  THR 31  31  31  THR THR A . n 
A 1 32  ALA 32  32  32  ALA ALA A . n 
A 1 33  ASP 33  33  33  ASP ASP A . n 
A 1 34  THR 34  34  34  THR THR A . n 
A 1 35  PHE 35  35  35  PHE PHE A . n 
A 1 36  GLY 36  36  36  GLY GLY A . n 
A 1 37  ILE 37  37  37  ILE ILE A . n 
A 1 38  ASP 38  38  38  ASP ASP A . n 
A 1 39  THR 39  39  39  THR THR A . n 
A 1 40  SER 40  40  40  SER SER A . n 
A 1 41  SER 41  41  41  SER SER A . n 
A 1 42  CYS 42  42  42  CYS CYS A . n 
A 1 43  LEU 43  43  43  LEU LEU A . n 
A 1 44  PRO 44  44  44  PRO PRO A . n 
A 1 45  PHE 45  45  45  PHE PHE A . n 
A 1 46  MSE 46  46  46  MSE MSE A . n 
A 1 47  THR 47  47  47  THR THR A . n 
A 1 48  ASN 48  48  48  ASN ASN A . n 
A 1 49  TYR 49  49  49  TYR TYR A . n 
A 1 50  SER 50  50  50  SER SER A . n 
A 1 51  PHE 51  51  51  PHE PHE A . n 
A 1 52  HIS 52  52  52  HIS HIS A . n 
A 1 53  CYS 53  53  53  CYS CYS A . n 
A 1 54  ASN 54  54  54  ASN ASN A . n 
A 1 55  VAL 55  55  55  VAL VAL A . n 
A 1 56  CYS 56  56  56  CYS CYS A . n 
A 1 57  HIS 57  57  57  HIS HIS A . n 
A 1 58  HIS 58  58  58  HIS HIS A . n 
A 1 59  SER 59  59  59  SER SER A . n 
A 1 60  GLY 60  60  60  GLY GLY A . n 
A 1 61  ASN 61  61  61  ASN ASN A . n 
A 1 62  THR 62  62  62  THR THR A . n 
A 1 63  TYR 63  63  63  TYR TYR A . n 
A 1 64  PHE 64  64  64  PHE PHE A . n 
A 1 65  LEU 65  65  65  LEU LEU A . n 
A 1 66  ARG 66  66  66  ARG ARG A . n 
A 1 67  LYS 67  67  67  LYS LYS A . n 
A 1 68  GLN 68  68  68  GLN GLN A . n 
A 1 69  ALA 69  69  69  ALA ALA A . n 
A 1 70  ASN 70  70  70  ASN ASN A . n 
A 1 71  LEU 71  71  71  LEU LEU A . n 
A 1 72  LYS 72  72  72  LYS LYS A . n 
A 1 73  GLU 73  73  73  GLU GLU A . n 
A 1 74  MSE 74  74  74  MSE MSE A . n 
A 1 75  CYS 75  75  75  CYS CYS A . n 
A 1 76  LEU 76  76  76  LEU LEU A . n 
A 1 77  SER 77  77  77  SER SER A . n 
A 1 78  ALA 78  78  78  ALA ALA A . n 
A 1 79  LEU 79  79  79  LEU LEU A . n 
A 1 80  ALA 80  80  80  ALA ALA A . n 
A 1 81  ASN 81  81  81  ASN ASN A . n 
A 1 82  LEU 82  82  82  LEU LEU A . n 
A 1 83  THR 83  83  83  THR THR A . n 
A 1 84  TRP 84  84  84  TRP TRP A . n 
A 1 85  GLN 85  85  85  GLN GLN A . n 
A 1 86  SER 86  86  86  SER SER A . n 
A 1 87  ARG 87  87  87  ARG ARG A . n 
A 1 88  THR 88  88  88  THR THR A . n 
A 1 89  GLN 89  89  89  GLN GLN A . n 
A 1 90  ASP 90  90  90  ASP ASP A . n 
A 1 91  GLU 91  91  91  GLU GLU A . n 
A 1 92  HIS 92  92  92  HIS HIS A . n 
A 1 93  PRO 93  93  93  PRO PRO A . n 
A 1 94  LYS 94  94  94  LYS LYS A . n 
A 1 95  THR 95  95  95  THR THR A . n 
A 1 96  MSE 96  96  96  MSE MSE A . n 
A 1 97  PHE 97  97  97  PHE PHE A . n 
A 1 98  SER 98  98  98  SER SER A . n 
A 1 99  LYS 99  99  99  LYS LYS A . n 
A 1 100 ASP 100 100 100 ASP ASP A . n 
A 1 101 LYS 101 101 101 LYS LYS A . n 
A 1 102 ASP 102 102 102 ASP ASP A . n 
A 1 103 ILE 103 103 103 ILE ILE A . n 
A 1 104 ILE 104 104 104 ILE ILE A . n 
A 1 105 PRO 105 105 105 PRO PRO A . n 
A 1 106 PHE 106 106 106 PHE PHE A . n 
A 1 107 ILE 107 107 107 ILE ILE A . n 
A 1 108 ASP 108 108 108 ASP ASP A . n 
A 1 109 LYS 109 109 109 LYS LYS A . n 
A 1 110 TYR 110 110 110 TYR TYR A . n 
A 1 111 TRP 111 111 111 TRP TRP A . n 
A 1 112 GLU 112 112 112 GLU GLU A . n 
A 1 113 CYS 113 113 113 CYS CYS A . n 
A 1 114 MSE 114 114 114 MSE MSE A . n 
A 1 115 THR 115 115 115 THR THR A . n 
A 1 116 THR 116 116 116 THR THR A . n 
A 1 117 ARG 117 117 117 ARG ARG A . n 
A 1 118 GLN 118 118 118 GLN GLN A . n 
A 1 119 ARG 119 119 119 ARG ARG A . n 
A 1 120 PRO 120 120 120 PRO PRO A . n 
A 1 121 GLY 121 121 121 GLY GLY A . n 
A 1 122 LYS 122 122 122 LYS LYS A . n 
A 1 123 MSE 123 123 123 MSE MSE A . n 
A 1 124 THR 124 124 124 THR THR A . n 
A 1 125 TRP 125 125 125 TRP TRP A . n 
A 1 126 PRO 126 126 126 PRO PRO A . n 
A 1 127 ASN 127 127 127 ASN ASN A . n 
A 1 128 ASN 128 128 128 ASN ASN A . n 
A 1 129 ILE 129 129 129 ILE ILE A . n 
A 1 130 VAL 130 130 130 VAL VAL A . n 
A 1 131 LYS 131 131 131 LYS LYS A . n 
A 1 132 THR 132 132 132 THR THR A . n 
A 1 133 MSE 133 133 133 MSE MSE A . n 
A 1 134 SER 134 134 134 SER SER A . n 
A 1 135 LYS 135 135 135 LYS LYS A . n 
A 1 136 GLU 136 136 136 GLU GLU A . n 
A 1 137 ARG 137 137 137 ARG ARG A . n 
A 1 138 ASP 138 138 138 ASP ASP A . n 
A 1 139 VAL 139 139 139 VAL VAL A . n 
A 1 140 PHE 140 140 140 PHE PHE A . n 
A 1 141 LEU 141 141 141 LEU LEU A . n 
A 1 142 VAL 142 142 142 VAL VAL A . n 
A 1 143 LYS 143 143 143 LYS LYS A . n 
A 1 144 GLU 144 144 144 GLU GLU A . n 
A 1 145 HIS 145 145 145 HIS HIS A . n 
A 1 146 PRO 146 146 146 PRO PRO A . n 
A 1 147 ASP 147 147 147 ASP ASP A . n 
A 1 148 PRO 148 148 148 PRO PRO A . n 
A 1 149 GLY 149 149 149 GLY GLY A . n 
A 1 150 SER 150 150 150 SER SER A . n 
A 1 151 LYS 151 151 151 LYS LYS A . n 
A 1 152 ASP 152 152 152 ASP ASP A . n 
A 1 153 PRO 153 153 153 PRO PRO A . n 
A 1 154 GLU 154 154 154 GLU GLU A . n 
A 1 155 GLU 155 155 155 GLU GLU A . n 
A 1 156 ASP 156 156 156 ASP ASP A . n 
A 1 157 TYR 157 157 157 TYR TYR A . n 
A 1 158 PRO 158 158 158 PRO PRO A . n 
A 1 159 LYS 159 159 159 LYS LYS A . n 
A 1 160 PHE 160 160 160 PHE PHE A . n 
A 1 161 GLY 161 161 161 GLY GLY A . n 
A 1 162 LEU 162 162 162 LEU LEU A . n 
A 1 163 LEU 163 163 163 LEU LEU A . n 
A 1 164 ASP 164 164 164 ASP ASP A . n 
A 1 165 GLN 165 165 165 GLN GLN A . n 
A 1 166 ASP 166 166 166 ASP ASP A . n 
A 1 167 LEU 167 167 167 LEU LEU A . n 
A 1 168 SER 168 168 168 SER SER A . n 
A 1 169 ASN 169 169 169 ASN ASN A . n 
A 1 170 ILE 170 170 170 ILE ILE A . n 
A 1 171 GLY 171 171 171 GLY GLY A . n 
A 1 172 PRO 172 172 172 PRO PRO A . n 
A 1 173 ALA 173 173 173 ALA ALA A . n 
A 1 174 TYR 174 174 174 TYR TYR A . n 
A 1 175 ASP 175 175 175 ASP ASP A . n 
A 1 176 ASN 176 176 ?   ?   ?   A . n 
A 1 177 GLN 177 177 ?   ?   ?   A . n 
# 
loop_
_pdbx_nonpoly_scheme.asym_id 
_pdbx_nonpoly_scheme.entity_id 
_pdbx_nonpoly_scheme.mon_id 
_pdbx_nonpoly_scheme.ndb_seq_num 
_pdbx_nonpoly_scheme.pdb_seq_num 
_pdbx_nonpoly_scheme.auth_seq_num 
_pdbx_nonpoly_scheme.pdb_mon_id 
_pdbx_nonpoly_scheme.auth_mon_id 
_pdbx_nonpoly_scheme.pdb_strand_id 
_pdbx_nonpoly_scheme.pdb_ins_code 
B 2 ZN  1  200 200 ZN  ZN  A . 
C 3 HOH 1  178 1   HOH HOH A . 
C 3 HOH 2  179 2   HOH HOH A . 
C 3 HOH 3  180 3   HOH HOH A . 
C 3 HOH 4  181 4   HOH HOH A . 
C 3 HOH 5  182 5   HOH HOH A . 
C 3 HOH 6  183 6   HOH HOH A . 
C 3 HOH 7  184 7   HOH HOH A . 
C 3 HOH 8  185 8   HOH HOH A . 
C 3 HOH 9  186 9   HOH HOH A . 
C 3 HOH 10 187 10  HOH HOH A . 
C 3 HOH 11 188 11  HOH HOH A . 
C 3 HOH 12 189 12  HOH HOH A . 
C 3 HOH 13 190 13  HOH HOH A . 
C 3 HOH 14 191 14  HOH HOH A . 
C 3 HOH 15 192 15  HOH HOH A . 
C 3 HOH 16 193 16  HOH HOH A . 
C 3 HOH 17 194 17  HOH HOH A . 
C 3 HOH 18 195 18  HOH HOH A . 
C 3 HOH 19 196 19  HOH HOH A . 
C 3 HOH 20 197 20  HOH HOH A . 
C 3 HOH 21 198 21  HOH HOH A . 
C 3 HOH 22 199 22  HOH HOH A . 
C 3 HOH 23 201 23  HOH HOH A . 
C 3 HOH 24 202 24  HOH HOH A . 
C 3 HOH 25 203 25  HOH HOH A . 
C 3 HOH 26 204 26  HOH HOH A . 
C 3 HOH 27 205 27  HOH HOH A . 
C 3 HOH 28 206 28  HOH HOH A . 
C 3 HOH 29 207 29  HOH HOH A . 
C 3 HOH 30 208 30  HOH HOH A . 
C 3 HOH 31 209 31  HOH HOH A . 
C 3 HOH 32 210 32  HOH HOH A . 
C 3 HOH 33 211 33  HOH HOH A . 
C 3 HOH 34 212 34  HOH HOH A . 
C 3 HOH 35 213 35  HOH HOH A . 
C 3 HOH 36 214 36  HOH HOH A . 
C 3 HOH 37 215 37  HOH HOH A . 
C 3 HOH 38 216 38  HOH HOH A . 
C 3 HOH 39 217 39  HOH HOH A . 
C 3 HOH 40 218 40  HOH HOH A . 
C 3 HOH 41 219 41  HOH HOH A . 
C 3 HOH 42 220 42  HOH HOH A . 
C 3 HOH 43 221 43  HOH HOH A . 
C 3 HOH 44 222 44  HOH HOH A . 
C 3 HOH 45 223 45  HOH HOH A . 
C 3 HOH 46 224 46  HOH HOH A . 
C 3 HOH 47 225 47  HOH HOH A . 
C 3 HOH 48 226 48  HOH HOH A . 
C 3 HOH 49 227 49  HOH HOH A . 
C 3 HOH 50 228 50  HOH HOH A . 
C 3 HOH 51 229 51  HOH HOH A . 
C 3 HOH 52 230 52  HOH HOH A . 
C 3 HOH 53 231 53  HOH HOH A . 
C 3 HOH 54 232 54  HOH HOH A . 
C 3 HOH 55 233 55  HOH HOH A . 
C 3 HOH 56 234 56  HOH HOH A . 
C 3 HOH 57 235 57  HOH HOH A . 
C 3 HOH 58 236 58  HOH HOH A . 
C 3 HOH 59 237 59  HOH HOH A . 
C 3 HOH 60 238 60  HOH HOH A . 
C 3 HOH 61 239 61  HOH HOH A . 
C 3 HOH 62 240 62  HOH HOH A . 
C 3 HOH 63 241 63  HOH HOH A . 
C 3 HOH 64 242 64  HOH HOH A . 
C 3 HOH 65 243 65  HOH HOH A . 
C 3 HOH 66 244 66  HOH HOH A . 
C 3 HOH 67 245 67  HOH HOH A . 
C 3 HOH 68 246 68  HOH HOH A . 
C 3 HOH 69 247 69  HOH HOH A . 
C 3 HOH 70 248 70  HOH HOH A . 
C 3 HOH 71 249 71  HOH HOH A . 
C 3 HOH 72 250 72  HOH HOH A . 
C 3 HOH 73 251 73  HOH HOH A . 
C 3 HOH 74 252 74  HOH HOH A . 
C 3 HOH 75 253 75  HOH HOH A . 
# 
loop_
_software.name 
_software.classification 
_software.version 
_software.citation_id 
_software.pdbx_ordinal 
MD2      'data collection' 'diffractometer software'    ? 1 
SHARP    phasing           .                            ? 2 
PHENIX   refinement        '(phenix.refine: 1.6.4_486)' ? 3 
HKL-2000 'data reduction'  .                            ? 4 
HKL-2000 'data scaling'    .                            ? 5 
# 
_cell.entry_id           3RSN 
_cell.length_a           49.984 
_cell.length_b           49.984 
_cell.length_c           165.519 
_cell.angle_alpha        90.00 
_cell.angle_beta         90.00 
_cell.angle_gamma        120.00 
_cell.Z_PDB              6 
_cell.pdbx_unique_axis   ? 
_cell.length_a_esd       ? 
_cell.length_b_esd       ? 
_cell.length_c_esd       ? 
_cell.angle_alpha_esd    ? 
_cell.angle_beta_esd     ? 
_cell.angle_gamma_esd    ? 
# 
_symmetry.entry_id                         3RSN 
_symmetry.space_group_name_H-M             'P 31 2 1' 
_symmetry.pdbx_full_space_group_name_H-M   ? 
_symmetry.cell_setting                     ? 
_symmetry.Int_Tables_number                152 
_symmetry.space_group_name_Hall            ? 
# 
_exptl.entry_id          3RSN 
_exptl.method            'X-RAY DIFFRACTION' 
_exptl.crystals_number   1 
# 
_exptl_crystal.id                    1 
_exptl_crystal.density_meas          ? 
_exptl_crystal.density_Matthews      2.89 
_exptl_crystal.density_percent_sol   57.51 
_exptl_crystal.description           ? 
_exptl_crystal.F_000                 ? 
_exptl_crystal.preparation           ? 
# 
_exptl_crystal_grow.crystal_id      1 
_exptl_crystal_grow.method          'VAPOR DIFFUSION, HANGING DROP' 
_exptl_crystal_grow.temp            277 
_exptl_crystal_grow.temp_details    ? 
_exptl_crystal_grow.pH              8.5 
_exptl_crystal_grow.pdbx_details    '100 mM Tris-HCl pH8.5, 20% PEG8000, VAPOR DIFFUSION, HANGING DROP, temperature 277K' 
_exptl_crystal_grow.pdbx_pH_range   ? 
# 
_diffrn.id                     1 
_diffrn.ambient_temp           100 
_diffrn.ambient_temp_details   ? 
_diffrn.crystal_id             1 
# 
_diffrn_detector.diffrn_id              1 
_diffrn_detector.detector               CCD 
_diffrn_detector.type                   'MAR 300 CCD' 
_diffrn_detector.pdbx_collection_date   2008-11-07 
_diffrn_detector.details                ? 
# 
_diffrn_radiation.diffrn_id                        1 
_diffrn_radiation.wavelength_id                    1 
_diffrn_radiation.pdbx_monochromatic_or_laue_m_l   M 
_diffrn_radiation.monochromator                    'C(111)' 
_diffrn_radiation.pdbx_diffrn_protocol             'SINGLE WAVELENGTH' 
_diffrn_radiation.pdbx_scattering_type             x-ray 
# 
_diffrn_radiation_wavelength.id           1 
_diffrn_radiation_wavelength.wavelength   0.97856 
_diffrn_radiation_wavelength.wt           1.0 
# 
_diffrn_source.diffrn_id                   1 
_diffrn_source.source                      SYNCHROTRON 
_diffrn_source.type                        'APS BEAMLINE 21-ID-G' 
_diffrn_source.pdbx_synchrotron_site       APS 
_diffrn_source.pdbx_synchrotron_beamline   21-ID-G 
_diffrn_source.pdbx_wavelength             ? 
_diffrn_source.pdbx_wavelength_list        0.97856 
# 
_reflns.entry_id                     3RSN 
_reflns.observed_criterion_sigma_I   0 
_reflns.observed_criterion_sigma_F   0 
_reflns.d_resolution_low             100 
_reflns.d_resolution_high            2.1 
_reflns.number_obs                   14752 
_reflns.number_all                   14841 
_reflns.percent_possible_obs         99.4 
_reflns.pdbx_Rmerge_I_obs            0.074 
_reflns.pdbx_netI_over_sigmaI        73 
_reflns.B_iso_Wilson_estimate        ? 
_reflns.pdbx_redundancy              19 
_reflns.R_free_details               ? 
_reflns.limit_h_max                  ? 
_reflns.limit_h_min                  ? 
_reflns.limit_k_max                  ? 
_reflns.limit_k_min                  ? 
_reflns.limit_l_max                  ? 
_reflns.limit_l_min                  ? 
_reflns.observed_criterion_F_max     ? 
_reflns.observed_criterion_F_min     ? 
_reflns.pdbx_chi_squared             ? 
_reflns.pdbx_scaling_rejects         ? 
_reflns.pdbx_Rsym_value              ? 
_reflns.pdbx_ordinal                 1 
_reflns.pdbx_diffrn_id               1 
# 
_reflns_shell.d_res_high             2.1 
_reflns_shell.d_res_low              2.18 
_reflns_shell.percent_possible_all   97.9 
_reflns_shell.Rmerge_I_obs           ? 
_reflns_shell.pdbx_Rsym_value        ? 
_reflns_shell.meanI_over_sigI_obs    ? 
_reflns_shell.pdbx_redundancy        ? 
_reflns_shell.percent_possible_obs   ? 
_reflns_shell.number_unique_all      ? 
_reflns_shell.number_measured_all    ? 
_reflns_shell.number_measured_obs    ? 
_reflns_shell.number_unique_obs      ? 
_reflns_shell.pdbx_chi_squared       ? 
_reflns_shell.pdbx_ordinal           1 
_reflns_shell.pdbx_diffrn_id         1 
# 
_refine.entry_id                                 3RSN 
_refine.ls_number_reflns_obs                     14752 
_refine.ls_number_reflns_all                     ? 
_refine.pdbx_ls_sigma_I                          ? 
_refine.pdbx_ls_sigma_F                          1.11 
_refine.pdbx_data_cutoff_high_absF               ? 
_refine.pdbx_data_cutoff_low_absF                ? 
_refine.pdbx_data_cutoff_high_rms_absF           ? 
_refine.ls_d_res_low                             34.057 
_refine.ls_d_res_high                            2.100 
_refine.ls_percent_reflns_obs                    99.37 
_refine.ls_R_factor_obs                          0.2171 
_refine.ls_R_factor_R_work                       0.2133 
_refine.ls_R_factor_R_free                       0.2539 
_refine.ls_R_factor_R_free_error                 ? 
_refine.ls_R_factor_R_free_error_details         ? 
_refine.ls_percent_reflns_R_free                 9.52 
_refine.ls_number_reflns_R_free                  2554 
_refine.ls_number_parameters                     ? 
_refine.ls_number_restraints                     ? 
_refine.occupancy_min                            ? 
_refine.occupancy_max                            ? 
_refine.correlation_coeff_Fo_to_Fc               ? 
_refine.correlation_coeff_Fo_to_Fc_free          ? 
_refine.B_iso_mean                               ? 
_refine.aniso_B[1][1]                            2.5771 
_refine.aniso_B[2][2]                            2.5771 
_refine.aniso_B[3][3]                            -5.1542 
_refine.aniso_B[1][2]                            -0.0000 
_refine.aniso_B[1][3]                            -0.0000 
_refine.aniso_B[2][3]                            0.0000 
_refine.solvent_model_details                    'FLAT BULK SOLVENT MODEL' 
_refine.solvent_model_param_ksol                 0.359 
_refine.solvent_model_param_bsol                 41.294 
_refine.pdbx_solvent_vdw_probe_radii             1.20 
_refine.pdbx_solvent_ion_probe_radii             ? 
_refine.pdbx_solvent_shrinkage_radii             0.95 
_refine.pdbx_ls_cross_valid_method               ? 
_refine.details                                  ? 
_refine.pdbx_starting_model                      ? 
_refine.pdbx_method_to_determine_struct          SAD 
_refine.pdbx_isotropic_thermal_model             ? 
_refine.pdbx_stereochemistry_target_values       ML 
_refine.pdbx_stereochem_target_val_spec_case     ? 
_refine.pdbx_R_Free_selection_details            random 
_refine.pdbx_overall_ESU_R_Free                  ? 
_refine.overall_SU_ML                            0.34 
_refine.pdbx_overall_phase_error                 27.31 
_refine.overall_SU_B                             ? 
_refine.overall_SU_R_Cruickshank_DPI             ? 
_refine.ls_redundancy_reflns_obs                 ? 
_refine.B_iso_min                                ? 
_refine.B_iso_max                                ? 
_refine.overall_SU_R_free                        ? 
_refine.ls_wR_factor_R_free                      ? 
_refine.ls_wR_factor_R_work                      ? 
_refine.overall_FOM_free_R_set                   ? 
_refine.overall_FOM_work_R_set                   ? 
_refine.ls_R_factor_all                          ? 
_refine.pdbx_diffrn_id                           1 
_refine.pdbx_refine_id                           'X-RAY DIFFRACTION' 
_refine.pdbx_overall_ESU_R                       ? 
_refine.pdbx_TLS_residual_ADP_flag               ? 
_refine.pdbx_overall_SU_R_free_Cruickshank_DPI   ? 
_refine.pdbx_overall_SU_R_Blow_DPI               ? 
_refine.pdbx_overall_SU_R_free_Blow_DPI          ? 
# 
_refine_hist.pdbx_refine_id                   'X-RAY DIFFRACTION' 
_refine_hist.cycle_id                         LAST 
_refine_hist.pdbx_number_atoms_protein        1336 
_refine_hist.pdbx_number_atoms_nucleic_acid   0 
_refine_hist.pdbx_number_atoms_ligand         1 
_refine_hist.number_atoms_solvent             75 
_refine_hist.number_atoms_total               1412 
_refine_hist.d_res_high                       2.100 
_refine_hist.d_res_low                        34.057 
# 
loop_
_refine_ls_restr.type 
_refine_ls_restr.dev_ideal 
_refine_ls_restr.dev_ideal_target 
_refine_ls_restr.weight 
_refine_ls_restr.number 
_refine_ls_restr.pdbx_restraint_function 
_refine_ls_restr.pdbx_refine_id 
f_bond_d           0.011  ? ? 1399 ? 'X-RAY DIFFRACTION' 
f_angle_d          1.117  ? ? 1856 ? 'X-RAY DIFFRACTION' 
f_dihedral_angle_d 14.599 ? ? 513  ? 'X-RAY DIFFRACTION' 
f_chiral_restr     0.084  ? ? 193  ? 'X-RAY DIFFRACTION' 
f_plane_restr      0.005  ? ? 242  ? 'X-RAY DIFFRACTION' 
# 
loop_
_refine_ls_shell.pdbx_total_number_of_bins_used 
_refine_ls_shell.d_res_high 
_refine_ls_shell.d_res_low 
_refine_ls_shell.number_reflns_R_work 
_refine_ls_shell.R_factor_R_work 
_refine_ls_shell.percent_reflns_obs 
_refine_ls_shell.R_factor_R_free 
_refine_ls_shell.R_factor_R_free_error 
_refine_ls_shell.percent_reflns_R_free 
_refine_ls_shell.number_reflns_R_free 
_refine_ls_shell.number_reflns_all 
_refine_ls_shell.R_factor_all 
_refine_ls_shell.number_reflns_obs 
_refine_ls_shell.redundancy_reflns_obs 
_refine_ls_shell.pdbx_refine_id 
. 2.1000 2.1750  2367 0.3228 96.00  0.4175 . . 249 . . . . 'X-RAY DIFFRACTION' 
. 2.1750 2.2621  2401 0.2732 100.00 0.3249 . . 282 . . . . 'X-RAY DIFFRACTION' 
. 2.2621 2.3650  2425 0.2587 100.00 0.3170 . . 260 . . . . 'X-RAY DIFFRACTION' 
. 2.3650 2.4897  2456 0.2668 100.00 0.3308 . . 245 . . . . 'X-RAY DIFFRACTION' 
. 2.4897 2.6456  2416 0.2611 100.00 0.3241 . . 284 . . . . 'X-RAY DIFFRACTION' 
. 2.6456 2.8498  2403 0.2528 100.00 0.2857 . . 259 . . . . 'X-RAY DIFFRACTION' 
. 2.8498 3.1364  2464 0.2337 100.00 0.2958 . . 272 . . . . 'X-RAY DIFFRACTION' 
. 3.1364 3.5898  2487 0.2051 100.00 0.2503 . . 235 . . . . 'X-RAY DIFFRACTION' 
. 3.5898 4.5211  2403 0.1788 99.00  0.2042 . . 257 . . . . 'X-RAY DIFFRACTION' 
. 4.5211 34.0610 2446 0.1826 99.00  0.2032 . . 211 . . . . 'X-RAY DIFFRACTION' 
# 
_struct.entry_id                  3RSN 
_struct.title                     'Crystal Structure of the N-terminal region of Human Ash2L' 
_struct.pdbx_model_details        ? 
_struct.pdbx_CASP_flag            ? 
_struct.pdbx_model_type_details   ? 
# 
_struct_keywords.entry_id        3RSN 
_struct_keywords.pdbx_keywords   TRANSCRIPTION 
_struct_keywords.text            'PHD domain, Winged helix domain, histone methyltransferase, DNA binding, TRANSCRIPTION' 
# 
loop_
_struct_asym.id 
_struct_asym.pdbx_blank_PDB_chainid_flag 
_struct_asym.pdbx_modified 
_struct_asym.entity_id 
_struct_asym.details 
A N N 1 ? 
B N N 2 ? 
C N N 3 ? 
# 
_struct_ref.id                         1 
_struct_ref.db_name                    UNP 
_struct_ref.db_code                    ASH2L_HUMAN 
_struct_ref.pdbx_db_accession          Q9UBL3 
_struct_ref.entity_id                  1 
_struct_ref.pdbx_seq_one_letter_code   
;DTQAGSVDEENGRQLGEVELQCGICTKWFTADTFGIDTSSCLPFMTNYSFHCNVCHHSGNTYFLRKQANLKEMCLSALAN
LTWQSRTQDEHPKTMFSKDKDIIPFIDKYWECMTTRQRPGKMTWPNNIVKTMSKERDVFLVKEHPDPGSKDPEEDYPKFG
LLDQDLSNIGPAYDNQ
;
_struct_ref.pdbx_align_begin           96 
_struct_ref.pdbx_db_isoform            ? 
# 
_struct_ref_seq.align_id                      1 
_struct_ref_seq.ref_id                        1 
_struct_ref_seq.pdbx_PDB_id_code              3RSN 
_struct_ref_seq.pdbx_strand_id                A 
_struct_ref_seq.seq_align_beg                 2 
_struct_ref_seq.pdbx_seq_align_beg_ins_code   ? 
_struct_ref_seq.seq_align_end                 177 
_struct_ref_seq.pdbx_seq_align_end_ins_code   ? 
_struct_ref_seq.pdbx_db_accession             Q9UBL3 
_struct_ref_seq.db_align_beg                  96 
_struct_ref_seq.pdbx_db_align_beg_ins_code    ? 
_struct_ref_seq.db_align_end                  271 
_struct_ref_seq.pdbx_db_align_end_ins_code    ? 
_struct_ref_seq.pdbx_auth_seq_align_beg       2 
_struct_ref_seq.pdbx_auth_seq_align_end       177 
# 
_struct_ref_seq_dif.align_id                     1 
_struct_ref_seq_dif.pdbx_pdb_id_code             3RSN 
_struct_ref_seq_dif.mon_id                       SER 
_struct_ref_seq_dif.pdbx_pdb_strand_id           A 
_struct_ref_seq_dif.seq_num                      1 
_struct_ref_seq_dif.pdbx_pdb_ins_code            ? 
_struct_ref_seq_dif.pdbx_seq_db_name             UNP 
_struct_ref_seq_dif.pdbx_seq_db_accession_code   Q9UBL3 
_struct_ref_seq_dif.db_mon_id                    ? 
_struct_ref_seq_dif.pdbx_seq_db_seq_num          ? 
_struct_ref_seq_dif.details                      'expression tag' 
_struct_ref_seq_dif.pdbx_auth_seq_num            1 
_struct_ref_seq_dif.pdbx_ordinal                 1 
# 
_pdbx_struct_assembly.id                   1 
_pdbx_struct_assembly.details              author_and_software_defined_assembly 
_pdbx_struct_assembly.method_details       PISA 
_pdbx_struct_assembly.oligomeric_details   monomeric 
_pdbx_struct_assembly.oligomeric_count     1 
# 
_pdbx_struct_assembly_gen.assembly_id       1 
_pdbx_struct_assembly_gen.oper_expression   1 
_pdbx_struct_assembly_gen.asym_id_list      A,B,C 
# 
_pdbx_struct_oper_list.id                   1 
_pdbx_struct_oper_list.type                 'identity operation' 
_pdbx_struct_oper_list.name                 1_555 
_pdbx_struct_oper_list.symmetry_operation   x,y,z 
_pdbx_struct_oper_list.matrix[1][1]         1.0000000000 
_pdbx_struct_oper_list.matrix[1][2]         0.0000000000 
_pdbx_struct_oper_list.matrix[1][3]         0.0000000000 
_pdbx_struct_oper_list.vector[1]            0.0000000000 
_pdbx_struct_oper_list.matrix[2][1]         0.0000000000 
_pdbx_struct_oper_list.matrix[2][2]         1.0000000000 
_pdbx_struct_oper_list.matrix[2][3]         0.0000000000 
_pdbx_struct_oper_list.vector[2]            0.0000000000 
_pdbx_struct_oper_list.matrix[3][1]         0.0000000000 
_pdbx_struct_oper_list.matrix[3][2]         0.0000000000 
_pdbx_struct_oper_list.matrix[3][3]         1.0000000000 
_pdbx_struct_oper_list.vector[3]            0.0000000000 
# 
_struct_biol.id        1 
_struct_biol.details   ? 
# 
loop_
_struct_conf.conf_type_id 
_struct_conf.id 
_struct_conf.pdbx_PDB_helix_id 
_struct_conf.beg_label_comp_id 
_struct_conf.beg_label_asym_id 
_struct_conf.beg_label_seq_id 
_struct_conf.pdbx_beg_PDB_ins_code 
_struct_conf.end_label_comp_id 
_struct_conf.end_label_asym_id 
_struct_conf.end_label_seq_id 
_struct_conf.pdbx_end_PDB_ins_code 
_struct_conf.beg_auth_comp_id 
_struct_conf.beg_auth_asym_id 
_struct_conf.beg_auth_seq_id 
_struct_conf.end_auth_comp_id 
_struct_conf.end_auth_asym_id 
_struct_conf.end_auth_seq_id 
_struct_conf.pdbx_PDB_helix_class 
_struct_conf.details 
_struct_conf.pdbx_PDB_helix_length 
HELX_P HELX_P1 1 ASP A 33  ? GLY A 36  ? ASP A 33  GLY A 36  5 ? 4  
HELX_P HELX_P2 2 ASN A 70  ? ASP A 90  ? ASN A 70  ASP A 90  1 ? 21 
HELX_P HELX_P3 3 ASP A 102 ? TYR A 110 ? ASP A 102 TYR A 110 1 ? 9  
HELX_P HELX_P4 4 TRP A 111 ? MSE A 114 ? TRP A 111 MSE A 114 5 ? 4  
HELX_P HELX_P5 5 THR A 124 ? ASN A 127 ? THR A 124 ASN A 127 5 ? 4  
HELX_P HELX_P6 6 ASN A 128 ? LYS A 135 ? ASN A 128 LYS A 135 1 ? 8  
HELX_P HELX_P7 7 PRO A 153 ? TYR A 157 ? PRO A 153 TYR A 157 5 ? 5  
HELX_P HELX_P8 8 ASP A 166 ? ILE A 170 ? ASP A 166 ILE A 170 5 ? 5  
# 
_struct_conf_type.id          HELX_P 
_struct_conf_type.criteria    ? 
_struct_conf_type.reference   ? 
# 
loop_
_struct_conn.id 
_struct_conn.conn_type_id 
_struct_conn.pdbx_leaving_atom_flag 
_struct_conn.pdbx_PDB_id 
_struct_conn.ptnr1_label_asym_id 
_struct_conn.ptnr1_label_comp_id 
_struct_conn.ptnr1_label_seq_id 
_struct_conn.ptnr1_label_atom_id 
_struct_conn.pdbx_ptnr1_label_alt_id 
_struct_conn.pdbx_ptnr1_PDB_ins_code 
_struct_conn.pdbx_ptnr1_standard_comp_id 
_struct_conn.ptnr1_symmetry 
_struct_conn.ptnr2_label_asym_id 
_struct_conn.ptnr2_label_comp_id 
_struct_conn.ptnr2_label_seq_id 
_struct_conn.ptnr2_label_atom_id 
_struct_conn.pdbx_ptnr2_label_alt_id 
_struct_conn.pdbx_ptnr2_PDB_ins_code 
_struct_conn.ptnr1_auth_asym_id 
_struct_conn.ptnr1_auth_comp_id 
_struct_conn.ptnr1_auth_seq_id 
_struct_conn.ptnr2_auth_asym_id 
_struct_conn.ptnr2_auth_comp_id 
_struct_conn.ptnr2_auth_seq_id 
_struct_conn.ptnr2_symmetry 
_struct_conn.pdbx_ptnr3_label_atom_id 
_struct_conn.pdbx_ptnr3_label_seq_id 
_struct_conn.pdbx_ptnr3_label_comp_id 
_struct_conn.pdbx_ptnr3_label_asym_id 
_struct_conn.pdbx_ptnr3_label_alt_id 
_struct_conn.pdbx_ptnr3_PDB_ins_code 
_struct_conn.details 
_struct_conn.pdbx_dist_value 
_struct_conn.pdbx_value_order 
_struct_conn.pdbx_role 
covale1  covale both ? A PHE 45  C  ? ? ? 1_555 A MSE 46  N  ? ? A PHE 45  A MSE 46  1_555 ? ? ? ? ? ? ? 1.331 ? ? 
covale2  covale both ? A MSE 46  C  ? ? ? 1_555 A THR 47  N  ? ? A MSE 46  A THR 47  1_555 ? ? ? ? ? ? ? 1.328 ? ? 
covale3  covale both ? A GLU 73  C  ? ? ? 1_555 A MSE 74  N  ? ? A GLU 73  A MSE 74  1_555 ? ? ? ? ? ? ? 1.323 ? ? 
covale4  covale both ? A MSE 74  C  ? ? ? 1_555 A CYS 75  N  ? ? A MSE 74  A CYS 75  1_555 ? ? ? ? ? ? ? 1.337 ? ? 
covale5  covale both ? A THR 95  C  ? ? ? 1_555 A MSE 96  N  ? ? A THR 95  A MSE 96  1_555 ? ? ? ? ? ? ? 1.325 ? ? 
covale6  covale both ? A MSE 96  C  ? ? ? 1_555 A PHE 97  N  ? ? A MSE 96  A PHE 97  1_555 ? ? ? ? ? ? ? 1.329 ? ? 
covale7  covale both ? A CYS 113 C  ? ? ? 1_555 A MSE 114 N  ? ? A CYS 113 A MSE 114 1_555 ? ? ? ? ? ? ? 1.325 ? ? 
covale8  covale both ? A MSE 114 C  ? ? ? 1_555 A THR 115 N  ? ? A MSE 114 A THR 115 1_555 ? ? ? ? ? ? ? 1.329 ? ? 
covale9  covale both ? A LYS 122 C  ? ? ? 1_555 A MSE 123 N  ? ? A LYS 122 A MSE 123 1_555 ? ? ? ? ? ? ? 1.329 ? ? 
covale10 covale both ? A MSE 123 C  ? ? ? 1_555 A THR 124 N  ? ? A MSE 123 A THR 124 1_555 ? ? ? ? ? ? ? 1.323 ? ? 
covale11 covale both ? A THR 132 C  ? ? ? 1_555 A MSE 133 N  ? ? A THR 132 A MSE 133 1_555 ? ? ? ? ? ? ? 1.320 ? ? 
covale12 covale both ? A MSE 133 C  ? ? ? 1_555 A SER 134 N  ? ? A MSE 133 A SER 134 1_555 ? ? ? ? ? ? ? 1.327 ? ? 
metalc1  metalc ?    ? A CYS 23  SG ? ? ? 1_555 B ZN  .   ZN ? ? A CYS 23  A ZN  200 1_555 ? ? ? ? ? ? ? 2.516 ? ? 
metalc2  metalc ?    ? A CYS 26  SG ? ? ? 1_555 B ZN  .   ZN ? ? A CYS 26  A ZN  200 1_555 ? ? ? ? ? ? ? 2.410 ? ? 
metalc3  metalc ?    ? A CYS 53  SG ? ? ? 1_555 B ZN  .   ZN ? ? A CYS 53  A ZN  200 1_555 ? ? ? ? ? ? ? 2.484 ? ? 
metalc4  metalc ?    ? A CYS 56  SG ? ? ? 1_555 B ZN  .   ZN ? ? A CYS 56  A ZN  200 1_555 ? ? ? ? ? ? ? 2.264 ? ? 
# 
loop_
_struct_conn_type.id 
_struct_conn_type.criteria 
_struct_conn_type.reference 
covale ? ? 
metalc ? ? 
# 
loop_
_pdbx_struct_conn_angle.id 
_pdbx_struct_conn_angle.ptnr1_label_atom_id 
_pdbx_struct_conn_angle.ptnr1_label_alt_id 
_pdbx_struct_conn_angle.ptnr1_label_asym_id 
_pdbx_struct_conn_angle.ptnr1_label_comp_id 
_pdbx_struct_conn_angle.ptnr1_label_seq_id 
_pdbx_struct_conn_angle.ptnr1_auth_atom_id 
_pdbx_struct_conn_angle.ptnr1_auth_asym_id 
_pdbx_struct_conn_angle.ptnr1_auth_comp_id 
_pdbx_struct_conn_angle.ptnr1_auth_seq_id 
_pdbx_struct_conn_angle.ptnr1_PDB_ins_code 
_pdbx_struct_conn_angle.ptnr1_symmetry 
_pdbx_struct_conn_angle.ptnr2_label_atom_id 
_pdbx_struct_conn_angle.ptnr2_label_alt_id 
_pdbx_struct_conn_angle.ptnr2_label_asym_id 
_pdbx_struct_conn_angle.ptnr2_label_comp_id 
_pdbx_struct_conn_angle.ptnr2_label_seq_id 
_pdbx_struct_conn_angle.ptnr2_auth_atom_id 
_pdbx_struct_conn_angle.ptnr2_auth_asym_id 
_pdbx_struct_conn_angle.ptnr2_auth_comp_id 
_pdbx_struct_conn_angle.ptnr2_auth_seq_id 
_pdbx_struct_conn_angle.ptnr2_PDB_ins_code 
_pdbx_struct_conn_angle.ptnr2_symmetry 
_pdbx_struct_conn_angle.ptnr3_label_atom_id 
_pdbx_struct_conn_angle.ptnr3_label_alt_id 
_pdbx_struct_conn_angle.ptnr3_label_asym_id 
_pdbx_struct_conn_angle.ptnr3_label_comp_id 
_pdbx_struct_conn_angle.ptnr3_label_seq_id 
_pdbx_struct_conn_angle.ptnr3_auth_atom_id 
_pdbx_struct_conn_angle.ptnr3_auth_asym_id 
_pdbx_struct_conn_angle.ptnr3_auth_comp_id 
_pdbx_struct_conn_angle.ptnr3_auth_seq_id 
_pdbx_struct_conn_angle.ptnr3_PDB_ins_code 
_pdbx_struct_conn_angle.ptnr3_symmetry 
_pdbx_struct_conn_angle.value 
_pdbx_struct_conn_angle.value_esd 
1 SG ? A CYS 23 ? A CYS 23 ? 1_555 ZN ? B ZN . ? A ZN 200 ? 1_555 SG ? A CYS 26 ? A CYS 26 ? 1_555 105.8 ? 
2 SG ? A CYS 23 ? A CYS 23 ? 1_555 ZN ? B ZN . ? A ZN 200 ? 1_555 SG ? A CYS 53 ? A CYS 53 ? 1_555 112.4 ? 
3 SG ? A CYS 26 ? A CYS 26 ? 1_555 ZN ? B ZN . ? A ZN 200 ? 1_555 SG ? A CYS 53 ? A CYS 53 ? 1_555 118.9 ? 
4 SG ? A CYS 23 ? A CYS 23 ? 1_555 ZN ? B ZN . ? A ZN 200 ? 1_555 SG ? A CYS 56 ? A CYS 56 ? 1_555 114.0 ? 
5 SG ? A CYS 26 ? A CYS 26 ? 1_555 ZN ? B ZN . ? A ZN 200 ? 1_555 SG ? A CYS 56 ? A CYS 56 ? 1_555 104.9 ? 
6 SG ? A CYS 53 ? A CYS 53 ? 1_555 ZN ? B ZN . ? A ZN 200 ? 1_555 SG ? A CYS 56 ? A CYS 56 ? 1_555 100.9 ? 
# 
loop_
_pdbx_modification_feature.ordinal 
_pdbx_modification_feature.label_comp_id 
_pdbx_modification_feature.label_asym_id 
_pdbx_modification_feature.label_seq_id 
_pdbx_modification_feature.label_alt_id 
_pdbx_modification_feature.modified_residue_label_comp_id 
_pdbx_modification_feature.modified_residue_label_asym_id 
_pdbx_modification_feature.modified_residue_label_seq_id 
_pdbx_modification_feature.modified_residue_label_alt_id 
_pdbx_modification_feature.auth_comp_id 
_pdbx_modification_feature.auth_asym_id 
_pdbx_modification_feature.auth_seq_id 
_pdbx_modification_feature.PDB_ins_code 
_pdbx_modification_feature.symmetry 
_pdbx_modification_feature.modified_residue_auth_comp_id 
_pdbx_modification_feature.modified_residue_auth_asym_id 
_pdbx_modification_feature.modified_residue_auth_seq_id 
_pdbx_modification_feature.modified_residue_PDB_ins_code 
_pdbx_modification_feature.modified_residue_symmetry 
_pdbx_modification_feature.comp_id_linking_atom 
_pdbx_modification_feature.modified_residue_id_linking_atom 
_pdbx_modification_feature.modified_residue_id 
_pdbx_modification_feature.ref_pcm_id 
_pdbx_modification_feature.ref_comp_id 
_pdbx_modification_feature.type 
_pdbx_modification_feature.category 
1 MSE A 46  ? . . . . MSE A 46  ? 1_555 . . . . . . . MET 1 MSE Selenomethionine 'Named protein modification' 
2 MSE A 74  ? . . . . MSE A 74  ? 1_555 . . . . . . . MET 1 MSE Selenomethionine 'Named protein modification' 
3 MSE A 96  ? . . . . MSE A 96  ? 1_555 . . . . . . . MET 1 MSE Selenomethionine 'Named protein modification' 
4 MSE A 114 ? . . . . MSE A 114 ? 1_555 . . . . . . . MET 1 MSE Selenomethionine 'Named protein modification' 
5 MSE A 123 ? . . . . MSE A 123 ? 1_555 . . . . . . . MET 1 MSE Selenomethionine 'Named protein modification' 
6 MSE A 133 ? . . . . MSE A 133 ? 1_555 . . . . . . . MET 1 MSE Selenomethionine 'Named protein modification' 
# 
_struct_mon_prot_cis.pdbx_id                1 
_struct_mon_prot_cis.label_comp_id          TYR 
_struct_mon_prot_cis.label_seq_id           157 
_struct_mon_prot_cis.label_asym_id          A 
_struct_mon_prot_cis.label_alt_id           . 
_struct_mon_prot_cis.pdbx_PDB_ins_code      ? 
_struct_mon_prot_cis.auth_comp_id           TYR 
_struct_mon_prot_cis.auth_seq_id            157 
_struct_mon_prot_cis.auth_asym_id           A 
_struct_mon_prot_cis.pdbx_label_comp_id_2   PRO 
_struct_mon_prot_cis.pdbx_label_seq_id_2    158 
_struct_mon_prot_cis.pdbx_label_asym_id_2   A 
_struct_mon_prot_cis.pdbx_PDB_ins_code_2    ? 
_struct_mon_prot_cis.pdbx_auth_comp_id_2    PRO 
_struct_mon_prot_cis.pdbx_auth_seq_id_2     158 
_struct_mon_prot_cis.pdbx_auth_asym_id_2    A 
_struct_mon_prot_cis.pdbx_PDB_model_num     1 
_struct_mon_prot_cis.pdbx_omega_angle       5.76 
# 
loop_
_struct_sheet.id 
_struct_sheet.type 
_struct_sheet.number_strands 
_struct_sheet.details 
A ? 2 ? 
B ? 2 ? 
C ? 3 ? 
# 
loop_
_struct_sheet_order.sheet_id 
_struct_sheet_order.range_id_1 
_struct_sheet_order.range_id_2 
_struct_sheet_order.offset 
_struct_sheet_order.sense 
A 1 2 ? anti-parallel 
B 1 2 ? anti-parallel 
C 1 2 ? anti-parallel 
C 2 3 ? anti-parallel 
# 
loop_
_struct_sheet_range.sheet_id 
_struct_sheet_range.id 
_struct_sheet_range.beg_label_comp_id 
_struct_sheet_range.beg_label_asym_id 
_struct_sheet_range.beg_label_seq_id 
_struct_sheet_range.pdbx_beg_PDB_ins_code 
_struct_sheet_range.end_label_comp_id 
_struct_sheet_range.end_label_asym_id 
_struct_sheet_range.end_label_seq_id 
_struct_sheet_range.pdbx_end_PDB_ins_code 
_struct_sheet_range.beg_auth_comp_id 
_struct_sheet_range.beg_auth_asym_id 
_struct_sheet_range.beg_auth_seq_id 
_struct_sheet_range.end_auth_comp_id 
_struct_sheet_range.end_auth_asym_id 
_struct_sheet_range.end_auth_seq_id 
A 1 GLU A 20  ? GLN A 22  ? GLU A 20  GLN A 22  
A 2 TRP A 29  ? THR A 31  ? TRP A 29  THR A 31  
B 1 TYR A 49  ? HIS A 52  ? TYR A 49  HIS A 52  
B 2 TYR A 63  ? ARG A 66  ? TYR A 63  ARG A 66  
C 1 PHE A 97  ? SER A 98  ? PHE A 97  SER A 98  
C 2 LYS A 159 ? LEU A 162 ? LYS A 159 LEU A 162 
C 3 PHE A 140 ? LYS A 143 ? PHE A 140 LYS A 143 
# 
loop_
_pdbx_struct_sheet_hbond.sheet_id 
_pdbx_struct_sheet_hbond.range_id_1 
_pdbx_struct_sheet_hbond.range_id_2 
_pdbx_struct_sheet_hbond.range_1_label_atom_id 
_pdbx_struct_sheet_hbond.range_1_label_comp_id 
_pdbx_struct_sheet_hbond.range_1_label_asym_id 
_pdbx_struct_sheet_hbond.range_1_label_seq_id 
_pdbx_struct_sheet_hbond.range_1_PDB_ins_code 
_pdbx_struct_sheet_hbond.range_1_auth_atom_id 
_pdbx_struct_sheet_hbond.range_1_auth_comp_id 
_pdbx_struct_sheet_hbond.range_1_auth_asym_id 
_pdbx_struct_sheet_hbond.range_1_auth_seq_id 
_pdbx_struct_sheet_hbond.range_2_label_atom_id 
_pdbx_struct_sheet_hbond.range_2_label_comp_id 
_pdbx_struct_sheet_hbond.range_2_label_asym_id 
_pdbx_struct_sheet_hbond.range_2_label_seq_id 
_pdbx_struct_sheet_hbond.range_2_PDB_ins_code 
_pdbx_struct_sheet_hbond.range_2_auth_atom_id 
_pdbx_struct_sheet_hbond.range_2_auth_comp_id 
_pdbx_struct_sheet_hbond.range_2_auth_asym_id 
_pdbx_struct_sheet_hbond.range_2_auth_seq_id 
A 1 2 N LEU A 21  ? N LEU A 21  O PHE A 30  ? O PHE A 30  
B 1 2 N SER A 50  ? N SER A 50  O LEU A 65  ? O LEU A 65  
C 1 2 N PHE A 97  ? N PHE A 97  O PHE A 160 ? O PHE A 160 
C 2 3 O GLY A 161 ? O GLY A 161 N LEU A 141 ? N LEU A 141 
# 
_struct_site.id                   AC1 
_struct_site.pdbx_evidence_code   Software 
_struct_site.pdbx_auth_asym_id    A 
_struct_site.pdbx_auth_comp_id    ZN 
_struct_site.pdbx_auth_seq_id     200 
_struct_site.pdbx_auth_ins_code   ? 
_struct_site.pdbx_num_residues    4 
_struct_site.details              'BINDING SITE FOR RESIDUE ZN A 200' 
# 
loop_
_struct_site_gen.id 
_struct_site_gen.site_id 
_struct_site_gen.pdbx_num_res 
_struct_site_gen.label_comp_id 
_struct_site_gen.label_asym_id 
_struct_site_gen.label_seq_id 
_struct_site_gen.pdbx_auth_ins_code 
_struct_site_gen.auth_comp_id 
_struct_site_gen.auth_asym_id 
_struct_site_gen.auth_seq_id 
_struct_site_gen.label_atom_id 
_struct_site_gen.label_alt_id 
_struct_site_gen.symmetry 
_struct_site_gen.details 
1 AC1 4 CYS A 23 ? CYS A 23 . ? 1_555 ? 
2 AC1 4 CYS A 26 ? CYS A 26 . ? 1_555 ? 
3 AC1 4 CYS A 53 ? CYS A 53 . ? 1_555 ? 
4 AC1 4 CYS A 56 ? CYS A 56 . ? 1_555 ? 
# 
_pdbx_entry_details.entry_id                   3RSN 
_pdbx_entry_details.compound_details           ? 
_pdbx_entry_details.source_details             ? 
_pdbx_entry_details.nonpolymer_details         ? 
_pdbx_entry_details.sequence_details           ? 
_pdbx_entry_details.has_ligand_of_interest     ? 
_pdbx_entry_details.has_protein_modification   Y 
# 
loop_
_pdbx_validate_torsion.id 
_pdbx_validate_torsion.PDB_model_num 
_pdbx_validate_torsion.auth_comp_id 
_pdbx_validate_torsion.auth_asym_id 
_pdbx_validate_torsion.auth_seq_id 
_pdbx_validate_torsion.PDB_ins_code 
_pdbx_validate_torsion.label_alt_id 
_pdbx_validate_torsion.phi 
_pdbx_validate_torsion.psi 
1 1 ASN A 12 ? ? 58.87   4.55  
2 1 GLN A 15 ? ? -116.90 72.24 
3 1 PHE A 45 ? ? 73.36   31.93 
# 
loop_
_pdbx_struct_mod_residue.id 
_pdbx_struct_mod_residue.label_asym_id 
_pdbx_struct_mod_residue.label_comp_id 
_pdbx_struct_mod_residue.label_seq_id 
_pdbx_struct_mod_residue.auth_asym_id 
_pdbx_struct_mod_residue.auth_comp_id 
_pdbx_struct_mod_residue.auth_seq_id 
_pdbx_struct_mod_residue.PDB_ins_code 
_pdbx_struct_mod_residue.parent_comp_id 
_pdbx_struct_mod_residue.details 
1 A MSE 46  A MSE 46  ? MET SELENOMETHIONINE 
2 A MSE 74  A MSE 74  ? MET SELENOMETHIONINE 
3 A MSE 96  A MSE 96  ? MET SELENOMETHIONINE 
4 A MSE 114 A MSE 114 ? MET SELENOMETHIONINE 
5 A MSE 123 A MSE 123 ? MET SELENOMETHIONINE 
6 A MSE 133 A MSE 133 ? MET SELENOMETHIONINE 
# 
loop_
_pdbx_unobs_or_zero_occ_residues.id 
_pdbx_unobs_or_zero_occ_residues.PDB_model_num 
_pdbx_unobs_or_zero_occ_residues.polymer_flag 
_pdbx_unobs_or_zero_occ_residues.occupancy_flag 
_pdbx_unobs_or_zero_occ_residues.auth_asym_id 
_pdbx_unobs_or_zero_occ_residues.auth_comp_id 
_pdbx_unobs_or_zero_occ_residues.auth_seq_id 
_pdbx_unobs_or_zero_occ_residues.PDB_ins_code 
_pdbx_unobs_or_zero_occ_residues.label_asym_id 
_pdbx_unobs_or_zero_occ_residues.label_comp_id 
_pdbx_unobs_or_zero_occ_residues.label_seq_id 
1  1 Y 1 A SER 1   ? A SER 1   
2  1 Y 1 A ASP 2   ? A ASP 2   
3  1 Y 1 A THR 3   ? A THR 3   
4  1 Y 1 A GLN 4   ? A GLN 4   
5  1 Y 1 A ALA 5   ? A ALA 5   
6  1 Y 1 A GLY 6   ? A GLY 6   
7  1 Y 1 A SER 7   ? A SER 7   
8  1 Y 1 A VAL 8   ? A VAL 8   
9  1 Y 1 A ASP 9   ? A ASP 9   
10 1 Y 1 A GLU 10  ? A GLU 10  
11 1 Y 1 A ASN 176 ? A ASN 176 
12 1 Y 1 A GLN 177 ? A GLN 177 
# 
loop_
_chem_comp_atom.comp_id 
_chem_comp_atom.atom_id 
_chem_comp_atom.type_symbol 
_chem_comp_atom.pdbx_aromatic_flag 
_chem_comp_atom.pdbx_stereo_config 
_chem_comp_atom.pdbx_ordinal 
ALA N    N  N N 1   
ALA CA   C  N S 2   
ALA C    C  N N 3   
ALA O    O  N N 4   
ALA CB   C  N N 5   
ALA OXT  O  N N 6   
ALA H    H  N N 7   
ALA H2   H  N N 8   
ALA HA   H  N N 9   
ALA HB1  H  N N 10  
ALA HB2  H  N N 11  
ALA HB3  H  N N 12  
ALA HXT  H  N N 13  
ARG N    N  N N 14  
ARG CA   C  N S 15  
ARG C    C  N N 16  
ARG O    O  N N 17  
ARG CB   C  N N 18  
ARG CG   C  N N 19  
ARG CD   C  N N 20  
ARG NE   N  N N 21  
ARG CZ   C  N N 22  
ARG NH1  N  N N 23  
ARG NH2  N  N N 24  
ARG OXT  O  N N 25  
ARG H    H  N N 26  
ARG H2   H  N N 27  
ARG HA   H  N N 28  
ARG HB2  H  N N 29  
ARG HB3  H  N N 30  
ARG HG2  H  N N 31  
ARG HG3  H  N N 32  
ARG HD2  H  N N 33  
ARG HD3  H  N N 34  
ARG HE   H  N N 35  
ARG HH11 H  N N 36  
ARG HH12 H  N N 37  
ARG HH21 H  N N 38  
ARG HH22 H  N N 39  
ARG HXT  H  N N 40  
ASN N    N  N N 41  
ASN CA   C  N S 42  
ASN C    C  N N 43  
ASN O    O  N N 44  
ASN CB   C  N N 45  
ASN CG   C  N N 46  
ASN OD1  O  N N 47  
ASN ND2  N  N N 48  
ASN OXT  O  N N 49  
ASN H    H  N N 50  
ASN H2   H  N N 51  
ASN HA   H  N N 52  
ASN HB2  H  N N 53  
ASN HB3  H  N N 54  
ASN HD21 H  N N 55  
ASN HD22 H  N N 56  
ASN HXT  H  N N 57  
ASP N    N  N N 58  
ASP CA   C  N S 59  
ASP C    C  N N 60  
ASP O    O  N N 61  
ASP CB   C  N N 62  
ASP CG   C  N N 63  
ASP OD1  O  N N 64  
ASP OD2  O  N N 65  
ASP OXT  O  N N 66  
ASP H    H  N N 67  
ASP H2   H  N N 68  
ASP HA   H  N N 69  
ASP HB2  H  N N 70  
ASP HB3  H  N N 71  
ASP HD2  H  N N 72  
ASP HXT  H  N N 73  
CYS N    N  N N 74  
CYS CA   C  N R 75  
CYS C    C  N N 76  
CYS O    O  N N 77  
CYS CB   C  N N 78  
CYS SG   S  N N 79  
CYS OXT  O  N N 80  
CYS H    H  N N 81  
CYS H2   H  N N 82  
CYS HA   H  N N 83  
CYS HB2  H  N N 84  
CYS HB3  H  N N 85  
CYS HG   H  N N 86  
CYS HXT  H  N N 87  
GLN N    N  N N 88  
GLN CA   C  N S 89  
GLN C    C  N N 90  
GLN O    O  N N 91  
GLN CB   C  N N 92  
GLN CG   C  N N 93  
GLN CD   C  N N 94  
GLN OE1  O  N N 95  
GLN NE2  N  N N 96  
GLN OXT  O  N N 97  
GLN H    H  N N 98  
GLN H2   H  N N 99  
GLN HA   H  N N 100 
GLN HB2  H  N N 101 
GLN HB3  H  N N 102 
GLN HG2  H  N N 103 
GLN HG3  H  N N 104 
GLN HE21 H  N N 105 
GLN HE22 H  N N 106 
GLN HXT  H  N N 107 
GLU N    N  N N 108 
GLU CA   C  N S 109 
GLU C    C  N N 110 
GLU O    O  N N 111 
GLU CB   C  N N 112 
GLU CG   C  N N 113 
GLU CD   C  N N 114 
GLU OE1  O  N N 115 
GLU OE2  O  N N 116 
GLU OXT  O  N N 117 
GLU H    H  N N 118 
GLU H2   H  N N 119 
GLU HA   H  N N 120 
GLU HB2  H  N N 121 
GLU HB3  H  N N 122 
GLU HG2  H  N N 123 
GLU HG3  H  N N 124 
GLU HE2  H  N N 125 
GLU HXT  H  N N 126 
GLY N    N  N N 127 
GLY CA   C  N N 128 
GLY C    C  N N 129 
GLY O    O  N N 130 
GLY OXT  O  N N 131 
GLY H    H  N N 132 
GLY H2   H  N N 133 
GLY HA2  H  N N 134 
GLY HA3  H  N N 135 
GLY HXT  H  N N 136 
HIS N    N  N N 137 
HIS CA   C  N S 138 
HIS C    C  N N 139 
HIS O    O  N N 140 
HIS CB   C  N N 141 
HIS CG   C  Y N 142 
HIS ND1  N  Y N 143 
HIS CD2  C  Y N 144 
HIS CE1  C  Y N 145 
HIS NE2  N  Y N 146 
HIS OXT  O  N N 147 
HIS H    H  N N 148 
HIS H2   H  N N 149 
HIS HA   H  N N 150 
HIS HB2  H  N N 151 
HIS HB3  H  N N 152 
HIS HD1  H  N N 153 
HIS HD2  H  N N 154 
HIS HE1  H  N N 155 
HIS HE2  H  N N 156 
HIS HXT  H  N N 157 
HOH O    O  N N 158 
HOH H1   H  N N 159 
HOH H2   H  N N 160 
ILE N    N  N N 161 
ILE CA   C  N S 162 
ILE C    C  N N 163 
ILE O    O  N N 164 
ILE CB   C  N S 165 
ILE CG1  C  N N 166 
ILE CG2  C  N N 167 
ILE CD1  C  N N 168 
ILE OXT  O  N N 169 
ILE H    H  N N 170 
ILE H2   H  N N 171 
ILE HA   H  N N 172 
ILE HB   H  N N 173 
ILE HG12 H  N N 174 
ILE HG13 H  N N 175 
ILE HG21 H  N N 176 
ILE HG22 H  N N 177 
ILE HG23 H  N N 178 
ILE HD11 H  N N 179 
ILE HD12 H  N N 180 
ILE HD13 H  N N 181 
ILE HXT  H  N N 182 
LEU N    N  N N 183 
LEU CA   C  N S 184 
LEU C    C  N N 185 
LEU O    O  N N 186 
LEU CB   C  N N 187 
LEU CG   C  N N 188 
LEU CD1  C  N N 189 
LEU CD2  C  N N 190 
LEU OXT  O  N N 191 
LEU H    H  N N 192 
LEU H2   H  N N 193 
LEU HA   H  N N 194 
LEU HB2  H  N N 195 
LEU HB3  H  N N 196 
LEU HG   H  N N 197 
LEU HD11 H  N N 198 
LEU HD12 H  N N 199 
LEU HD13 H  N N 200 
LEU HD21 H  N N 201 
LEU HD22 H  N N 202 
LEU HD23 H  N N 203 
LEU HXT  H  N N 204 
LYS N    N  N N 205 
LYS CA   C  N S 206 
LYS C    C  N N 207 
LYS O    O  N N 208 
LYS CB   C  N N 209 
LYS CG   C  N N 210 
LYS CD   C  N N 211 
LYS CE   C  N N 212 
LYS NZ   N  N N 213 
LYS OXT  O  N N 214 
LYS H    H  N N 215 
LYS H2   H  N N 216 
LYS HA   H  N N 217 
LYS HB2  H  N N 218 
LYS HB3  H  N N 219 
LYS HG2  H  N N 220 
LYS HG3  H  N N 221 
LYS HD2  H  N N 222 
LYS HD3  H  N N 223 
LYS HE2  H  N N 224 
LYS HE3  H  N N 225 
LYS HZ1  H  N N 226 
LYS HZ2  H  N N 227 
LYS HZ3  H  N N 228 
LYS HXT  H  N N 229 
MSE N    N  N N 230 
MSE CA   C  N S 231 
MSE C    C  N N 232 
MSE O    O  N N 233 
MSE OXT  O  N N 234 
MSE CB   C  N N 235 
MSE CG   C  N N 236 
MSE SE   SE N N 237 
MSE CE   C  N N 238 
MSE H    H  N N 239 
MSE H2   H  N N 240 
MSE HA   H  N N 241 
MSE HXT  H  N N 242 
MSE HB2  H  N N 243 
MSE HB3  H  N N 244 
MSE HG2  H  N N 245 
MSE HG3  H  N N 246 
MSE HE1  H  N N 247 
MSE HE2  H  N N 248 
MSE HE3  H  N N 249 
PHE N    N  N N 250 
PHE CA   C  N S 251 
PHE C    C  N N 252 
PHE O    O  N N 253 
PHE CB   C  N N 254 
PHE CG   C  Y N 255 
PHE CD1  C  Y N 256 
PHE CD2  C  Y N 257 
PHE CE1  C  Y N 258 
PHE CE2  C  Y N 259 
PHE CZ   C  Y N 260 
PHE OXT  O  N N 261 
PHE H    H  N N 262 
PHE H2   H  N N 263 
PHE HA   H  N N 264 
PHE HB2  H  N N 265 
PHE HB3  H  N N 266 
PHE HD1  H  N N 267 
PHE HD2  H  N N 268 
PHE HE1  H  N N 269 
PHE HE2  H  N N 270 
PHE HZ   H  N N 271 
PHE HXT  H  N N 272 
PRO N    N  N N 273 
PRO CA   C  N S 274 
PRO C    C  N N 275 
PRO O    O  N N 276 
PRO CB   C  N N 277 
PRO CG   C  N N 278 
PRO CD   C  N N 279 
PRO OXT  O  N N 280 
PRO H    H  N N 281 
PRO HA   H  N N 282 
PRO HB2  H  N N 283 
PRO HB3  H  N N 284 
PRO HG2  H  N N 285 
PRO HG3  H  N N 286 
PRO HD2  H  N N 287 
PRO HD3  H  N N 288 
PRO HXT  H  N N 289 
SER N    N  N N 290 
SER CA   C  N S 291 
SER C    C  N N 292 
SER O    O  N N 293 
SER CB   C  N N 294 
SER OG   O  N N 295 
SER OXT  O  N N 296 
SER H    H  N N 297 
SER H2   H  N N 298 
SER HA   H  N N 299 
SER HB2  H  N N 300 
SER HB3  H  N N 301 
SER HG   H  N N 302 
SER HXT  H  N N 303 
THR N    N  N N 304 
THR CA   C  N S 305 
THR C    C  N N 306 
THR O    O  N N 307 
THR CB   C  N R 308 
THR OG1  O  N N 309 
THR CG2  C  N N 310 
THR OXT  O  N N 311 
THR H    H  N N 312 
THR H2   H  N N 313 
THR HA   H  N N 314 
THR HB   H  N N 315 
THR HG1  H  N N 316 
THR HG21 H  N N 317 
THR HG22 H  N N 318 
THR HG23 H  N N 319 
THR HXT  H  N N 320 
TRP N    N  N N 321 
TRP CA   C  N S 322 
TRP C    C  N N 323 
TRP O    O  N N 324 
TRP CB   C  N N 325 
TRP CG   C  Y N 326 
TRP CD1  C  Y N 327 
TRP CD2  C  Y N 328 
TRP NE1  N  Y N 329 
TRP CE2  C  Y N 330 
TRP CE3  C  Y N 331 
TRP CZ2  C  Y N 332 
TRP CZ3  C  Y N 333 
TRP CH2  C  Y N 334 
TRP OXT  O  N N 335 
TRP H    H  N N 336 
TRP H2   H  N N 337 
TRP HA   H  N N 338 
TRP HB2  H  N N 339 
TRP HB3  H  N N 340 
TRP HD1  H  N N 341 
TRP HE1  H  N N 342 
TRP HE3  H  N N 343 
TRP HZ2  H  N N 344 
TRP HZ3  H  N N 345 
TRP HH2  H  N N 346 
TRP HXT  H  N N 347 
TYR N    N  N N 348 
TYR CA   C  N S 349 
TYR C    C  N N 350 
TYR O    O  N N 351 
TYR CB   C  N N 352 
TYR CG   C  Y N 353 
TYR CD1  C  Y N 354 
TYR CD2  C  Y N 355 
TYR CE1  C  Y N 356 
TYR CE2  C  Y N 357 
TYR CZ   C  Y N 358 
TYR OH   O  N N 359 
TYR OXT  O  N N 360 
TYR H    H  N N 361 
TYR H2   H  N N 362 
TYR HA   H  N N 363 
TYR HB2  H  N N 364 
TYR HB3  H  N N 365 
TYR HD1  H  N N 366 
TYR HD2  H  N N 367 
TYR HE1  H  N N 368 
TYR HE2  H  N N 369 
TYR HH   H  N N 370 
TYR HXT  H  N N 371 
VAL N    N  N N 372 
VAL CA   C  N S 373 
VAL C    C  N N 374 
VAL O    O  N N 375 
VAL CB   C  N N 376 
VAL CG1  C  N N 377 
VAL CG2  C  N N 378 
VAL OXT  O  N N 379 
VAL H    H  N N 380 
VAL H2   H  N N 381 
VAL HA   H  N N 382 
VAL HB   H  N N 383 
VAL HG11 H  N N 384 
VAL HG12 H  N N 385 
VAL HG13 H  N N 386 
VAL HG21 H  N N 387 
VAL HG22 H  N N 388 
VAL HG23 H  N N 389 
VAL HXT  H  N N 390 
ZN  ZN   ZN N N 391 
# 
loop_
_chem_comp_bond.comp_id 
_chem_comp_bond.atom_id_1 
_chem_comp_bond.atom_id_2 
_chem_comp_bond.value_order 
_chem_comp_bond.pdbx_aromatic_flag 
_chem_comp_bond.pdbx_stereo_config 
_chem_comp_bond.pdbx_ordinal 
ALA N   CA   sing N N 1   
ALA N   H    sing N N 2   
ALA N   H2   sing N N 3   
ALA CA  C    sing N N 4   
ALA CA  CB   sing N N 5   
ALA CA  HA   sing N N 6   
ALA C   O    doub N N 7   
ALA C   OXT  sing N N 8   
ALA CB  HB1  sing N N 9   
ALA CB  HB2  sing N N 10  
ALA CB  HB3  sing N N 11  
ALA OXT HXT  sing N N 12  
ARG N   CA   sing N N 13  
ARG N   H    sing N N 14  
ARG N   H2   sing N N 15  
ARG CA  C    sing N N 16  
ARG CA  CB   sing N N 17  
ARG CA  HA   sing N N 18  
ARG C   O    doub N N 19  
ARG C   OXT  sing N N 20  
ARG CB  CG   sing N N 21  
ARG CB  HB2  sing N N 22  
ARG CB  HB3  sing N N 23  
ARG CG  CD   sing N N 24  
ARG CG  HG2  sing N N 25  
ARG CG  HG3  sing N N 26  
ARG CD  NE   sing N N 27  
ARG CD  HD2  sing N N 28  
ARG CD  HD3  sing N N 29  
ARG NE  CZ   sing N N 30  
ARG NE  HE   sing N N 31  
ARG CZ  NH1  sing N N 32  
ARG CZ  NH2  doub N N 33  
ARG NH1 HH11 sing N N 34  
ARG NH1 HH12 sing N N 35  
ARG NH2 HH21 sing N N 36  
ARG NH2 HH22 sing N N 37  
ARG OXT HXT  sing N N 38  
ASN N   CA   sing N N 39  
ASN N   H    sing N N 40  
ASN N   H2   sing N N 41  
ASN CA  C    sing N N 42  
ASN CA  CB   sing N N 43  
ASN CA  HA   sing N N 44  
ASN C   O    doub N N 45  
ASN C   OXT  sing N N 46  
ASN CB  CG   sing N N 47  
ASN CB  HB2  sing N N 48  
ASN CB  HB3  sing N N 49  
ASN CG  OD1  doub N N 50  
ASN CG  ND2  sing N N 51  
ASN ND2 HD21 sing N N 52  
ASN ND2 HD22 sing N N 53  
ASN OXT HXT  sing N N 54  
ASP N   CA   sing N N 55  
ASP N   H    sing N N 56  
ASP N   H2   sing N N 57  
ASP CA  C    sing N N 58  
ASP CA  CB   sing N N 59  
ASP CA  HA   sing N N 60  
ASP C   O    doub N N 61  
ASP C   OXT  sing N N 62  
ASP CB  CG   sing N N 63  
ASP CB  HB2  sing N N 64  
ASP CB  HB3  sing N N 65  
ASP CG  OD1  doub N N 66  
ASP CG  OD2  sing N N 67  
ASP OD2 HD2  sing N N 68  
ASP OXT HXT  sing N N 69  
CYS N   CA   sing N N 70  
CYS N   H    sing N N 71  
CYS N   H2   sing N N 72  
CYS CA  C    sing N N 73  
CYS CA  CB   sing N N 74  
CYS CA  HA   sing N N 75  
CYS C   O    doub N N 76  
CYS C   OXT  sing N N 77  
CYS CB  SG   sing N N 78  
CYS CB  HB2  sing N N 79  
CYS CB  HB3  sing N N 80  
CYS SG  HG   sing N N 81  
CYS OXT HXT  sing N N 82  
GLN N   CA   sing N N 83  
GLN N   H    sing N N 84  
GLN N   H2   sing N N 85  
GLN CA  C    sing N N 86  
GLN CA  CB   sing N N 87  
GLN CA  HA   sing N N 88  
GLN C   O    doub N N 89  
GLN C   OXT  sing N N 90  
GLN CB  CG   sing N N 91  
GLN CB  HB2  sing N N 92  
GLN CB  HB3  sing N N 93  
GLN CG  CD   sing N N 94  
GLN CG  HG2  sing N N 95  
GLN CG  HG3  sing N N 96  
GLN CD  OE1  doub N N 97  
GLN CD  NE2  sing N N 98  
GLN NE2 HE21 sing N N 99  
GLN NE2 HE22 sing N N 100 
GLN OXT HXT  sing N N 101 
GLU N   CA   sing N N 102 
GLU N   H    sing N N 103 
GLU N   H2   sing N N 104 
GLU CA  C    sing N N 105 
GLU CA  CB   sing N N 106 
GLU CA  HA   sing N N 107 
GLU C   O    doub N N 108 
GLU C   OXT  sing N N 109 
GLU CB  CG   sing N N 110 
GLU CB  HB2  sing N N 111 
GLU CB  HB3  sing N N 112 
GLU CG  CD   sing N N 113 
GLU CG  HG2  sing N N 114 
GLU CG  HG3  sing N N 115 
GLU CD  OE1  doub N N 116 
GLU CD  OE2  sing N N 117 
GLU OE2 HE2  sing N N 118 
GLU OXT HXT  sing N N 119 
GLY N   CA   sing N N 120 
GLY N   H    sing N N 121 
GLY N   H2   sing N N 122 
GLY CA  C    sing N N 123 
GLY CA  HA2  sing N N 124 
GLY CA  HA3  sing N N 125 
GLY C   O    doub N N 126 
GLY C   OXT  sing N N 127 
GLY OXT HXT  sing N N 128 
HIS N   CA   sing N N 129 
HIS N   H    sing N N 130 
HIS N   H2   sing N N 131 
HIS CA  C    sing N N 132 
HIS CA  CB   sing N N 133 
HIS CA  HA   sing N N 134 
HIS C   O    doub N N 135 
HIS C   OXT  sing N N 136 
HIS CB  CG   sing N N 137 
HIS CB  HB2  sing N N 138 
HIS CB  HB3  sing N N 139 
HIS CG  ND1  sing Y N 140 
HIS CG  CD2  doub Y N 141 
HIS ND1 CE1  doub Y N 142 
HIS ND1 HD1  sing N N 143 
HIS CD2 NE2  sing Y N 144 
HIS CD2 HD2  sing N N 145 
HIS CE1 NE2  sing Y N 146 
HIS CE1 HE1  sing N N 147 
HIS NE2 HE2  sing N N 148 
HIS OXT HXT  sing N N 149 
HOH O   H1   sing N N 150 
HOH O   H2   sing N N 151 
ILE N   CA   sing N N 152 
ILE N   H    sing N N 153 
ILE N   H2   sing N N 154 
ILE CA  C    sing N N 155 
ILE CA  CB   sing N N 156 
ILE CA  HA   sing N N 157 
ILE C   O    doub N N 158 
ILE C   OXT  sing N N 159 
ILE CB  CG1  sing N N 160 
ILE CB  CG2  sing N N 161 
ILE CB  HB   sing N N 162 
ILE CG1 CD1  sing N N 163 
ILE CG1 HG12 sing N N 164 
ILE CG1 HG13 sing N N 165 
ILE CG2 HG21 sing N N 166 
ILE CG2 HG22 sing N N 167 
ILE CG2 HG23 sing N N 168 
ILE CD1 HD11 sing N N 169 
ILE CD1 HD12 sing N N 170 
ILE CD1 HD13 sing N N 171 
ILE OXT HXT  sing N N 172 
LEU N   CA   sing N N 173 
LEU N   H    sing N N 174 
LEU N   H2   sing N N 175 
LEU CA  C    sing N N 176 
LEU CA  CB   sing N N 177 
LEU CA  HA   sing N N 178 
LEU C   O    doub N N 179 
LEU C   OXT  sing N N 180 
LEU CB  CG   sing N N 181 
LEU CB  HB2  sing N N 182 
LEU CB  HB3  sing N N 183 
LEU CG  CD1  sing N N 184 
LEU CG  CD2  sing N N 185 
LEU CG  HG   sing N N 186 
LEU CD1 HD11 sing N N 187 
LEU CD1 HD12 sing N N 188 
LEU CD1 HD13 sing N N 189 
LEU CD2 HD21 sing N N 190 
LEU CD2 HD22 sing N N 191 
LEU CD2 HD23 sing N N 192 
LEU OXT HXT  sing N N 193 
LYS N   CA   sing N N 194 
LYS N   H    sing N N 195 
LYS N   H2   sing N N 196 
LYS CA  C    sing N N 197 
LYS CA  CB   sing N N 198 
LYS CA  HA   sing N N 199 
LYS C   O    doub N N 200 
LYS C   OXT  sing N N 201 
LYS CB  CG   sing N N 202 
LYS CB  HB2  sing N N 203 
LYS CB  HB3  sing N N 204 
LYS CG  CD   sing N N 205 
LYS CG  HG2  sing N N 206 
LYS CG  HG3  sing N N 207 
LYS CD  CE   sing N N 208 
LYS CD  HD2  sing N N 209 
LYS CD  HD3  sing N N 210 
LYS CE  NZ   sing N N 211 
LYS CE  HE2  sing N N 212 
LYS CE  HE3  sing N N 213 
LYS NZ  HZ1  sing N N 214 
LYS NZ  HZ2  sing N N 215 
LYS NZ  HZ3  sing N N 216 
LYS OXT HXT  sing N N 217 
MSE N   CA   sing N N 218 
MSE N   H    sing N N 219 
MSE N   H2   sing N N 220 
MSE CA  C    sing N N 221 
MSE CA  CB   sing N N 222 
MSE CA  HA   sing N N 223 
MSE C   O    doub N N 224 
MSE C   OXT  sing N N 225 
MSE OXT HXT  sing N N 226 
MSE CB  CG   sing N N 227 
MSE CB  HB2  sing N N 228 
MSE CB  HB3  sing N N 229 
MSE CG  SE   sing N N 230 
MSE CG  HG2  sing N N 231 
MSE CG  HG3  sing N N 232 
MSE SE  CE   sing N N 233 
MSE CE  HE1  sing N N 234 
MSE CE  HE2  sing N N 235 
MSE CE  HE3  sing N N 236 
PHE N   CA   sing N N 237 
PHE N   H    sing N N 238 
PHE N   H2   sing N N 239 
PHE CA  C    sing N N 240 
PHE CA  CB   sing N N 241 
PHE CA  HA   sing N N 242 
PHE C   O    doub N N 243 
PHE C   OXT  sing N N 244 
PHE CB  CG   sing N N 245 
PHE CB  HB2  sing N N 246 
PHE CB  HB3  sing N N 247 
PHE CG  CD1  doub Y N 248 
PHE CG  CD2  sing Y N 249 
PHE CD1 CE1  sing Y N 250 
PHE CD1 HD1  sing N N 251 
PHE CD2 CE2  doub Y N 252 
PHE CD2 HD2  sing N N 253 
PHE CE1 CZ   doub Y N 254 
PHE CE1 HE1  sing N N 255 
PHE CE2 CZ   sing Y N 256 
PHE CE2 HE2  sing N N 257 
PHE CZ  HZ   sing N N 258 
PHE OXT HXT  sing N N 259 
PRO N   CA   sing N N 260 
PRO N   CD   sing N N 261 
PRO N   H    sing N N 262 
PRO CA  C    sing N N 263 
PRO CA  CB   sing N N 264 
PRO CA  HA   sing N N 265 
PRO C   O    doub N N 266 
PRO C   OXT  sing N N 267 
PRO CB  CG   sing N N 268 
PRO CB  HB2  sing N N 269 
PRO CB  HB3  sing N N 270 
PRO CG  CD   sing N N 271 
PRO CG  HG2  sing N N 272 
PRO CG  HG3  sing N N 273 
PRO CD  HD2  sing N N 274 
PRO CD  HD3  sing N N 275 
PRO OXT HXT  sing N N 276 
SER N   CA   sing N N 277 
SER N   H    sing N N 278 
SER N   H2   sing N N 279 
SER CA  C    sing N N 280 
SER CA  CB   sing N N 281 
SER CA  HA   sing N N 282 
SER C   O    doub N N 283 
SER C   OXT  sing N N 284 
SER CB  OG   sing N N 285 
SER CB  HB2  sing N N 286 
SER CB  HB3  sing N N 287 
SER OG  HG   sing N N 288 
SER OXT HXT  sing N N 289 
THR N   CA   sing N N 290 
THR N   H    sing N N 291 
THR N   H2   sing N N 292 
THR CA  C    sing N N 293 
THR CA  CB   sing N N 294 
THR CA  HA   sing N N 295 
THR C   O    doub N N 296 
THR C   OXT  sing N N 297 
THR CB  OG1  sing N N 298 
THR CB  CG2  sing N N 299 
THR CB  HB   sing N N 300 
THR OG1 HG1  sing N N 301 
THR CG2 HG21 sing N N 302 
THR CG2 HG22 sing N N 303 
THR CG2 HG23 sing N N 304 
THR OXT HXT  sing N N 305 
TRP N   CA   sing N N 306 
TRP N   H    sing N N 307 
TRP N   H2   sing N N 308 
TRP CA  C    sing N N 309 
TRP CA  CB   sing N N 310 
TRP CA  HA   sing N N 311 
TRP C   O    doub N N 312 
TRP C   OXT  sing N N 313 
TRP CB  CG   sing N N 314 
TRP CB  HB2  sing N N 315 
TRP CB  HB3  sing N N 316 
TRP CG  CD1  doub Y N 317 
TRP CG  CD2  sing Y N 318 
TRP CD1 NE1  sing Y N 319 
TRP CD1 HD1  sing N N 320 
TRP CD2 CE2  doub Y N 321 
TRP CD2 CE3  sing Y N 322 
TRP NE1 CE2  sing Y N 323 
TRP NE1 HE1  sing N N 324 
TRP CE2 CZ2  sing Y N 325 
TRP CE3 CZ3  doub Y N 326 
TRP CE3 HE3  sing N N 327 
TRP CZ2 CH2  doub Y N 328 
TRP CZ2 HZ2  sing N N 329 
TRP CZ3 CH2  sing Y N 330 
TRP CZ3 HZ3  sing N N 331 
TRP CH2 HH2  sing N N 332 
TRP OXT HXT  sing N N 333 
TYR N   CA   sing N N 334 
TYR N   H    sing N N 335 
TYR N   H2   sing N N 336 
TYR CA  C    sing N N 337 
TYR CA  CB   sing N N 338 
TYR CA  HA   sing N N 339 
TYR C   O    doub N N 340 
TYR C   OXT  sing N N 341 
TYR CB  CG   sing N N 342 
TYR CB  HB2  sing N N 343 
TYR CB  HB3  sing N N 344 
TYR CG  CD1  doub Y N 345 
TYR CG  CD2  sing Y N 346 
TYR CD1 CE1  sing Y N 347 
TYR CD1 HD1  sing N N 348 
TYR CD2 CE2  doub Y N 349 
TYR CD2 HD2  sing N N 350 
TYR CE1 CZ   doub Y N 351 
TYR CE1 HE1  sing N N 352 
TYR CE2 CZ   sing Y N 353 
TYR CE2 HE2  sing N N 354 
TYR CZ  OH   sing N N 355 
TYR OH  HH   sing N N 356 
TYR OXT HXT  sing N N 357 
VAL N   CA   sing N N 358 
VAL N   H    sing N N 359 
VAL N   H2   sing N N 360 
VAL CA  C    sing N N 361 
VAL CA  CB   sing N N 362 
VAL CA  HA   sing N N 363 
VAL C   O    doub N N 364 
VAL C   OXT  sing N N 365 
VAL CB  CG1  sing N N 366 
VAL CB  CG2  sing N N 367 
VAL CB  HB   sing N N 368 
VAL CG1 HG11 sing N N 369 
VAL CG1 HG12 sing N N 370 
VAL CG1 HG13 sing N N 371 
VAL CG2 HG21 sing N N 372 
VAL CG2 HG22 sing N N 373 
VAL CG2 HG23 sing N N 374 
VAL OXT HXT  sing N N 375 
# 
_atom_sites.entry_id                    3RSN 
_atom_sites.fract_transf_matrix[1][1]   0.00122541 
_atom_sites.fract_transf_matrix[1][2]   -0.01017195 
_atom_sites.fract_transf_matrix[1][3]   -0.02070496 
_atom_sites.fract_transf_matrix[2][1]   0.01830965 
_atom_sites.fract_transf_matrix[2][2]   0.00365993 
_atom_sites.fract_transf_matrix[2][3]   -0.01360213 
_atom_sites.fract_transf_matrix[3][1]   0.00279953 
_atom_sites.fract_transf_matrix[3][2]   -0.00473824 
_atom_sites.fract_transf_matrix[3][3]   0.00249349 
_atom_sites.fract_transf_vector[1]      0.331728 
_atom_sites.fract_transf_vector[2]      0.448031 
_atom_sites.fract_transf_vector[3]      0.103513 
# 
loop_
_atom_type.symbol 
C  
N  
O  
S  
SE 
ZN 
# 
loop_
_atom_site.group_PDB 
_atom_site.id 
_atom_site.type_symbol 
_atom_site.label_atom_id 
_atom_site.label_alt_id 
_atom_site.label_comp_id 
_atom_site.label_asym_id 
_atom_site.label_entity_id 
_atom_site.label_seq_id 
_atom_site.pdbx_PDB_ins_code 
_atom_site.Cartn_x 
_atom_site.Cartn_y 
_atom_site.Cartn_z 
_atom_site.occupancy 
_atom_site.B_iso_or_equiv 
_atom_site.pdbx_formal_charge 
_atom_site.auth_seq_id 
_atom_site.auth_comp_id 
_atom_site.auth_asym_id 
_atom_site.auth_atom_id 
_atom_site.pdbx_PDB_model_num 
ATOM   1    N  N   . GLU A 1 11  ? -16.968 -11.296 -4.133  1.00 73.84 ? 11  GLU A N   1 
ATOM   2    C  CA  . GLU A 1 11  ? -16.499 -12.582 -4.640  1.00 73.49 ? 11  GLU A CA  1 
ATOM   3    C  C   . GLU A 1 11  ? -15.066 -12.495 -5.196  1.00 69.07 ? 11  GLU A C   1 
ATOM   4    O  O   . GLU A 1 11  ? -14.132 -12.105 -4.482  1.00 61.87 ? 11  GLU A O   1 
ATOM   5    C  CB  . GLU A 1 11  ? -17.458 -13.108 -5.716  1.00 71.98 ? 11  GLU A CB  1 
ATOM   6    C  CG  . GLU A 1 11  ? -17.243 -14.574 -6.073  1.00 71.43 ? 11  GLU A CG  1 
ATOM   7    C  CD  . GLU A 1 11  ? -16.751 -14.772 -7.502  1.00 73.31 ? 11  GLU A CD  1 
ATOM   8    O  OE1 . GLU A 1 11  ? -17.263 -14.084 -8.417  1.00 75.85 ? 11  GLU A OE1 1 
ATOM   9    O  OE2 . GLU A 1 11  ? -15.850 -15.615 -7.708  1.00 71.08 ? 11  GLU A OE2 1 
ATOM   10   N  N   . ASN A 1 12  ? -14.913 -12.873 -6.466  1.00 68.09 ? 12  ASN A N   1 
ATOM   11   C  CA  . ASN A 1 12  ? -13.634 -12.832 -7.176  1.00 64.43 ? 12  ASN A CA  1 
ATOM   12   C  C   . ASN A 1 12  ? -12.557 -13.682 -6.498  1.00 61.48 ? 12  ASN A C   1 
ATOM   13   O  O   . ASN A 1 12  ? -11.396 -13.702 -6.932  1.00 57.67 ? 12  ASN A O   1 
ATOM   14   C  CB  . ASN A 1 12  ? -13.159 -11.387 -7.337  1.00 65.29 ? 12  ASN A CB  1 
ATOM   15   C  CG  . ASN A 1 12  ? -14.315 -10.412 -7.554  1.00 74.55 ? 12  ASN A CG  1 
ATOM   16   O  OD1 . ASN A 1 12  ? -14.666 -9.637  -6.657  1.00 75.35 ? 12  ASN A OD1 1 
ATOM   17   N  ND2 . ASN A 1 12  ? -14.908 -10.443 -8.750  1.00 76.91 ? 12  ASN A ND2 1 
ATOM   18   N  N   . GLY A 1 13  ? -12.953 -14.393 -5.444  1.00 54.35 ? 13  GLY A N   1 
ATOM   19   C  CA  . GLY A 1 13  ? -12.023 -15.190 -4.665  1.00 49.74 ? 13  GLY A CA  1 
ATOM   20   C  C   . GLY A 1 13  ? -11.059 -14.354 -3.833  1.00 48.52 ? 13  GLY A C   1 
ATOM   21   O  O   . GLY A 1 13  ? -9.946  -14.813 -3.533  1.00 46.71 ? 13  GLY A O   1 
ATOM   22   N  N   . ARG A 1 14  ? -11.482 -13.144 -3.452  1.00 45.49 ? 14  ARG A N   1 
ATOM   23   C  CA  . ARG A 1 14  ? -10.614 -12.179 -2.768  1.00 41.33 ? 14  ARG A CA  1 
ATOM   24   C  C   . ARG A 1 14  ? -11.140 -11.814 -1.382  1.00 44.15 ? 14  ARG A C   1 
ATOM   25   O  O   . ARG A 1 14  ? -12.353 -11.692 -1.182  1.00 45.19 ? 14  ARG A O   1 
ATOM   26   C  CB  . ARG A 1 14  ? -10.487 -10.894 -3.602  1.00 40.50 ? 14  ARG A CB  1 
ATOM   27   C  CG  . ARG A 1 14  ? -9.850  -11.079 -4.984  1.00 42.70 ? 14  ARG A CG  1 
ATOM   28   C  CD  . ARG A 1 14  ? -8.386  -11.539 -4.878  1.00 36.95 ? 14  ARG A CD  1 
ATOM   29   N  NE  . ARG A 1 14  ? -7.638  -10.640 -3.998  1.00 38.43 ? 14  ARG A NE  1 
ATOM   30   C  CZ  . ARG A 1 14  ? -6.983  -9.555  -4.411  1.00 35.80 ? 14  ARG A CZ  1 
ATOM   31   N  NH1 . ARG A 1 14  ? -6.959  -9.248  -5.693  1.00 33.08 ? 14  ARG A NH1 1 
ATOM   32   N  NH2 . ARG A 1 14  ? -6.348  -8.782  -3.533  1.00 35.58 ? 14  ARG A NH2 1 
ATOM   33   N  N   . GLN A 1 15  ? -10.223 -11.637 -0.432  1.00 42.15 ? 15  GLN A N   1 
ATOM   34   C  CA  . GLN A 1 15  ? -10.544 -11.157 0.914   1.00 40.81 ? 15  GLN A CA  1 
ATOM   35   C  C   . GLN A 1 15  ? -9.861  -9.812  1.169   1.00 40.64 ? 15  GLN A C   1 
ATOM   36   O  O   . GLN A 1 15  ? -8.890  -9.737  1.929   1.00 40.22 ? 15  GLN A O   1 
ATOM   37   C  CB  . GLN A 1 15  ? -10.093 -12.163 1.975   1.00 41.11 ? 15  GLN A CB  1 
ATOM   38   C  CG  . GLN A 1 15  ? -10.825 -13.509 1.939   1.00 42.78 ? 15  GLN A CG  1 
ATOM   39   C  CD  . GLN A 1 15  ? -10.387 -14.450 3.047   1.00 43.48 ? 15  GLN A CD  1 
ATOM   40   O  OE1 . GLN A 1 15  ? -9.549  -15.320 2.838   1.00 43.43 ? 15  GLN A OE1 1 
ATOM   41   N  NE2 . GLN A 1 15  ? -10.940 -14.267 4.237   1.00 45.38 ? 15  GLN A NE2 1 
ATOM   42   N  N   . LEU A 1 16  ? -10.362 -8.761  0.524   1.00 36.16 ? 16  LEU A N   1 
ATOM   43   C  CA  . LEU A 1 16  ? -9.811  -7.421  0.677   1.00 38.40 ? 16  LEU A CA  1 
ATOM   44   C  C   . LEU A 1 16  ? -9.747  -7.031  2.130   1.00 38.48 ? 16  LEU A C   1 
ATOM   45   O  O   . LEU A 1 16  ? -10.682 -7.281  2.880   1.00 38.85 ? 16  LEU A O   1 
ATOM   46   C  CB  . LEU A 1 16  ? -10.670 -6.390  -0.064  1.00 40.18 ? 16  LEU A CB  1 
ATOM   47   C  CG  . LEU A 1 16  ? -10.937 -6.598  -1.554  1.00 37.62 ? 16  LEU A CG  1 
ATOM   48   C  CD1 . LEU A 1 16  ? -11.663 -5.370  -2.057  1.00 38.78 ? 16  LEU A CD1 1 
ATOM   49   C  CD2 . LEU A 1 16  ? -9.631  -6.822  -2.325  1.00 38.88 ? 16  LEU A CD2 1 
ATOM   50   N  N   . GLY A 1 17  ? -8.638  -6.405  2.524   1.00 40.39 ? 17  GLY A N   1 
ATOM   51   C  CA  . GLY A 1 17  ? -8.413  -6.018  3.910   1.00 38.73 ? 17  GLY A CA  1 
ATOM   52   C  C   . GLY A 1 17  ? -7.664  -7.081  4.700   1.00 36.80 ? 17  GLY A C   1 
ATOM   53   O  O   . GLY A 1 17  ? -7.110  -6.806  5.759   1.00 38.90 ? 17  GLY A O   1 
ATOM   54   N  N   . GLU A 1 18  ? -7.667  -8.306  4.197   1.00 37.40 ? 18  GLU A N   1 
ATOM   55   C  CA  . GLU A 1 18  ? -6.816  -9.348  4.763   1.00 39.66 ? 18  GLU A CA  1 
ATOM   56   C  C   . GLU A 1 18  ? -5.431  -9.185  4.141   1.00 37.93 ? 18  GLU A C   1 
ATOM   57   O  O   . GLU A 1 18  ? -5.274  -8.514  3.116   1.00 36.66 ? 18  GLU A O   1 
ATOM   58   C  CB  . GLU A 1 18  ? -7.349  -10.762 4.442   1.00 40.51 ? 18  GLU A CB  1 
ATOM   59   C  CG  . GLU A 1 18  ? -8.634  -11.167 5.192   1.00 42.30 ? 18  GLU A CG  1 
ATOM   60   C  CD  . GLU A 1 18  ? -8.530  -10.897 6.685   1.00 44.78 ? 18  GLU A CD  1 
ATOM   61   O  OE1 . GLU A 1 18  ? -7.694  -11.531 7.367   1.00 49.77 ? 18  GLU A OE1 1 
ATOM   62   O  OE2 . GLU A 1 18  ? -9.261  -10.023 7.184   1.00 52.64 ? 18  GLU A OE2 1 
ATOM   63   N  N   . VAL A 1 19  ? -4.438  -9.817  4.744   1.00 37.10 ? 19  VAL A N   1 
ATOM   64   C  CA  . VAL A 1 19  ? -3.131  -9.889  4.117   1.00 38.42 ? 19  VAL A CA  1 
ATOM   65   C  C   . VAL A 1 19  ? -3.181  -10.896 2.975   1.00 35.07 ? 19  VAL A C   1 
ATOM   66   O  O   . VAL A 1 19  ? -3.125  -12.094 3.204   1.00 35.72 ? 19  VAL A O   1 
ATOM   67   C  CB  . VAL A 1 19  ? -2.004  -10.281 5.124   1.00 37.63 ? 19  VAL A CB  1 
ATOM   68   C  CG1 . VAL A 1 19  ? -0.661  -10.443 4.384   1.00 36.35 ? 19  VAL A CG1 1 
ATOM   69   C  CG2 . VAL A 1 19  ? -1.892  -9.238  6.234   1.00 37.23 ? 19  VAL A CG2 1 
ATOM   70   N  N   . GLU A 1 20  ? -3.272  -10.408 1.741   1.00 35.28 ? 20  GLU A N   1 
ATOM   71   C  CA  . GLU A 1 20  ? -3.296  -11.307 0.592   1.00 33.62 ? 20  GLU A CA  1 
ATOM   72   C  C   . GLU A 1 20  ? -1.997  -11.239 -0.185  1.00 34.76 ? 20  GLU A C   1 
ATOM   73   O  O   . GLU A 1 20  ? -1.359  -10.189 -0.244  1.00 33.16 ? 20  GLU A O   1 
ATOM   74   C  CB  . GLU A 1 20  ? -4.463  -10.984 -0.344  1.00 34.49 ? 20  GLU A CB  1 
ATOM   75   C  CG  . GLU A 1 20  ? -5.859  -10.990 0.314   1.00 37.42 ? 20  GLU A CG  1 
ATOM   76   C  CD  . GLU A 1 20  ? -6.938  -10.598 -0.673  1.00 39.93 ? 20  GLU A CD  1 
ATOM   77   O  OE1 . GLU A 1 20  ? -7.501  -11.500 -1.330  1.00 38.51 ? 20  GLU A OE1 1 
ATOM   78   O  OE2 . GLU A 1 20  ? -7.186  -9.382  -0.816  1.00 40.47 ? 20  GLU A OE2 1 
ATOM   79   N  N   . LEU A 1 21  ? -1.650  -12.350 -0.822  1.00 33.11 ? 21  LEU A N   1 
ATOM   80   C  CA  . LEU A 1 21  ? -0.416  -12.476 -1.569  1.00 34.40 ? 21  LEU A CA  1 
ATOM   81   C  C   . LEU A 1 21  ? -0.779  -13.081 -2.887  1.00 34.90 ? 21  LEU A C   1 
ATOM   82   O  O   . LEU A 1 21  ? -1.591  -14.000 -2.930  1.00 34.67 ? 21  LEU A O   1 
ATOM   83   C  CB  . LEU A 1 21  ? 0.553   -13.417 -0.834  1.00 33.31 ? 21  LEU A CB  1 
ATOM   84   C  CG  . LEU A 1 21  ? 0.972   -13.020 0.581   1.00 33.80 ? 21  LEU A CG  1 
ATOM   85   C  CD1 . LEU A 1 21  ? 1.950   -14.041 1.164   1.00 36.64 ? 21  LEU A CD1 1 
ATOM   86   C  CD2 . LEU A 1 21  ? 1.616   -11.638 0.570   1.00 33.41 ? 21  LEU A CD2 1 
ATOM   87   N  N   . GLN A 1 22  ? -0.181  -12.583 -3.963  1.00 31.54 ? 22  GLN A N   1 
ATOM   88   C  CA  . GLN A 1 22  ? -0.425  -13.136 -5.279  1.00 31.41 ? 22  GLN A CA  1 
ATOM   89   C  C   . GLN A 1 22  ? 0.742   -14.002 -5.719  1.00 34.29 ? 22  GLN A C   1 
ATOM   90   O  O   . GLN A 1 22  ? 1.910   -13.655 -5.488  1.00 34.35 ? 22  GLN A O   1 
ATOM   91   C  CB  . GLN A 1 22  ? -0.661  -12.004 -6.285  1.00 34.63 ? 22  GLN A CB  1 
ATOM   92   C  CG  . GLN A 1 22  ? -0.913  -12.484 -7.709  1.00 34.92 ? 22  GLN A CG  1 
ATOM   93   C  CD  . GLN A 1 22  ? -1.053  -11.328 -8.689  1.00 39.66 ? 22  GLN A CD  1 
ATOM   94   O  OE1 . GLN A 1 22  ? -0.726  -10.178 -8.368  1.00 38.31 ? 22  GLN A OE1 1 
ATOM   95   N  NE2 . GLN A 1 22  ? -1.565  -11.621 -9.874  1.00 37.46 ? 22  GLN A NE2 1 
ATOM   96   N  N   . CYS A 1 23  ? 0.443   -15.133 -6.346  1.00 35.92 ? 23  CYS A N   1 
ATOM   97   C  CA  . CYS A 1 23  ? 1.509   -16.034 -6.764  1.00 36.80 ? 23  CYS A CA  1 
ATOM   98   C  C   . CYS A 1 23  ? 2.031   -15.672 -8.148  1.00 36.15 ? 23  CYS A C   1 
ATOM   99   O  O   . CYS A 1 23  ? 1.259   -15.505 -9.081  1.00 37.95 ? 23  CYS A O   1 
ATOM   100  C  CB  . CYS A 1 23  ? 1.043   -17.478 -6.748  1.00 34.33 ? 23  CYS A CB  1 
ATOM   101  S  SG  . CYS A 1 23  ? 2.208   -18.642 -7.488  1.00 33.92 ? 23  CYS A SG  1 
ATOM   102  N  N   . GLY A 1 24  ? 3.348   -15.592 -8.278  1.00 37.63 ? 24  GLY A N   1 
ATOM   103  C  CA  . GLY A 1 24  ? 3.967   -15.086 -9.494  1.00 38.36 ? 24  GLY A CA  1 
ATOM   104  C  C   . GLY A 1 24  ? 3.907   -16.104 -10.605 1.00 41.10 ? 24  GLY A C   1 
ATOM   105  O  O   . GLY A 1 24  ? 4.117   -15.777 -11.767 1.00 39.31 ? 24  GLY A O   1 
ATOM   106  N  N   . ILE A 1 25  ? 3.624   -17.355 -10.256 1.00 38.59 ? 25  ILE A N   1 
ATOM   107  C  CA  . ILE A 1 25  ? 3.518   -18.380 -11.284 1.00 37.00 ? 25  ILE A CA  1 
ATOM   108  C  C   . ILE A 1 25  ? 2.085   -18.532 -11.812 1.00 39.75 ? 25  ILE A C   1 
ATOM   109  O  O   . ILE A 1 25  ? 1.851   -18.375 -13.009 1.00 40.38 ? 25  ILE A O   1 
ATOM   110  C  CB  . ILE A 1 25  ? 4.077   -19.744 -10.798 1.00 38.17 ? 25  ILE A CB  1 
ATOM   111  C  CG1 . ILE A 1 25  ? 5.530   -19.583 -10.352 1.00 38.83 ? 25  ILE A CG1 1 
ATOM   112  C  CG2 . ILE A 1 25  ? 3.977   -20.788 -11.898 1.00 39.84 ? 25  ILE A CG2 1 
ATOM   113  C  CD1 . ILE A 1 25  ? 6.114   -20.829 -9.684  1.00 42.05 ? 25  ILE A CD1 1 
ATOM   114  N  N   . CYS A 1 26  ? 1.120   -18.837 -10.938 1.00 37.80 ? 26  CYS A N   1 
ATOM   115  C  CA  . CYS A 1 26  ? -0.244  -19.081 -11.428 1.00 38.29 ? 26  CYS A CA  1 
ATOM   116  C  C   . CYS A 1 26  ? -1.065  -17.787 -11.515 1.00 37.56 ? 26  CYS A C   1 
ATOM   117  O  O   . CYS A 1 26  ? -2.151  -17.767 -12.094 1.00 37.15 ? 26  CYS A O   1 
ATOM   118  C  CB  . CYS A 1 26  ? -0.970  -20.152 -10.584 1.00 35.25 ? 26  CYS A CB  1 
ATOM   119  S  SG  . CYS A 1 26  ? -1.313  -19.650 -8.910  1.00 33.49 ? 26  CYS A SG  1 
ATOM   120  N  N   . THR A 1 27  ? -0.524  -16.726 -10.925 1.00 38.80 ? 27  THR A N   1 
ATOM   121  C  CA  . THR A 1 27  ? -1.131  -15.379 -10.880 1.00 38.87 ? 27  THR A CA  1 
ATOM   122  C  C   . THR A 1 27  ? -2.401  -15.283 -10.029 1.00 38.82 ? 27  THR A C   1 
ATOM   123  O  O   . THR A 1 27  ? -3.052  -14.249 -10.017 1.00 38.97 ? 27  THR A O   1 
ATOM   124  C  CB  . THR A 1 27  ? -1.375  -14.727 -12.298 1.00 40.95 ? 27  THR A CB  1 
ATOM   125  O  OG1 . THR A 1 27  ? -2.581  -15.228 -12.895 1.00 42.21 ? 27  THR A OG1 1 
ATOM   126  C  CG2 . THR A 1 27  ? -0.175  -14.946 -13.240 1.00 40.53 ? 27  THR A CG2 1 
ATOM   127  N  N   . LYS A 1 28  ? -2.738  -16.348 -9.303  1.00 36.82 ? 28  LYS A N   1 
ATOM   128  C  CA  . LYS A 1 28  ? -3.939  -16.330 -8.479  1.00 33.45 ? 28  LYS A CA  1 
ATOM   129  C  C   . LYS A 1 28  ? -3.637  -15.741 -7.133  1.00 33.38 ? 28  LYS A C   1 
ATOM   130  O  O   . LYS A 1 28  ? -2.477  -15.569 -6.774  1.00 33.00 ? 28  LYS A O   1 
ATOM   131  C  CB  . LYS A 1 28  ? -4.541  -17.732 -8.326  1.00 35.79 ? 28  LYS A CB  1 
ATOM   132  C  CG  . LYS A 1 28  ? -4.927  -18.372 -9.647  1.00 35.18 ? 28  LYS A CG  1 
ATOM   133  C  CD  . LYS A 1 28  ? -5.826  -17.436 -10.444 1.00 37.03 ? 28  LYS A CD  1 
ATOM   134  C  CE  . LYS A 1 28  ? -6.083  -18.003 -11.848 1.00 42.43 ? 28  LYS A CE  1 
ATOM   135  N  NZ  . LYS A 1 28  ? -6.829  -17.024 -12.687 1.00 47.11 ? 28  LYS A NZ  1 
ATOM   136  N  N   . TRP A 1 29  ? -4.697  -15.460 -6.385  1.00 31.97 ? 29  TRP A N   1 
ATOM   137  C  CA  . TRP A 1 29  ? -4.606  -14.767 -5.118  1.00 30.89 ? 29  TRP A CA  1 
ATOM   138  C  C   . TRP A 1 29  ? -4.833  -15.667 -3.922  1.00 37.02 ? 29  TRP A C   1 
ATOM   139  O  O   . TRP A 1 29  ? -5.673  -16.573 -3.952  1.00 34.62 ? 29  TRP A O   1 
ATOM   140  C  CB  . TRP A 1 29  ? -5.582  -13.592 -5.092  1.00 32.67 ? 29  TRP A CB  1 
ATOM   141  C  CG  . TRP A 1 29  ? -5.053  -12.379 -5.799  1.00 33.76 ? 29  TRP A CG  1 
ATOM   142  C  CD1 . TRP A 1 29  ? -5.296  -12.010 -7.080  1.00 35.56 ? 29  TRP A CD1 1 
ATOM   143  C  CD2 . TRP A 1 29  ? -4.162  -11.390 -5.254  1.00 34.06 ? 29  TRP A CD2 1 
ATOM   144  N  NE1 . TRP A 1 29  ? -4.624  -10.838 -7.377  1.00 36.74 ? 29  TRP A NE1 1 
ATOM   145  C  CE2 . TRP A 1 29  ? -3.919  -10.441 -6.268  1.00 35.69 ? 29  TRP A CE2 1 
ATOM   146  C  CE3 . TRP A 1 29  ? -3.549  -11.218 -4.008  1.00 34.19 ? 29  TRP A CE3 1 
ATOM   147  C  CZ2 . TRP A 1 29  ? -3.097  -9.329  -6.071  1.00 33.14 ? 29  TRP A CZ2 1 
ATOM   148  C  CZ3 . TRP A 1 29  ? -2.730  -10.099 -3.805  1.00 33.57 ? 29  TRP A CZ3 1 
ATOM   149  C  CH2 . TRP A 1 29  ? -2.506  -9.181  -4.839  1.00 34.72 ? 29  TRP A CH2 1 
ATOM   150  N  N   . PHE A 1 30  ? -4.082  -15.394 -2.863  1.00 33.71 ? 30  PHE A N   1 
ATOM   151  C  CA  . PHE A 1 30  ? -4.073  -16.240 -1.689  1.00 36.54 ? 30  PHE A CA  1 
ATOM   152  C  C   . PHE A 1 30  ? -4.118  -15.417 -0.429  1.00 37.02 ? 30  PHE A C   1 
ATOM   153  O  O   . PHE A 1 30  ? -3.671  -14.286 -0.399  1.00 37.04 ? 30  PHE A O   1 
ATOM   154  C  CB  . PHE A 1 30  ? -2.823  -17.122 -1.693  1.00 34.93 ? 30  PHE A CB  1 
ATOM   155  C  CG  . PHE A 1 30  ? -2.748  -18.020 -2.881  1.00 35.47 ? 30  PHE A CG  1 
ATOM   156  C  CD1 . PHE A 1 30  ? -2.275  -17.544 -4.089  1.00 32.80 ? 30  PHE A CD1 1 
ATOM   157  C  CD2 . PHE A 1 30  ? -3.188  -19.337 -2.802  1.00 33.67 ? 30  PHE A CD2 1 
ATOM   158  C  CE1 . PHE A 1 30  ? -2.214  -18.361 -5.192  1.00 32.20 ? 30  PHE A CE1 1 
ATOM   159  C  CE2 . PHE A 1 30  ? -3.139  -20.158 -3.902  1.00 33.28 ? 30  PHE A CE2 1 
ATOM   160  C  CZ  . PHE A 1 30  ? -2.648  -19.682 -5.093  1.00 33.48 ? 30  PHE A CZ  1 
ATOM   161  N  N   . THR A 1 31  ? -4.670  -15.990 0.622   1.00 38.85 ? 31  THR A N   1 
ATOM   162  C  CA  . THR A 1 31  ? -4.631  -15.349 1.924   1.00 39.60 ? 31  THR A CA  1 
ATOM   163  C  C   . THR A 1 31  ? -3.457  -15.973 2.663   1.00 42.43 ? 31  THR A C   1 
ATOM   164  O  O   . THR A 1 31  ? -3.326  -17.191 2.690   1.00 43.20 ? 31  THR A O   1 
ATOM   165  C  CB  . THR A 1 31  ? -5.972  -15.520 2.651   1.00 42.58 ? 31  THR A CB  1 
ATOM   166  O  OG1 . THR A 1 31  ? -6.930  -14.643 2.034   1.00 45.04 ? 31  THR A OG1 1 
ATOM   167  C  CG2 . THR A 1 31  ? -5.849  -15.159 4.114   1.00 42.64 ? 31  THR A CG2 1 
ATOM   168  N  N   . ALA A 1 32  ? -2.580  -15.139 3.214   1.00 41.73 ? 32  ALA A N   1 
ATOM   169  C  CA  . ALA A 1 32  ? -1.307  -15.624 3.740   1.00 42.36 ? 32  ALA A CA  1 
ATOM   170  C  C   . ALA A 1 32  ? -1.500  -16.624 4.874   1.00 45.34 ? 32  ALA A C   1 
ATOM   171  O  O   . ALA A 1 32  ? -0.835  -17.674 4.933   1.00 45.97 ? 32  ALA A O   1 
ATOM   172  C  CB  . ALA A 1 32  ? -0.450  -14.463 4.212   1.00 42.01 ? 32  ALA A CB  1 
ATOM   173  N  N   . ASP A 1 33  ? -2.408  -16.296 5.782   1.00 44.35 ? 33  ASP A N   1 
ATOM   174  C  CA  . ASP A 1 33  ? -2.559  -17.104 6.976   1.00 48.55 ? 33  ASP A CA  1 
ATOM   175  C  C   . ASP A 1 33  ? -3.084  -18.513 6.667   1.00 46.80 ? 33  ASP A C   1 
ATOM   176  O  O   . ASP A 1 33  ? -2.949  -19.409 7.488   1.00 48.39 ? 33  ASP A O   1 
ATOM   177  C  CB  . ASP A 1 33  ? -3.394  -16.387 8.042   1.00 47.14 ? 33  ASP A CB  1 
ATOM   178  C  CG  . ASP A 1 33  ? -4.792  -16.091 7.576   1.00 50.80 ? 33  ASP A CG  1 
ATOM   179  O  OD1 . ASP A 1 33  ? -5.336  -16.913 6.798   1.00 52.27 ? 33  ASP A OD1 1 
ATOM   180  O  OD2 . ASP A 1 33  ? -5.350  -15.041 7.985   1.00 53.49 ? 33  ASP A OD2 1 
ATOM   181  N  N   . THR A 1 34  ? -3.642  -18.727 5.480   1.00 44.46 ? 34  THR A N   1 
ATOM   182  C  CA  . THR A 1 34  ? -4.062  -20.082 5.136   1.00 47.15 ? 34  THR A CA  1 
ATOM   183  C  C   . THR A 1 34  ? -2.863  -21.013 4.946   1.00 46.86 ? 34  THR A C   1 
ATOM   184  O  O   . THR A 1 34  ? -3.030  -22.228 4.875   1.00 44.57 ? 34  THR A O   1 
ATOM   185  C  CB  . THR A 1 34  ? -4.990  -20.147 3.898   1.00 46.82 ? 34  THR A CB  1 
ATOM   186  O  OG1 . THR A 1 34  ? -4.244  -19.897 2.697   1.00 46.60 ? 34  THR A OG1 1 
ATOM   187  C  CG2 . THR A 1 34  ? -6.139  -19.148 4.039   1.00 44.88 ? 34  THR A CG2 1 
ATOM   188  N  N   . PHE A 1 35  ? -1.657  -20.445 4.878   1.00 42.69 ? 35  PHE A N   1 
ATOM   189  C  CA  . PHE A 1 35  ? -0.449  -21.266 4.812   1.00 45.06 ? 35  PHE A CA  1 
ATOM   190  C  C   . PHE A 1 35  ? 0.306   -21.238 6.139   1.00 45.65 ? 35  PHE A C   1 
ATOM   191  O  O   . PHE A 1 35  ? 1.429   -21.738 6.233   1.00 50.47 ? 35  PHE A O   1 
ATOM   192  C  CB  . PHE A 1 35  ? 0.502   -20.796 3.703   1.00 43.08 ? 35  PHE A CB  1 
ATOM   193  C  CG  . PHE A 1 35  ? -0.070  -20.879 2.318   1.00 39.42 ? 35  PHE A CG  1 
ATOM   194  C  CD1 . PHE A 1 35  ? -0.552  -19.750 1.689   1.00 39.95 ? 35  PHE A CD1 1 
ATOM   195  C  CD2 . PHE A 1 35  ? -0.091  -22.074 1.632   1.00 38.94 ? 35  PHE A CD2 1 
ATOM   196  C  CE1 . PHE A 1 35  ? -1.055  -19.817 0.409   1.00 36.98 ? 35  PHE A CE1 1 
ATOM   197  C  CE2 . PHE A 1 35  ? -0.597  -22.139 0.355   1.00 38.99 ? 35  PHE A CE2 1 
ATOM   198  C  CZ  . PHE A 1 35  ? -1.077  -21.000 -0.252  1.00 37.27 ? 35  PHE A CZ  1 
ATOM   199  N  N   . GLY A 1 36  ? -0.294  -20.633 7.155   1.00 43.60 ? 36  GLY A N   1 
ATOM   200  C  CA  . GLY A 1 36  ? 0.379   -20.471 8.431   1.00 47.53 ? 36  GLY A CA  1 
ATOM   201  C  C   . GLY A 1 36  ? 1.573   -19.523 8.386   1.00 48.92 ? 36  GLY A C   1 
ATOM   202  O  O   . GLY A 1 36  ? 2.411   -19.529 9.284   1.00 49.42 ? 36  GLY A O   1 
ATOM   203  N  N   . ILE A 1 37  ? 1.658   -18.710 7.334   1.00 48.34 ? 37  ILE A N   1 
ATOM   204  C  CA  . ILE A 1 37  ? 2.706   -17.701 7.228   1.00 46.35 ? 37  ILE A CA  1 
ATOM   205  C  C   . ILE A 1 37  ? 2.468   -16.603 8.256   1.00 46.33 ? 37  ILE A C   1 
ATOM   206  O  O   . ILE A 1 37  ? 1.350   -16.120 8.409   1.00 47.65 ? 37  ILE A O   1 
ATOM   207  C  CB  . ILE A 1 37  ? 2.749   -17.106 5.809   1.00 47.13 ? 37  ILE A CB  1 
ATOM   208  C  CG1 . ILE A 1 37  ? 3.158   -18.184 4.811   1.00 43.74 ? 37  ILE A CG1 1 
ATOM   209  C  CG2 . ILE A 1 37  ? 3.695   -15.917 5.736   1.00 44.47 ? 37  ILE A CG2 1 
ATOM   210  C  CD1 . ILE A 1 37  ? 2.637   -17.945 3.423   1.00 42.32 ? 37  ILE A CD1 1 
ATOM   211  N  N   . ASP A 1 38  ? 3.517   -16.223 8.974   1.00 46.25 ? 38  ASP A N   1 
ATOM   212  C  CA  . ASP A 1 38  ? 3.416   -15.209 10.021  1.00 46.63 ? 38  ASP A CA  1 
ATOM   213  C  C   . ASP A 1 38  ? 3.204   -13.823 9.415   1.00 47.94 ? 38  ASP A C   1 
ATOM   214  O  O   . ASP A 1 38  ? 4.028   -13.336 8.645   1.00 48.28 ? 38  ASP A O   1 
ATOM   215  C  CB  . ASP A 1 38  ? 4.678   -15.231 10.901  1.00 50.58 ? 38  ASP A CB  1 
ATOM   216  C  CG  . ASP A 1 38  ? 4.687   -14.140 11.965  1.00 51.51 ? 38  ASP A CG  1 
ATOM   217  O  OD1 . ASP A 1 38  ? 3.665   -13.455 12.147  1.00 49.79 ? 38  ASP A OD1 1 
ATOM   218  O  OD2 . ASP A 1 38  ? 5.728   -13.972 12.641  1.00 56.90 ? 38  ASP A OD2 1 
ATOM   219  N  N   . THR A 1 39  ? 2.098   -13.184 9.785   1.00 46.74 ? 39  THR A N   1 
ATOM   220  C  CA  . THR A 1 39  ? 1.711   -11.919 9.191   1.00 45.42 ? 39  THR A CA  1 
ATOM   221  C  C   . THR A 1 39  ? 1.772   -10.748 10.183  1.00 48.00 ? 39  THR A C   1 
ATOM   222  O  O   . THR A 1 39  ? 1.223   -9.673  9.915   1.00 47.11 ? 39  THR A O   1 
ATOM   223  C  CB  . THR A 1 39  ? 0.298   -12.011 8.559   1.00 45.55 ? 39  THR A CB  1 
ATOM   224  O  OG1 . THR A 1 39  ? -0.651  -12.416 9.552   1.00 46.36 ? 39  THR A OG1 1 
ATOM   225  C  CG2 . THR A 1 39  ? 0.278   -13.019 7.417   1.00 43.93 ? 39  THR A CG2 1 
ATOM   226  N  N   . SER A 1 40  ? 2.449   -10.943 11.314  1.00 44.82 ? 40  SER A N   1 
ATOM   227  C  CA  . SER A 1 40  ? 2.545   -9.881  12.321  1.00 49.84 ? 40  SER A CA  1 
ATOM   228  C  C   . SER A 1 40  ? 3.232   -8.614  11.784  1.00 46.54 ? 40  SER A C   1 
ATOM   229  O  O   . SER A 1 40  ? 2.873   -7.503  12.172  1.00 49.02 ? 40  SER A O   1 
ATOM   230  C  CB  . SER A 1 40  ? 3.221   -10.375 13.616  1.00 48.30 ? 40  SER A CB  1 
ATOM   231  O  OG  . SER A 1 40  ? 4.498   -10.924 13.360  1.00 48.39 ? 40  SER A OG  1 
ATOM   232  N  N   . SER A 1 41  ? 4.204   -8.788  10.892  1.00 44.12 ? 41  SER A N   1 
ATOM   233  C  CA  . SER A 1 41  ? 4.838   -7.656  10.211  1.00 46.88 ? 41  SER A CA  1 
ATOM   234  C  C   . SER A 1 41  ? 4.505   -7.608  8.696   1.00 46.18 ? 41  SER A C   1 
ATOM   235  O  O   . SER A 1 41  ? 5.351   -7.266  7.859   1.00 44.11 ? 41  SER A O   1 
ATOM   236  C  CB  . SER A 1 41  ? 6.356   -7.661  10.449  1.00 48.24 ? 41  SER A CB  1 
ATOM   237  O  OG  . SER A 1 41  ? 6.970   -8.733  9.747   1.00 50.47 ? 41  SER A OG  1 
ATOM   238  N  N   . CYS A 1 42  ? 3.265   -7.965  8.363   1.00 43.99 ? 42  CYS A N   1 
ATOM   239  C  CA  . CYS A 1 42  ? 2.751   -7.848  6.998   1.00 43.47 ? 42  CYS A CA  1 
ATOM   240  C  C   . CYS A 1 42  ? 1.592   -6.858  6.937   1.00 43.65 ? 42  CYS A C   1 
ATOM   241  O  O   . CYS A 1 42  ? 0.916   -6.620  7.935   1.00 43.44 ? 42  CYS A O   1 
ATOM   242  C  CB  . CYS A 1 42  ? 2.257   -9.197  6.484   1.00 42.20 ? 42  CYS A CB  1 
ATOM   243  S  SG  . CYS A 1 42  ? 3.539   -10.336 6.004   1.00 42.77 ? 42  CYS A SG  1 
ATOM   244  N  N   . LEU A 1 43  ? 1.371   -6.284  5.758   1.00 40.80 ? 43  LEU A N   1 
ATOM   245  C  CA  . LEU A 1 43  ? 0.243   -5.401  5.546   1.00 39.54 ? 43  LEU A CA  1 
ATOM   246  C  C   . LEU A 1 43  ? -0.590  -5.914  4.389   1.00 37.95 ? 43  LEU A C   1 
ATOM   247  O  O   . LEU A 1 43  ? -0.063  -6.525  3.453   1.00 38.39 ? 43  LEU A O   1 
ATOM   248  C  CB  . LEU A 1 43  ? 0.712   -3.996  5.189   1.00 39.88 ? 43  LEU A CB  1 
ATOM   249  C  CG  . LEU A 1 43  ? 1.103   -3.013  6.275   1.00 42.37 ? 43  LEU A CG  1 
ATOM   250  C  CD1 . LEU A 1 43  ? 1.577   -1.720  5.605   1.00 41.91 ? 43  LEU A CD1 1 
ATOM   251  C  CD2 . LEU A 1 43  ? -0.077  -2.754  7.198   1.00 43.12 ? 43  LEU A CD2 1 
ATOM   252  N  N   . PRO A 1 44  ? -1.901  -5.656  4.437   1.00 36.89 ? 44  PRO A N   1 
ATOM   253  C  CA  . PRO A 1 44  ? -2.678  -5.798  3.204   1.00 36.82 ? 44  PRO A CA  1 
ATOM   254  C  C   . PRO A 1 44  ? -2.153  -4.809  2.164   1.00 36.28 ? 44  PRO A C   1 
ATOM   255  O  O   . PRO A 1 44  ? -1.645  -3.757  2.541   1.00 35.26 ? 44  PRO A O   1 
ATOM   256  C  CB  . PRO A 1 44  ? -4.088  -5.392  3.630   1.00 39.39 ? 44  PRO A CB  1 
ATOM   257  C  CG  . PRO A 1 44  ? -3.934  -4.701  4.945   1.00 40.42 ? 44  PRO A CG  1 
ATOM   258  C  CD  . PRO A 1 44  ? -2.729  -5.261  5.588   1.00 36.86 ? 44  PRO A CD  1 
ATOM   259  N  N   . PHE A 1 45  ? -2.265  -5.162  0.891   1.00 34.98 ? 45  PHE A N   1 
ATOM   260  C  CA  . PHE A 1 45  ? -1.965  -4.265  -0.201  1.00 35.79 ? 45  PHE A CA  1 
ATOM   261  C  C   . PHE A 1 45  ? -0.450  -4.017  -0.396  1.00 37.26 ? 45  PHE A C   1 
ATOM   262  O  O   . PHE A 1 45  ? -0.044  -2.946  -0.822  1.00 34.31 ? 45  PHE A O   1 
ATOM   263  C  CB  . PHE A 1 45  ? -2.754  -2.956  -0.041  1.00 34.51 ? 45  PHE A CB  1 
ATOM   264  C  CG  . PHE A 1 45  ? -4.247  -3.168  0.127   1.00 36.41 ? 45  PHE A CG  1 
ATOM   265  C  CD1 . PHE A 1 45  ? -4.910  -2.685  1.251   1.00 34.07 ? 45  PHE A CD1 1 
ATOM   266  C  CD2 . PHE A 1 45  ? -4.970  -3.886  -0.821  1.00 34.12 ? 45  PHE A CD2 1 
ATOM   267  C  CE1 . PHE A 1 45  ? -6.271  -2.881  1.417   1.00 36.21 ? 45  PHE A CE1 1 
ATOM   268  C  CE2 . PHE A 1 45  ? -6.341  -4.101  -0.654  1.00 36.83 ? 45  PHE A CE2 1 
ATOM   269  C  CZ  . PHE A 1 45  ? -6.986  -3.596  0.463   1.00 35.45 ? 45  PHE A CZ  1 
HETATM 270  N  N   . MSE A 1 46  ? 0.365   -5.024  -0.088  1.00 34.35 ? 46  MSE A N   1 
HETATM 271  C  CA  . MSE A 1 46  ? 1.797   -4.965  -0.356  1.00 35.82 ? 46  MSE A CA  1 
HETATM 272  C  C   . MSE A 1 46  ? 2.056   -5.305  -1.799  1.00 35.84 ? 46  MSE A C   1 
HETATM 273  O  O   . MSE A 1 46  ? 1.297   -6.068  -2.428  1.00 30.08 ? 46  MSE A O   1 
HETATM 274  C  CB  . MSE A 1 46  ? 2.579   -5.962  0.525   1.00 35.81 ? 46  MSE A CB  1 
HETATM 275  C  CG  . MSE A 1 46  ? 2.530   -5.657  1.983   1.00 35.51 ? 46  MSE A CG  1 
HETATM 276  SE SE  . MSE A 1 46  ? 3.545   -6.944  3.086   1.00 47.16 ? 46  MSE A SE  1 
HETATM 277  C  CE  . MSE A 1 46  ? 2.808   -8.639  2.465   1.00 35.31 ? 46  MSE A CE  1 
ATOM   278  N  N   . THR A 1 47  ? 3.138   -4.741  -2.324  1.00 32.38 ? 47  THR A N   1 
ATOM   279  C  CA  . THR A 1 47  ? 3.603   -5.122  -3.647  1.00 34.55 ? 47  THR A CA  1 
ATOM   280  C  C   . THR A 1 47  ? 5.088   -5.536  -3.575  1.00 35.45 ? 47  THR A C   1 
ATOM   281  O  O   . THR A 1 47  ? 5.653   -6.041  -4.543  1.00 32.18 ? 47  THR A O   1 
ATOM   282  C  CB  . THR A 1 47  ? 3.398   -3.971  -4.648  1.00 37.29 ? 47  THR A CB  1 
ATOM   283  O  OG1 . THR A 1 47  ? 4.150   -2.840  -4.212  1.00 37.18 ? 47  THR A OG1 1 
ATOM   284  C  CG2 . THR A 1 47  ? 1.932   -3.559  -4.672  1.00 35.73 ? 47  THR A CG2 1 
ATOM   285  N  N   . ASN A 1 48  ? 5.702   -5.315  -2.415  1.00 34.20 ? 48  ASN A N   1 
ATOM   286  C  CA  . ASN A 1 48  ? 7.145   -5.560  -2.256  1.00 37.20 ? 48  ASN A CA  1 
ATOM   287  C  C   . ASN A 1 48  ? 7.509   -7.003  -1.866  1.00 33.65 ? 48  ASN A C   1 
ATOM   288  O  O   . ASN A 1 48  ? 8.137   -7.231  -0.836  1.00 34.65 ? 48  ASN A O   1 
ATOM   289  C  CB  . ASN A 1 48  ? 7.768   -4.562  -1.270  1.00 33.72 ? 48  ASN A CB  1 
ATOM   290  C  CG  . ASN A 1 48  ? 7.119   -4.613  0.108   1.00 37.73 ? 48  ASN A CG  1 
ATOM   291  O  OD1 . ASN A 1 48  ? 5.905   -4.817  0.231   1.00 40.52 ? 48  ASN A OD1 1 
ATOM   292  N  ND2 . ASN A 1 48  ? 7.927   -4.457  1.149   1.00 32.36 ? 48  ASN A ND2 1 
ATOM   293  N  N   . TYR A 1 49  ? 7.130   -7.965  -2.703  1.00 32.68 ? 49  TYR A N   1 
ATOM   294  C  CA  . TYR A 1 49  ? 7.425   -9.361  -2.415  1.00 33.07 ? 49  TYR A CA  1 
ATOM   295  C  C   . TYR A 1 49  ? 7.357   -10.164 -3.680  1.00 33.62 ? 49  TYR A C   1 
ATOM   296  O  O   . TYR A 1 49  ? 6.876   -9.696  -4.710  1.00 32.85 ? 49  TYR A O   1 
ATOM   297  C  CB  . TYR A 1 49  ? 6.445   -9.960  -1.404  1.00 32.38 ? 49  TYR A CB  1 
ATOM   298  C  CG  . TYR A 1 49  ? 5.017   -10.025 -1.919  1.00 31.62 ? 49  TYR A CG  1 
ATOM   299  C  CD1 . TYR A 1 49  ? 4.123   -8.975  -1.697  1.00 32.29 ? 49  TYR A CD1 1 
ATOM   300  C  CD2 . TYR A 1 49  ? 4.569   -11.132 -2.639  1.00 30.89 ? 49  TYR A CD2 1 
ATOM   301  C  CE1 . TYR A 1 49  ? 2.809   -9.034  -2.172  1.00 31.68 ? 49  TYR A CE1 1 
ATOM   302  C  CE2 . TYR A 1 49  ? 3.262   -11.198 -3.122  1.00 32.27 ? 49  TYR A CE2 1 
ATOM   303  C  CZ  . TYR A 1 49  ? 2.397   -10.156 -2.889  1.00 31.90 ? 49  TYR A CZ  1 
ATOM   304  O  OH  . TYR A 1 49  ? 1.130   -10.238 -3.384  1.00 32.28 ? 49  TYR A OH  1 
ATOM   305  N  N   . SER A 1 50  ? 7.832   -11.392 -3.585  1.00 30.18 ? 50  SER A N   1 
ATOM   306  C  CA  . SER A 1 50  ? 7.570   -12.368 -4.614  1.00 35.00 ? 50  SER A CA  1 
ATOM   307  C  C   . SER A 1 50  ? 7.029   -13.591 -3.878  1.00 33.37 ? 50  SER A C   1 
ATOM   308  O  O   . SER A 1 50  ? 7.545   -13.951 -2.828  1.00 35.79 ? 50  SER A O   1 
ATOM   309  C  CB  . SER A 1 50  ? 8.849   -12.709 -5.377  1.00 34.27 ? 50  SER A CB  1 
ATOM   310  O  OG  . SER A 1 50  ? 8.582   -13.704 -6.341  1.00 39.38 ? 50  SER A OG  1 
ATOM   311  N  N   . PHE A 1 51  ? 5.988   -14.216 -4.408  1.00 35.45 ? 51  PHE A N   1 
ATOM   312  C  CA  . PHE A 1 51  ? 5.338   -15.330 -3.712  1.00 32.48 ? 51  PHE A CA  1 
ATOM   313  C  C   . PHE A 1 51  ? 5.035   -16.442 -4.692  1.00 32.69 ? 51  PHE A C   1 
ATOM   314  O  O   . PHE A 1 51  ? 4.616   -16.180 -5.811  1.00 34.61 ? 51  PHE A O   1 
ATOM   315  C  CB  . PHE A 1 51  ? 4.049   -14.846 -3.046  1.00 35.22 ? 51  PHE A CB  1 
ATOM   316  C  CG  . PHE A 1 51  ? 3.246   -15.942 -2.357  1.00 33.77 ? 51  PHE A CG  1 
ATOM   317  C  CD1 . PHE A 1 51  ? 2.095   -16.440 -2.937  1.00 33.26 ? 51  PHE A CD1 1 
ATOM   318  C  CD2 . PHE A 1 51  ? 3.640   -16.448 -1.126  1.00 33.50 ? 51  PHE A CD2 1 
ATOM   319  C  CE1 . PHE A 1 51  ? 1.348   -17.429 -2.304  1.00 35.27 ? 51  PHE A CE1 1 
ATOM   320  C  CE2 . PHE A 1 51  ? 2.907   -17.440 -0.483  1.00 33.72 ? 51  PHE A CE2 1 
ATOM   321  C  CZ  . PHE A 1 51  ? 1.764   -17.935 -1.070  1.00 32.85 ? 51  PHE A CZ  1 
ATOM   322  N  N   . HIS A 1 52  ? 5.283   -17.681 -4.271  1.00 33.29 ? 52  HIS A N   1 
ATOM   323  C  CA  . HIS A 1 52  ? 4.835   -18.872 -4.993  1.00 34.00 ? 52  HIS A CA  1 
ATOM   324  C  C   . HIS A 1 52  ? 3.990   -19.699 -4.033  1.00 33.81 ? 52  HIS A C   1 
ATOM   325  O  O   . HIS A 1 52  ? 4.428   -19.953 -2.914  1.00 33.51 ? 52  HIS A O   1 
ATOM   326  C  CB  . HIS A 1 52  ? 6.029   -19.725 -5.429  1.00 35.33 ? 52  HIS A CB  1 
ATOM   327  C  CG  . HIS A 1 52  ? 6.932   -19.047 -6.411  1.00 39.02 ? 52  HIS A CG  1 
ATOM   328  N  ND1 . HIS A 1 52  ? 8.184   -19.529 -6.727  1.00 39.73 ? 52  HIS A ND1 1 
ATOM   329  C  CD2 . HIS A 1 52  ? 6.766   -17.918 -7.143  1.00 37.60 ? 52  HIS A CD2 1 
ATOM   330  C  CE1 . HIS A 1 52  ? 8.749   -18.729 -7.614  1.00 39.96 ? 52  HIS A CE1 1 
ATOM   331  N  NE2 . HIS A 1 52  ? 7.910   -17.746 -7.882  1.00 40.09 ? 52  HIS A NE2 1 
ATOM   332  N  N   . CYS A 1 53  ? 2.801   -20.128 -4.464  1.00 33.58 ? 53  CYS A N   1 
ATOM   333  C  CA  . CYS A 1 53  ? 1.937   -20.966 -3.616  1.00 34.26 ? 53  CYS A CA  1 
ATOM   334  C  C   . CYS A 1 53  ? 2.521   -22.373 -3.570  1.00 35.39 ? 53  CYS A C   1 
ATOM   335  O  O   . CYS A 1 53  ? 3.400   -22.701 -4.374  1.00 34.84 ? 53  CYS A O   1 
ATOM   336  C  CB  . CYS A 1 53  ? 0.501   -21.002 -4.159  1.00 32.76 ? 53  CYS A CB  1 
ATOM   337  S  SG  . CYS A 1 53  ? 0.304   -21.886 -5.725  1.00 31.58 ? 53  CYS A SG  1 
ATOM   338  N  N   . ASN A 1 54  ? 2.016   -23.233 -2.687  1.00 33.49 ? 54  ASN A N   1 
ATOM   339  C  CA  . ASN A 1 54  ? 2.629   -24.559 -2.580  1.00 34.20 ? 54  ASN A CA  1 
ATOM   340  C  C   . ASN A 1 54  ? 2.293   -25.517 -3.729  1.00 35.46 ? 54  ASN A C   1 
ATOM   341  O  O   . ASN A 1 54  ? 2.964   -26.518 -3.934  1.00 35.68 ? 54  ASN A O   1 
ATOM   342  C  CB  . ASN A 1 54  ? 2.453   -25.186 -1.192  1.00 35.68 ? 54  ASN A CB  1 
ATOM   343  C  CG  . ASN A 1 54  ? 1.030   -25.678 -0.918  1.00 35.13 ? 54  ASN A CG  1 
ATOM   344  O  OD1 . ASN A 1 54  ? 0.177   -25.755 -1.795  1.00 33.01 ? 54  ASN A OD1 1 
ATOM   345  N  ND2 . ASN A 1 54  ? 0.799   -26.048 0.321   1.00 39.22 ? 54  ASN A ND2 1 
ATOM   346  N  N   . VAL A 1 55  ? 1.279   -25.178 -4.514  1.00 35.60 ? 55  VAL A N   1 
ATOM   347  C  CA  . VAL A 1 55  ? 0.943   -25.995 -5.657  1.00 34.65 ? 55  VAL A CA  1 
ATOM   348  C  C   . VAL A 1 55  ? 1.907   -25.733 -6.809  1.00 37.38 ? 55  VAL A C   1 
ATOM   349  O  O   . VAL A 1 55  ? 2.310   -26.650 -7.513  1.00 37.51 ? 55  VAL A O   1 
ATOM   350  C  CB  . VAL A 1 55  ? -0.507  -25.732 -6.097  1.00 35.16 ? 55  VAL A CB  1 
ATOM   351  C  CG1 . VAL A 1 55  ? -0.727  -26.192 -7.535  1.00 34.68 ? 55  VAL A CG1 1 
ATOM   352  C  CG2 . VAL A 1 55  ? -1.477  -26.432 -5.131  1.00 35.66 ? 55  VAL A CG2 1 
ATOM   353  N  N   . CYS A 1 56  ? 2.261   -24.469 -6.998  1.00 35.90 ? 56  CYS A N   1 
ATOM   354  C  CA  . CYS A 1 56  ? 3.139   -24.074 -8.090  1.00 39.35 ? 56  CYS A CA  1 
ATOM   355  C  C   . CYS A 1 56  ? 4.614   -24.374 -7.796  1.00 40.10 ? 56  CYS A C   1 
ATOM   356  O  O   . CYS A 1 56  ? 5.342   -24.815 -8.681  1.00 45.18 ? 56  CYS A O   1 
ATOM   357  C  CB  . CYS A 1 56  ? 2.956   -22.581 -8.407  1.00 34.76 ? 56  CYS A CB  1 
ATOM   358  S  SG  . CYS A 1 56  ? 1.391   -22.170 -9.211  1.00 34.75 ? 56  CYS A SG  1 
ATOM   359  N  N   . HIS A 1 57  ? 5.043   -24.126 -6.562  1.00 37.96 ? 57  HIS A N   1 
ATOM   360  C  CA  . HIS A 1 57  ? 6.459   -24.201 -6.194  1.00 39.93 ? 57  HIS A CA  1 
ATOM   361  C  C   . HIS A 1 57  ? 7.022   -25.627 -6.200  1.00 43.05 ? 57  HIS A C   1 
ATOM   362  O  O   . HIS A 1 57  ? 6.399   -26.560 -5.667  1.00 41.78 ? 57  HIS A O   1 
ATOM   363  C  CB  . HIS A 1 57  ? 6.703   -23.557 -4.827  1.00 40.53 ? 57  HIS A CB  1 
ATOM   364  C  CG  . HIS A 1 57  ? 8.122   -23.132 -4.605  1.00 46.63 ? 57  HIS A CG  1 
ATOM   365  N  ND1 . HIS A 1 57  ? 8.866   -23.545 -3.519  1.00 45.56 ? 57  HIS A ND1 1 
ATOM   366  C  CD2 . HIS A 1 57  ? 8.937   -22.334 -5.339  1.00 44.32 ? 57  HIS A CD2 1 
ATOM   367  C  CE1 . HIS A 1 57  ? 10.073  -23.013 -3.586  1.00 45.01 ? 57  HIS A CE1 1 
ATOM   368  N  NE2 . HIS A 1 57  ? 10.143  -22.277 -4.680  1.00 46.50 ? 57  HIS A NE2 1 
ATOM   369  N  N   . HIS A 1 58  ? 8.211   -25.771 -6.789  1.00 43.87 ? 58  HIS A N   1 
ATOM   370  C  CA  . HIS A 1 58  ? 8.856   -27.069 -6.973  1.00 45.34 ? 58  HIS A CA  1 
ATOM   371  C  C   . HIS A 1 58  ? 8.975   -27.875 -5.694  1.00 41.22 ? 58  HIS A C   1 
ATOM   372  O  O   . HIS A 1 58  ? 8.852   -29.081 -5.718  1.00 40.30 ? 58  HIS A O   1 
ATOM   373  C  CB  . HIS A 1 58  ? 10.250  -26.910 -7.608  1.00 47.91 ? 58  HIS A CB  1 
ATOM   374  C  CG  . HIS A 1 58  ? 11.256  -26.266 -6.705  1.00 46.68 ? 58  HIS A CG  1 
ATOM   375  N  ND1 . HIS A 1 58  ? 11.946  -26.966 -5.738  1.00 50.27 ? 58  HIS A ND1 1 
ATOM   376  C  CD2 . HIS A 1 58  ? 11.680  -24.982 -6.613  1.00 48.24 ? 58  HIS A CD2 1 
ATOM   377  C  CE1 . HIS A 1 58  ? 12.746  -26.140 -5.085  1.00 49.83 ? 58  HIS A CE1 1 
ATOM   378  N  NE2 . HIS A 1 58  ? 12.604  -24.930 -5.597  1.00 49.33 ? 58  HIS A NE2 1 
ATOM   379  N  N   . SER A 1 59  ? 9.222   -27.210 -4.576  1.00 42.83 ? 59  SER A N   1 
ATOM   380  C  CA  . SER A 1 59  ? 9.430   -27.912 -3.316  1.00 44.78 ? 59  SER A CA  1 
ATOM   381  C  C   . SER A 1 59  ? 8.141   -28.438 -2.662  1.00 44.78 ? 59  SER A C   1 
ATOM   382  O  O   . SER A 1 59  ? 8.209   -29.245 -1.750  1.00 46.42 ? 59  SER A O   1 
ATOM   383  C  CB  . SER A 1 59  ? 10.160  -27.002 -2.322  1.00 44.93 ? 59  SER A CB  1 
ATOM   384  O  OG  . SER A 1 59  ? 9.362   -25.872 -1.986  1.00 47.76 ? 59  SER A OG  1 
ATOM   385  N  N   . GLY A 1 60  ? 6.979   -27.951 -3.095  1.00 45.03 ? 60  GLY A N   1 
ATOM   386  C  CA  . GLY A 1 60  ? 5.726   -28.284 -2.435  1.00 41.12 ? 60  GLY A CA  1 
ATOM   387  C  C   . GLY A 1 60  ? 5.511   -27.481 -1.169  1.00 41.34 ? 60  GLY A C   1 
ATOM   388  O  O   . GLY A 1 60  ? 4.596   -27.745 -0.392  1.00 41.40 ? 60  GLY A O   1 
ATOM   389  N  N   . ASN A 1 61  ? 6.369   -26.494 -0.945  1.00 43.54 ? 61  ASN A N   1 
ATOM   390  C  CA  . ASN A 1 61  ? 6.138   -25.522 0.116   1.00 41.19 ? 61  ASN A CA  1 
ATOM   391  C  C   . ASN A 1 61  ? 5.902   -24.153 -0.504  1.00 39.47 ? 61  ASN A C   1 
ATOM   392  O  O   . ASN A 1 61  ? 6.015   -24.002 -1.707  1.00 40.25 ? 61  ASN A O   1 
ATOM   393  C  CB  . ASN A 1 61  ? 7.311   -25.489 1.091   1.00 45.87 ? 61  ASN A CB  1 
ATOM   394  C  CG  . ASN A 1 61  ? 7.497   -26.817 1.817   1.00 51.94 ? 61  ASN A CG  1 
ATOM   395  O  OD1 . ASN A 1 61  ? 6.607   -27.270 2.555   1.00 48.53 ? 61  ASN A OD1 1 
ATOM   396  N  ND2 . ASN A 1 61  ? 8.654   -27.448 1.606   1.00 52.45 ? 61  ASN A ND2 1 
ATOM   397  N  N   . THR A 1 62  ? 5.548   -23.158 0.300   1.00 39.82 ? 62  THR A N   1 
ATOM   398  C  CA  . THR A 1 62  ? 5.388   -21.817 -0.250  1.00 39.33 ? 62  THR A CA  1 
ATOM   399  C  C   . THR A 1 62  ? 6.743   -21.124 -0.339  1.00 39.99 ? 62  THR A C   1 
ATOM   400  O  O   . THR A 1 62  ? 7.674   -21.458 0.390   1.00 38.73 ? 62  THR A O   1 
ATOM   401  C  CB  . THR A 1 62  ? 4.451   -20.930 0.590   1.00 36.75 ? 62  THR A CB  1 
ATOM   402  O  OG1 . THR A 1 62  ? 4.782   -21.081 1.968   1.00 41.41 ? 62  THR A OG1 1 
ATOM   403  C  CG2 . THR A 1 62  ? 2.984   -21.338 0.401   1.00 39.82 ? 62  THR A CG2 1 
ATOM   404  N  N   . TYR A 1 63  ? 6.835   -20.165 -1.250  1.00 38.05 ? 63  TYR A N   1 
ATOM   405  C  CA  . TYR A 1 63  ? 8.005   -19.302 -1.387  1.00 39.28 ? 63  TYR A CA  1 
ATOM   406  C  C   . TYR A 1 63  ? 7.527   -17.877 -1.149  1.00 36.07 ? 63  TYR A C   1 
ATOM   407  O  O   . TYR A 1 63  ? 6.632   -17.400 -1.849  1.00 35.62 ? 63  TYR A O   1 
ATOM   408  C  CB  . TYR A 1 63  ? 8.595   -19.446 -2.787  1.00 37.35 ? 63  TYR A CB  1 
ATOM   409  C  CG  . TYR A 1 63  ? 9.687   -18.446 -3.132  1.00 40.66 ? 63  TYR A CG  1 
ATOM   410  C  CD1 . TYR A 1 63  ? 9.411   -17.333 -3.919  1.00 40.41 ? 63  TYR A CD1 1 
ATOM   411  C  CD2 . TYR A 1 63  ? 10.994  -18.624 -2.684  1.00 43.55 ? 63  TYR A CD2 1 
ATOM   412  C  CE1 . TYR A 1 63  ? 10.399  -16.420 -4.258  1.00 42.05 ? 63  TYR A CE1 1 
ATOM   413  C  CE2 . TYR A 1 63  ? 11.999  -17.709 -3.013  1.00 44.96 ? 63  TYR A CE2 1 
ATOM   414  C  CZ  . TYR A 1 63  ? 11.687  -16.605 -3.795  1.00 46.82 ? 63  TYR A CZ  1 
ATOM   415  O  OH  . TYR A 1 63  ? 12.662  -15.691 -4.137  1.00 51.52 ? 63  TYR A OH  1 
ATOM   416  N  N   . PHE A 1 64  ? 8.091   -17.227 -0.135  1.00 35.43 ? 64  PHE A N   1 
ATOM   417  C  CA  . PHE A 1 64  ? 7.712   -15.866 0.226   1.00 38.15 ? 64  PHE A CA  1 
ATOM   418  C  C   . PHE A 1 64  ? 8.975   -15.007 0.401   1.00 37.23 ? 64  PHE A C   1 
ATOM   419  O  O   . PHE A 1 64  ? 9.614   -15.023 1.449   1.00 36.15 ? 64  PHE A O   1 
ATOM   420  C  CB  . PHE A 1 64  ? 6.876   -15.862 1.511   1.00 34.69 ? 64  PHE A CB  1 
ATOM   421  C  CG  . PHE A 1 64  ? 6.208   -14.544 1.805   1.00 36.37 ? 64  PHE A CG  1 
ATOM   422  C  CD1 . PHE A 1 64  ? 5.844   -14.213 3.098   1.00 37.36 ? 64  PHE A CD1 1 
ATOM   423  C  CD2 . PHE A 1 64  ? 5.946   -13.645 0.797   1.00 34.06 ? 64  PHE A CD2 1 
ATOM   424  C  CE1 . PHE A 1 64  ? 5.231   -13.005 3.378   1.00 38.93 ? 64  PHE A CE1 1 
ATOM   425  C  CE2 . PHE A 1 64  ? 5.344   -12.447 1.065   1.00 33.43 ? 64  PHE A CE2 1 
ATOM   426  C  CZ  . PHE A 1 64  ? 4.982   -12.120 2.363   1.00 34.77 ? 64  PHE A CZ  1 
ATOM   427  N  N   . LEU A 1 65  ? 9.328   -14.271 -0.644  1.00 36.51 ? 65  LEU A N   1 
ATOM   428  C  CA  . LEU A 1 65  ? 10.495  -13.402 -0.612  1.00 36.57 ? 65  LEU A CA  1 
ATOM   429  C  C   . LEU A 1 65  ? 10.064  -11.977 -0.296  1.00 34.50 ? 65  LEU A C   1 
ATOM   430  O  O   . LEU A 1 65  ? 9.330   -11.354 -1.053  1.00 34.32 ? 65  LEU A O   1 
ATOM   431  C  CB  . LEU A 1 65  ? 11.217  -13.434 -1.957  1.00 38.84 ? 65  LEU A CB  1 
ATOM   432  C  CG  . LEU A 1 65  ? 12.281  -12.335 -2.104  1.00 42.94 ? 65  LEU A CG  1 
ATOM   433  C  CD1 . LEU A 1 65  ? 13.467  -12.604 -1.196  1.00 43.22 ? 65  LEU A CD1 1 
ATOM   434  C  CD2 . LEU A 1 65  ? 12.713  -12.185 -3.551  1.00 43.60 ? 65  LEU A CD2 1 
ATOM   435  N  N   . ARG A 1 66  ? 10.504  -11.474 0.840   1.00 31.90 ? 66  ARG A N   1 
ATOM   436  C  CA  . ARG A 1 66  ? 10.172  -10.124 1.246   1.00 35.12 ? 66  ARG A CA  1 
ATOM   437  C  C   . ARG A 1 66  ? 11.291  -9.168  0.827   1.00 38.77 ? 66  ARG A C   1 
ATOM   438  O  O   . ARG A 1 66  ? 12.448  -9.387  1.179   1.00 36.46 ? 66  ARG A O   1 
ATOM   439  C  CB  . ARG A 1 66  ? 9.999   -10.091 2.753   1.00 37.29 ? 66  ARG A CB  1 
ATOM   440  C  CG  . ARG A 1 66  ? 8.963   -11.131 3.221   1.00 39.86 ? 66  ARG A CG  1 
ATOM   441  C  CD  . ARG A 1 66  ? 7.602   -10.497 3.400   1.00 39.31 ? 66  ARG A CD  1 
ATOM   442  N  NE  . ARG A 1 66  ? 7.365   -10.347 4.830   1.00 47.52 ? 66  ARG A NE  1 
ATOM   443  C  CZ  . ARG A 1 66  ? 6.941   -9.237  5.419   1.00 43.08 ? 66  ARG A CZ  1 
ATOM   444  N  NH1 . ARG A 1 66  ? 6.668   -8.161  4.712   1.00 43.12 ? 66  ARG A NH1 1 
ATOM   445  N  NH2 . ARG A 1 66  ? 6.778   -9.222  6.727   1.00 47.49 ? 66  ARG A NH2 1 
ATOM   446  N  N   . LYS A 1 67  ? 10.925  -8.114  0.099   1.00 35.28 ? 67  LYS A N   1 
ATOM   447  C  CA  . LYS A 1 67  ? 11.865  -7.104  -0.402  1.00 37.78 ? 67  LYS A CA  1 
ATOM   448  C  C   . LYS A 1 67  ? 11.722  -5.799  0.367   1.00 37.44 ? 67  LYS A C   1 
ATOM   449  O  O   . LYS A 1 67  ? 10.704  -5.573  1.013   1.00 36.03 ? 67  LYS A O   1 
ATOM   450  C  CB  . LYS A 1 67  ? 11.576  -6.827  -1.871  1.00 37.47 ? 67  LYS A CB  1 
ATOM   451  C  CG  . LYS A 1 67  ? 11.653  -8.036  -2.791  1.00 35.74 ? 67  LYS A CG  1 
ATOM   452  C  CD  . LYS A 1 67  ? 10.940  -7.675  -4.079  1.00 38.00 ? 67  LYS A CD  1 
ATOM   453  C  CE  . LYS A 1 67  ? 11.164  -8.697  -5.164  1.00 41.11 ? 67  LYS A CE  1 
ATOM   454  N  NZ  . LYS A 1 67  ? 10.620  -8.192  -6.461  1.00 45.81 ? 67  LYS A NZ  1 
ATOM   455  N  N   . GLN A 1 68  ? 12.730  -4.935  0.300   1.00 35.10 ? 68  GLN A N   1 
ATOM   456  C  CA  . GLN A 1 68  ? 12.639  -3.640  0.964   1.00 36.14 ? 68  GLN A CA  1 
ATOM   457  C  C   . GLN A 1 68  ? 11.799  -2.746  0.083   1.00 35.01 ? 68  GLN A C   1 
ATOM   458  O  O   . GLN A 1 68  ? 12.048  -2.639  -1.116  1.00 33.65 ? 68  GLN A O   1 
ATOM   459  C  CB  . GLN A 1 68  ? 14.015  -2.990  1.157   1.00 37.29 ? 68  GLN A CB  1 
ATOM   460  C  CG  . GLN A 1 68  ? 15.066  -3.893  1.781   1.00 35.11 ? 68  GLN A CG  1 
ATOM   461  C  CD  . GLN A 1 68  ? 14.823  -4.154  3.245   1.00 37.57 ? 68  GLN A CD  1 
ATOM   462  O  OE1 . GLN A 1 68  ? 14.185  -3.363  3.925   1.00 37.84 ? 68  GLN A OE1 1 
ATOM   463  N  NE2 . GLN A 1 68  ? 15.334  -5.274  3.742   1.00 42.47 ? 68  GLN A NE2 1 
ATOM   464  N  N   . ALA A 1 69  ? 10.803  -2.113  0.682   1.00 33.44 ? 69  ALA A N   1 
ATOM   465  C  CA  . ALA A 1 69  ? 9.900   -1.249  -0.055  1.00 36.41 ? 69  ALA A CA  1 
ATOM   466  C  C   . ALA A 1 69  ? 10.671  -0.010  -0.529  1.00 36.61 ? 69  ALA A C   1 
ATOM   467  O  O   . ALA A 1 69  ? 11.420  0.609   0.248   1.00 35.34 ? 69  ALA A O   1 
ATOM   468  C  CB  . ALA A 1 69  ? 8.752   -0.833  0.838   1.00 34.26 ? 69  ALA A CB  1 
ATOM   469  N  N   . ASN A 1 70  ? 10.495  0.340   -1.795  1.00 33.35 ? 70  ASN A N   1 
ATOM   470  C  CA  . ASN A 1 70  ? 10.933  1.641   -2.285  1.00 34.72 ? 70  ASN A CA  1 
ATOM   471  C  C   . ASN A 1 70  ? 9.865   2.707   -2.011  1.00 36.62 ? 70  ASN A C   1 
ATOM   472  O  O   . ASN A 1 70  ? 8.781   2.377   -1.526  1.00 35.91 ? 70  ASN A O   1 
ATOM   473  C  CB  . ASN A 1 70  ? 11.317  1.569   -3.765  1.00 36.17 ? 70  ASN A CB  1 
ATOM   474  C  CG  . ASN A 1 70  ? 10.143  1.155   -4.679  1.00 40.37 ? 70  ASN A CG  1 
ATOM   475  O  OD1 . ASN A 1 70  ? 9.019   1.635   -4.526  1.00 40.12 ? 70  ASN A OD1 1 
ATOM   476  N  ND2 . ASN A 1 70  ? 10.419  0.260   -5.639  1.00 41.76 ? 70  ASN A ND2 1 
ATOM   477  N  N   . LEU A 1 71  ? 10.180  3.976   -2.285  1.00 33.33 ? 71  LEU A N   1 
ATOM   478  C  CA  . LEU A 1 71  ? 9.281   5.089   -1.966  1.00 36.03 ? 71  LEU A CA  1 
ATOM   479  C  C   . LEU A 1 71  ? 7.860   4.892   -2.535  1.00 31.88 ? 71  LEU A C   1 
ATOM   480  O  O   . LEU A 1 71  ? 6.851   5.133   -1.864  1.00 31.83 ? 71  LEU A O   1 
ATOM   481  C  CB  . LEU A 1 71  ? 9.860   6.408   -2.505  1.00 35.63 ? 71  LEU A CB  1 
ATOM   482  C  CG  . LEU A 1 71  ? 11.119  6.994   -1.874  1.00 35.39 ? 71  LEU A CG  1 
ATOM   483  C  CD1 . LEU A 1 71  ? 11.710  8.116   -2.771  1.00 37.34 ? 71  LEU A CD1 1 
ATOM   484  C  CD2 . LEU A 1 71  ? 10.797  7.508   -0.481  1.00 37.25 ? 71  LEU A CD2 1 
ATOM   485  N  N   . LYS A 1 72  ? 7.801   4.467   -3.783  1.00 32.95 ? 72  LYS A N   1 
ATOM   486  C  CA  . LYS A 1 72  ? 6.529   4.304   -4.439  1.00 34.52 ? 72  LYS A CA  1 
ATOM   487  C  C   . LYS A 1 72  ? 5.705   3.230   -3.706  1.00 36.60 ? 72  LYS A C   1 
ATOM   488  O  O   . LYS A 1 72  ? 4.547   3.455   -3.399  1.00 35.23 ? 72  LYS A O   1 
ATOM   489  C  CB  . LYS A 1 72  ? 6.726   3.953   -5.901  1.00 35.75 ? 72  LYS A CB  1 
ATOM   490  C  CG  . LYS A 1 72  ? 5.428   3.622   -6.593  1.00 38.60 ? 72  LYS A CG  1 
ATOM   491  C  CD  . LYS A 1 72  ? 5.625   2.793   -7.813  1.00 44.14 ? 72  LYS A CD  1 
ATOM   492  C  CE  . LYS A 1 72  ? 4.293   2.649   -8.566  1.00 47.25 ? 72  LYS A CE  1 
ATOM   493  N  NZ  . LYS A 1 72  ? 4.491   2.045   -9.913  1.00 48.53 ? 72  LYS A NZ  1 
ATOM   494  N  N   . GLU A 1 73  ? 6.326   2.095   -3.376  1.00 35.59 ? 73  GLU A N   1 
ATOM   495  C  CA  . GLU A 1 73  ? 5.623   1.021   -2.666  1.00 33.02 ? 73  GLU A CA  1 
ATOM   496  C  C   . GLU A 1 73  ? 5.077   1.463   -1.303  1.00 34.32 ? 73  GLU A C   1 
ATOM   497  O  O   . GLU A 1 73  ? 3.970   1.087   -0.905  1.00 34.92 ? 73  GLU A O   1 
ATOM   498  C  CB  . GLU A 1 73  ? 6.511   -0.224  -2.563  1.00 35.19 ? 73  GLU A CB  1 
ATOM   499  C  CG  . GLU A 1 73  ? 6.792   -0.836  -3.940  1.00 36.12 ? 73  GLU A CG  1 
ATOM   500  C  CD  . GLU A 1 73  ? 7.961   -1.811  -3.970  1.00 41.53 ? 73  GLU A CD  1 
ATOM   501  O  OE1 . GLU A 1 73  ? 8.964   -1.629  -3.223  1.00 38.52 ? 73  GLU A OE1 1 
ATOM   502  O  OE2 . GLU A 1 73  ? 7.879   -2.770  -4.768  1.00 44.46 ? 73  GLU A OE2 1 
HETATM 503  N  N   . MSE A 1 74  ? 5.840   2.272   -0.586  1.00 32.98 ? 74  MSE A N   1 
HETATM 504  C  CA  . MSE A 1 74  ? 5.371   2.793   0.688   1.00 34.57 ? 74  MSE A CA  1 
HETATM 505  C  C   . MSE A 1 74  ? 4.165   3.707   0.492   1.00 34.99 ? 74  MSE A C   1 
HETATM 506  O  O   . MSE A 1 74  ? 3.192   3.592   1.234   1.00 36.82 ? 74  MSE A O   1 
HETATM 507  C  CB  . MSE A 1 74  ? 6.472   3.573   1.419   1.00 36.49 ? 74  MSE A CB  1 
HETATM 508  C  CG  . MSE A 1 74  ? 7.671   2.746   1.854   1.00 41.22 ? 74  MSE A CG  1 
HETATM 509  SE SE  . MSE A 1 74  ? 9.110   3.939   2.580   1.00 53.33 ? 74  MSE A SE  1 
HETATM 510  C  CE  . MSE A 1 74  ? 10.190  2.522   3.396   1.00 41.08 ? 74  MSE A CE  1 
ATOM   511  N  N   . CYS A 1 75  ? 4.217   4.614   -0.488  1.00 31.63 ? 75  CYS A N   1 
ATOM   512  C  CA  . CYS A 1 75  ? 3.045   5.471   -0.717  1.00 32.86 ? 75  CYS A CA  1 
ATOM   513  C  C   . CYS A 1 75  ? 1.823   4.663   -1.123  1.00 32.92 ? 75  CYS A C   1 
ATOM   514  O  O   . CYS A 1 75  ? 0.728   4.890   -0.631  1.00 33.39 ? 75  CYS A O   1 
ATOM   515  C  CB  . CYS A 1 75  ? 3.312   6.533   -1.791  1.00 35.87 ? 75  CYS A CB  1 
ATOM   516  S  SG  . CYS A 1 75  ? 4.565   7.717   -1.320  1.00 37.63 ? 75  CYS A SG  1 
ATOM   517  N  N   . LEU A 1 76  ? 2.024   3.737   -2.050  1.00 33.67 ? 76  LEU A N   1 
ATOM   518  C  CA  . LEU A 1 76  ? 0.936   2.929   -2.554  1.00 35.19 ? 76  LEU A CA  1 
ATOM   519  C  C   . LEU A 1 76  ? 0.296   2.126   -1.416  1.00 37.78 ? 76  LEU A C   1 
ATOM   520  O  O   . LEU A 1 76  ? -0.918  2.171   -1.243  1.00 34.88 ? 76  LEU A O   1 
ATOM   521  C  CB  . LEU A 1 76  ? 1.415   2.023   -3.663  1.00 35.26 ? 76  LEU A CB  1 
ATOM   522  C  CG  . LEU A 1 76  ? 0.358   1.095   -4.253  1.00 40.02 ? 76  LEU A CG  1 
ATOM   523  C  CD1 . LEU A 1 76  ? -0.946  1.842   -4.502  1.00 40.48 ? 76  LEU A CD1 1 
ATOM   524  C  CD2 . LEU A 1 76  ? 0.892   0.487   -5.526  1.00 42.18 ? 76  LEU A CD2 1 
ATOM   525  N  N   . SER A 1 77  ? 1.109   1.429   -0.621  1.00 32.67 ? 77  SER A N   1 
ATOM   526  C  CA  . SER A 1 77  ? 0.558   0.641   0.476   1.00 34.21 ? 77  SER A CA  1 
ATOM   527  C  C   . SER A 1 77  ? -0.128  1.500   1.528   1.00 35.54 ? 77  SER A C   1 
ATOM   528  O  O   . SER A 1 77  ? -1.183  1.122   2.073   1.00 35.08 ? 77  SER A O   1 
ATOM   529  C  CB  . SER A 1 77  ? 1.622   -0.296  1.088   1.00 36.21 ? 77  SER A CB  1 
ATOM   530  O  OG  . SER A 1 77  ? 1.946   -1.320  0.141   1.00 34.95 ? 77  SER A OG  1 
ATOM   531  N  N   . ALA A 1 78  ? 0.464   2.660   1.807   1.00 33.13 ? 78  ALA A N   1 
ATOM   532  C  CA  . ALA A 1 78  ? -0.151  3.609   2.723   1.00 34.74 ? 78  ALA A CA  1 
ATOM   533  C  C   . ALA A 1 78  ? -1.532  4.060   2.233   1.00 35.89 ? 78  ALA A C   1 
ATOM   534  O  O   . ALA A 1 78  ? -2.495  4.060   2.993   1.00 36.23 ? 78  ALA A O   1 
ATOM   535  C  CB  . ALA A 1 78  ? 0.751   4.808   2.930   1.00 35.55 ? 78  ALA A CB  1 
ATOM   536  N  N   . LEU A 1 79  ? -1.606  4.451   0.964   1.00 35.64 ? 79  LEU A N   1 
ATOM   537  C  CA  . LEU A 1 79  ? -2.830  4.984   0.365   1.00 36.87 ? 79  LEU A CA  1 
ATOM   538  C  C   . LEU A 1 79  ? -3.921  3.922   0.219   1.00 37.54 ? 79  LEU A C   1 
ATOM   539  O  O   . LEU A 1 79  ? -5.079  4.202   0.478   1.00 37.54 ? 79  LEU A O   1 
ATOM   540  C  CB  . LEU A 1 79  ? -2.541  5.641   -0.989  1.00 34.33 ? 79  LEU A CB  1 
ATOM   541  C  CG  . LEU A 1 79  ? -1.943  7.047   -0.862  1.00 36.83 ? 79  LEU A CG  1 
ATOM   542  C  CD1 . LEU A 1 79  ? -1.585  7.664   -2.238  1.00 38.36 ? 79  LEU A CD1 1 
ATOM   543  C  CD2 . LEU A 1 79  ? -2.861  7.964   -0.067  1.00 35.42 ? 79  LEU A CD2 1 
ATOM   544  N  N   . ALA A 1 80  ? -3.531  2.708   -0.165  1.00 35.23 ? 80  ALA A N   1 
ATOM   545  C  CA  . ALA A 1 80  ? -4.446  1.579   -0.266  1.00 36.18 ? 80  ALA A CA  1 
ATOM   546  C  C   . ALA A 1 80  ? -5.058  1.288   1.093   1.00 40.13 ? 80  ALA A C   1 
ATOM   547  O  O   . ALA A 1 80  ? -6.289  1.121   1.217   1.00 37.37 ? 80  ALA A O   1 
ATOM   548  C  CB  . ALA A 1 80  ? -3.733  0.354   -0.773  1.00 34.76 ? 80  ALA A CB  1 
ATOM   549  N  N   . ASN A 1 81  ? -4.195  1.206   2.104   1.00 35.49 ? 81  ASN A N   1 
ATOM   550  C  CA  . ASN A 1 81  ? -4.667  0.937   3.444   1.00 36.68 ? 81  ASN A CA  1 
ATOM   551  C  C   . ASN A 1 81  ? -5.563  2.053   4.018   1.00 40.07 ? 81  ASN A C   1 
ATOM   552  O  O   . ASN A 1 81  ? -6.619  1.773   4.591   1.00 38.18 ? 81  ASN A O   1 
ATOM   553  C  CB  . ASN A 1 81  ? -3.503  0.581   4.377   1.00 38.78 ? 81  ASN A CB  1 
ATOM   554  C  CG  . ASN A 1 81  ? -3.086  -0.884  4.252   1.00 38.56 ? 81  ASN A CG  1 
ATOM   555  O  OD1 . ASN A 1 81  ? -3.687  -1.742  4.880   1.00 37.38 ? 81  ASN A OD1 1 
ATOM   556  N  ND2 . ASN A 1 81  ? -2.076  -1.173  3.411   1.00 33.99 ? 81  ASN A ND2 1 
ATOM   557  N  N   . LEU A 1 82  ? -5.143  3.307   3.872   1.00 37.57 ? 82  LEU A N   1 
ATOM   558  C  CA  . LEU A 1 82  ? -5.983  4.428   4.292   1.00 40.53 ? 82  LEU A CA  1 
ATOM   559  C  C   . LEU A 1 82  ? -7.358  4.452   3.586   1.00 39.94 ? 82  LEU A C   1 
ATOM   560  O  O   . LEU A 1 82  ? -8.396  4.652   4.230   1.00 42.46 ? 82  LEU A O   1 
ATOM   561  C  CB  . LEU A 1 82  ? -5.255  5.751   4.079   1.00 40.60 ? 82  LEU A CB  1 
ATOM   562  C  CG  . LEU A 1 82  ? -4.169  6.060   5.116   1.00 40.12 ? 82  LEU A CG  1 
ATOM   563  C  CD1 . LEU A 1 82  ? -3.259  7.132   4.613   1.00 39.17 ? 82  LEU A CD1 1 
ATOM   564  C  CD2 . LEU A 1 82  ? -4.776  6.447   6.447   1.00 41.44 ? 82  LEU A CD2 1 
ATOM   565  N  N   . THR A 1 83  ? -7.349  4.237   2.276   1.00 37.91 ? 83  THR A N   1 
ATOM   566  C  CA  . THR A 1 83  ? -8.574  4.170   1.489   1.00 39.64 ? 83  THR A CA  1 
ATOM   567  C  C   . THR A 1 83  ? -9.484  3.069   2.034   1.00 42.39 ? 83  THR A C   1 
ATOM   568  O  O   . THR A 1 83  ? -10.657 3.311   2.308   1.00 41.66 ? 83  THR A O   1 
ATOM   569  C  CB  . THR A 1 83  ? -8.291  3.923   -0.016  1.00 39.74 ? 83  THR A CB  1 
ATOM   570  O  OG1 . THR A 1 83  ? -7.443  4.958   -0.537  1.00 39.92 ? 83  THR A OG1 1 
ATOM   571  C  CG2 . THR A 1 83  ? -9.591  3.919   -0.816  1.00 40.44 ? 83  THR A CG2 1 
ATOM   572  N  N   . TRP A 1 84  ? -8.928  1.872   2.214   1.00 40.57 ? 84  TRP A N   1 
ATOM   573  C  CA  . TRP A 1 84  ? -9.692  0.739   2.712   1.00 39.50 ? 84  TRP A CA  1 
ATOM   574  C  C   . TRP A 1 84  ? -10.313 0.986   4.086   1.00 42.69 ? 84  TRP A C   1 
ATOM   575  O  O   . TRP A 1 84  ? -11.522 0.777   4.287   1.00 42.03 ? 84  TRP A O   1 
ATOM   576  C  CB  . TRP A 1 84  ? -8.845  -0.530  2.753   1.00 36.88 ? 84  TRP A CB  1 
ATOM   577  C  CG  . TRP A 1 84  ? -9.642  -1.721  3.266   1.00 39.27 ? 84  TRP A CG  1 
ATOM   578  C  CD1 . TRP A 1 84  ? -9.536  -2.316  4.486   1.00 39.61 ? 84  TRP A CD1 1 
ATOM   579  C  CD2 . TRP A 1 84  ? -10.686 -2.415  2.568   1.00 37.08 ? 84  TRP A CD2 1 
ATOM   580  N  NE1 . TRP A 1 84  ? -10.444 -3.350  4.590   1.00 40.85 ? 84  TRP A NE1 1 
ATOM   581  C  CE2 . TRP A 1 84  ? -11.161 -3.429  3.426   1.00 37.87 ? 84  TRP A CE2 1 
ATOM   582  C  CE3 . TRP A 1 84  ? -11.271 -2.270  1.302   1.00 36.83 ? 84  TRP A CE3 1 
ATOM   583  C  CZ2 . TRP A 1 84  ? -12.187 -4.298  3.060   1.00 38.12 ? 84  TRP A CZ2 1 
ATOM   584  C  CZ3 . TRP A 1 84  ? -12.288 -3.143  0.936   1.00 40.85 ? 84  TRP A CZ3 1 
ATOM   585  C  CH2 . TRP A 1 84  ? -12.736 -4.145  1.816   1.00 37.51 ? 84  TRP A CH2 1 
ATOM   586  N  N   . GLN A 1 85  ? -9.491  1.419   5.035   1.00 41.89 ? 85  GLN A N   1 
ATOM   587  C  CA  . GLN A 1 85  ? -10.010 1.740   6.357   1.00 44.25 ? 85  GLN A CA  1 
ATOM   588  C  C   . GLN A 1 85  ? -11.154 2.727   6.240   1.00 45.69 ? 85  GLN A C   1 
ATOM   589  O  O   . GLN A 1 85  ? -12.171 2.569   6.896   1.00 46.49 ? 85  GLN A O   1 
ATOM   590  C  CB  . GLN A 1 85  ? -8.942  2.330   7.271   1.00 44.43 ? 85  GLN A CB  1 
ATOM   591  C  CG  . GLN A 1 85  ? -8.222  1.316   8.150   1.00 49.89 ? 85  GLN A CG  1 
ATOM   592  C  CD  . GLN A 1 85  ? -7.120  0.574   7.414   1.00 51.43 ? 85  GLN A CD  1 
ATOM   593  O  OE1 . GLN A 1 85  ? -7.308  0.124   6.275   1.00 51.25 ? 85  GLN A OE1 1 
ATOM   594  N  NE2 . GLN A 1 85  ? -5.950  0.447   8.056   1.00 50.22 ? 85  GLN A NE2 1 
ATOM   595  N  N   . SER A 1 86  ? -10.982 3.755   5.414   1.00 44.50 ? 86  SER A N   1 
ATOM   596  C  CA  . SER A 1 86  ? -12.000 4.793   5.351   1.00 47.46 ? 86  SER A CA  1 
ATOM   597  C  C   . SER A 1 86  ? -13.319 4.274   4.757   1.00 47.28 ? 86  SER A C   1 
ATOM   598  O  O   . SER A 1 86  ? -14.401 4.538   5.284   1.00 48.00 ? 86  SER A O   1 
ATOM   599  C  CB  . SER A 1 86  ? -11.487 6.009   4.584   1.00 46.72 ? 86  SER A CB  1 
ATOM   600  O  OG  . SER A 1 86  ? -12.480 7.011   4.507   1.00 47.90 ? 86  SER A OG  1 
ATOM   601  N  N   . ARG A 1 87  ? -13.207 3.533   3.662   1.00 43.90 ? 87  ARG A N   1 
ATOM   602  C  CA  . ARG A 1 87  ? -14.345 2.916   3.003   1.00 43.19 ? 87  ARG A CA  1 
ATOM   603  C  C   . ARG A 1 87  ? -15.131 2.025   3.963   1.00 47.38 ? 87  ARG A C   1 
ATOM   604  O  O   . ARG A 1 87  ? -16.359 2.034   3.951   1.00 48.45 ? 87  ARG A O   1 
ATOM   605  C  CB  . ARG A 1 87  ? -13.873 2.103   1.798   1.00 42.93 ? 87  ARG A CB  1 
ATOM   606  C  CG  . ARG A 1 87  ? -14.931 1.277   1.105   1.00 44.09 ? 87  ARG A CG  1 
ATOM   607  C  CD  . ARG A 1 87  ? -14.296 0.450   -0.013  1.00 43.90 ? 87  ARG A CD  1 
ATOM   608  N  NE  . ARG A 1 87  ? -13.574 1.282   -0.976  1.00 41.77 ? 87  ARG A NE  1 
ATOM   609  C  CZ  . ARG A 1 87  ? -12.927 0.812   -2.041  1.00 42.52 ? 87  ARG A CZ  1 
ATOM   610  N  NH1 . ARG A 1 87  ? -12.900 -0.491  -2.293  1.00 41.63 ? 87  ARG A NH1 1 
ATOM   611  N  NH2 . ARG A 1 87  ? -12.294 1.646   -2.855  1.00 43.96 ? 87  ARG A NH2 1 
ATOM   612  N  N   . THR A 1 88  ? -14.437 1.263   4.805   1.00 46.19 ? 88  THR A N   1 
ATOM   613  C  CA  . THR A 1 88  ? -15.144 0.296   5.641   1.00 47.60 ? 88  THR A CA  1 
ATOM   614  C  C   . THR A 1 88  ? -15.451 0.762   7.059   1.00 47.83 ? 88  THR A C   1 
ATOM   615  O  O   . THR A 1 88  ? -16.147 0.076   7.796   1.00 49.45 ? 88  THR A O   1 
ATOM   616  C  CB  . THR A 1 88  ? -14.415 -1.047  5.700   1.00 45.60 ? 88  THR A CB  1 
ATOM   617  O  OG1 . THR A 1 88  ? -13.103 -0.847  6.243   1.00 46.69 ? 88  THR A OG1 1 
ATOM   618  C  CG2 . THR A 1 88  ? -14.319 -1.645  4.303   1.00 42.36 ? 88  THR A CG2 1 
ATOM   619  N  N   . GLN A 1 89  ? -14.959 1.928   7.443   1.00 48.46 ? 89  GLN A N   1 
ATOM   620  C  CA  . GLN A 1 89  ? -15.151 2.375   8.819   1.00 49.69 ? 89  GLN A CA  1 
ATOM   621  C  C   . GLN A 1 89  ? -15.713 3.794   8.968   1.00 52.74 ? 89  GLN A C   1 
ATOM   622  O  O   . GLN A 1 89  ? -16.209 4.154   10.034  1.00 53.14 ? 89  GLN A O   1 
ATOM   623  C  CB  . GLN A 1 89  ? -13.849 2.239   9.610   1.00 50.81 ? 89  GLN A CB  1 
ATOM   624  C  CG  . GLN A 1 89  ? -13.380 0.805   9.778   1.00 54.62 ? 89  GLN A CG  1 
ATOM   625  C  CD  . GLN A 1 89  ? -12.104 0.697   10.593  1.00 58.23 ? 89  GLN A CD  1 
ATOM   626  O  OE1 . GLN A 1 89  ? -11.670 1.666   11.227  1.00 62.28 ? 89  GLN A OE1 1 
ATOM   627  N  NE2 . GLN A 1 89  ? -11.489 -0.486  10.577  1.00 61.01 ? 89  GLN A NE2 1 
ATOM   628  N  N   . ASP A 1 90  ? -15.627 4.595   7.910   1.00 51.57 ? 90  ASP A N   1 
ATOM   629  C  CA  . ASP A 1 90  ? -16.088 5.981   7.966   1.00 53.06 ? 90  ASP A CA  1 
ATOM   630  C  C   . ASP A 1 90  ? -17.505 6.139   7.429   1.00 54.37 ? 90  ASP A C   1 
ATOM   631  O  O   . ASP A 1 90  ? -17.857 5.590   6.384   1.00 50.80 ? 90  ASP A O   1 
ATOM   632  C  CB  . ASP A 1 90  ? -15.156 6.916   7.182   1.00 53.09 ? 90  ASP A CB  1 
ATOM   633  C  CG  . ASP A 1 90  ? -13.810 7.118   7.862   1.00 54.91 ? 90  ASP A CG  1 
ATOM   634  O  OD1 . ASP A 1 90  ? -13.648 6.680   9.023   1.00 55.02 ? 90  ASP A OD1 1 
ATOM   635  O  OD2 . ASP A 1 90  ? -12.915 7.732   7.237   1.00 54.35 ? 90  ASP A OD2 1 
ATOM   636  N  N   . GLU A 1 91  ? -18.312 6.904   8.155   1.00 56.54 ? 91  GLU A N   1 
ATOM   637  C  CA  . GLU A 1 91  ? -19.633 7.281   7.686   1.00 58.06 ? 91  GLU A CA  1 
ATOM   638  C  C   . GLU A 1 91  ? -19.506 7.911   6.300   1.00 57.79 ? 91  GLU A C   1 
ATOM   639  O  O   . GLU A 1 91  ? -20.256 7.574   5.381   1.00 56.94 ? 91  GLU A O   1 
ATOM   640  C  CB  . GLU A 1 91  ? -20.265 8.258   8.679   1.00 63.08 ? 91  GLU A CB  1 
ATOM   641  C  CG  . GLU A 1 91  ? -21.685 8.688   8.348   1.00 66.36 ? 91  GLU A CG  1 
ATOM   642  C  CD  . GLU A 1 91  ? -22.325 9.482   9.477   1.00 68.44 ? 91  GLU A CD  1 
ATOM   643  O  OE1 . GLU A 1 91  ? -21.774 10.544  9.865   1.00 68.12 ? 91  GLU A OE1 1 
ATOM   644  O  OE2 . GLU A 1 91  ? -23.378 9.036   9.981   1.00 71.39 ? 91  GLU A OE2 1 
ATOM   645  N  N   . HIS A 1 92  ? -18.530 8.805   6.150   1.00 56.31 ? 92  HIS A N   1 
ATOM   646  C  CA  . HIS A 1 92  ? -18.303 9.497   4.884   1.00 56.70 ? 92  HIS A CA  1 
ATOM   647  C  C   . HIS A 1 92  ? -16.880 9.278   4.370   1.00 54.02 ? 92  HIS A C   1 
ATOM   648  O  O   . HIS A 1 92  ? -15.995 10.092  4.631   1.00 51.21 ? 92  HIS A O   1 
ATOM   649  C  CB  . HIS A 1 92  ? -18.571 10.996  5.037   1.00 58.23 ? 92  HIS A CB  1 
ATOM   650  C  CG  . HIS A 1 92  ? -19.981 11.320  5.426   1.00 60.39 ? 92  HIS A CG  1 
ATOM   651  N  ND1 . HIS A 1 92  ? -20.352 11.594  6.726   1.00 60.66 ? 92  HIS A ND1 1 
ATOM   652  C  CD2 . HIS A 1 92  ? -21.110 11.413  4.684   1.00 60.37 ? 92  HIS A CD2 1 
ATOM   653  C  CE1 . HIS A 1 92  ? -21.648 11.843  6.767   1.00 61.42 ? 92  HIS A CE1 1 
ATOM   654  N  NE2 . HIS A 1 92  ? -22.133 11.737  5.543   1.00 60.84 ? 92  HIS A NE2 1 
ATOM   655  N  N   . PRO A 1 93  ? -16.670 8.186   3.622   1.00 52.99 ? 93  PRO A N   1 
ATOM   656  C  CA  . PRO A 1 93  ? -15.340 7.722   3.216   1.00 51.16 ? 93  PRO A CA  1 
ATOM   657  C  C   . PRO A 1 93  ? -14.600 8.713   2.327   1.00 50.46 ? 93  PRO A C   1 
ATOM   658  O  O   . PRO A 1 93  ? -15.191 9.313   1.415   1.00 49.19 ? 93  PRO A O   1 
ATOM   659  C  CB  . PRO A 1 93  ? -15.637 6.430   2.443   1.00 48.91 ? 93  PRO A CB  1 
ATOM   660  C  CG  . PRO A 1 93  ? -16.960 5.974   2.960   1.00 52.95 ? 93  PRO A CG  1 
ATOM   661  C  CD  . PRO A 1 93  ? -17.724 7.257   3.180   1.00 53.38 ? 93  PRO A CD  1 
ATOM   662  N  N   . LYS A 1 94  ? -13.306 8.871   2.608   1.00 49.10 ? 94  LYS A N   1 
ATOM   663  C  CA  . LYS A 1 94  ? -12.434 9.785   1.867   1.00 49.36 ? 94  LYS A CA  1 
ATOM   664  C  C   . LYS A 1 94  ? -11.610 9.009   0.857   1.00 46.54 ? 94  LYS A C   1 
ATOM   665  O  O   . LYS A 1 94  ? -11.267 7.846   1.079   1.00 45.93 ? 94  LYS A O   1 
ATOM   666  C  CB  . LYS A 1 94  ? -11.486 10.518  2.829   1.00 46.78 ? 94  LYS A CB  1 
ATOM   667  C  CG  . LYS A 1 94  ? -12.179 11.092  4.047   1.00 51.57 ? 94  LYS A CG  1 
ATOM   668  C  CD  . LYS A 1 94  ? -11.227 11.880  4.948   1.00 54.63 ? 94  LYS A CD  1 
ATOM   669  C  CE  . LYS A 1 94  ? -10.431 10.967  5.865   1.00 54.03 ? 94  LYS A CE  1 
ATOM   670  N  NZ  . LYS A 1 94  ? -9.597  11.749  6.835   1.00 58.71 ? 94  LYS A NZ  1 
ATOM   671  N  N   . THR A 1 95  ? -11.275 9.646   -0.252  1.00 46.46 ? 95  THR A N   1 
ATOM   672  C  CA  . THR A 1 95  ? -10.380 9.009   -1.199  1.00 45.10 ? 95  THR A CA  1 
ATOM   673  C  C   . THR A 1 95  ? -9.094  9.814   -1.373  1.00 45.46 ? 95  THR A C   1 
ATOM   674  O  O   . THR A 1 95  ? -8.201  9.428   -2.118  1.00 46.06 ? 95  THR A O   1 
ATOM   675  C  CB  . THR A 1 95  ? -11.064 8.817   -2.546  1.00 47.67 ? 95  THR A CB  1 
ATOM   676  O  OG1 . THR A 1 95  ? -11.535 10.084  -3.017  1.00 51.79 ? 95  THR A OG1 1 
ATOM   677  C  CG2 . THR A 1 95  ? -12.243 7.850   -2.399  1.00 46.37 ? 95  THR A CG2 1 
HETATM 678  N  N   . MSE A 1 96  ? -9.011  10.939  -0.680  1.00 45.07 ? 96  MSE A N   1 
HETATM 679  C  CA  . MSE A 1 96  ? -7.872  11.840  -0.799  1.00 44.78 ? 96  MSE A CA  1 
HETATM 680  C  C   . MSE A 1 96  ? -7.311  12.041  0.580   1.00 43.76 ? 96  MSE A C   1 
HETATM 681  O  O   . MSE A 1 96  ? -8.059  12.310  1.509   1.00 44.03 ? 96  MSE A O   1 
HETATM 682  C  CB  . MSE A 1 96  ? -8.319  13.190  -1.359  1.00 47.42 ? 96  MSE A CB  1 
HETATM 683  C  CG  . MSE A 1 96  ? -8.831  13.098  -2.765  1.00 46.42 ? 96  MSE A CG  1 
HETATM 684  SE SE  . MSE A 1 96  ? -7.436  12.564  -3.992  1.00 56.30 ? 96  MSE A SE  1 
HETATM 685  C  CE  . MSE A 1 96  ? -8.271  10.998  -4.832  1.00 54.20 ? 96  MSE A CE  1 
ATOM   686  N  N   . PHE A 1 97  ? -5.996  11.915  0.723   1.00 43.56 ? 97  PHE A N   1 
ATOM   687  C  CA  . PHE A 1 97  ? -5.413  11.946  2.055   1.00 43.04 ? 97  PHE A CA  1 
ATOM   688  C  C   . PHE A 1 97  ? -4.267  12.947  2.211   1.00 41.22 ? 97  PHE A C   1 
ATOM   689  O  O   . PHE A 1 97  ? -3.535  13.227  1.278   1.00 41.37 ? 97  PHE A O   1 
ATOM   690  C  CB  . PHE A 1 97  ? -4.997  10.535  2.478   1.00 40.37 ? 97  PHE A CB  1 
ATOM   691  C  CG  . PHE A 1 97  ? -6.142  9.577   2.554   1.00 40.83 ? 97  PHE A CG  1 
ATOM   692  C  CD1 . PHE A 1 97  ? -6.485  8.801   1.460   1.00 38.65 ? 97  PHE A CD1 1 
ATOM   693  C  CD2 . PHE A 1 97  ? -6.890  9.466   3.719   1.00 40.08 ? 97  PHE A CD2 1 
ATOM   694  C  CE1 . PHE A 1 97  ? -7.556  7.914   1.536   1.00 42.57 ? 97  PHE A CE1 1 
ATOM   695  C  CE2 . PHE A 1 97  ? -7.955  8.593   3.798   1.00 41.95 ? 97  PHE A CE2 1 
ATOM   696  C  CZ  . PHE A 1 97  ? -8.288  7.809   2.705   1.00 41.41 ? 97  PHE A CZ  1 
ATOM   697  N  N   . SER A 1 98  ? -4.150  13.481  3.415   1.00 44.27 ? 98  SER A N   1 
ATOM   698  C  CA  . SER A 1 98  ? -3.174  14.503  3.734   1.00 46.60 ? 98  SER A CA  1 
ATOM   699  C  C   . SER A 1 98  ? -1.779  13.906  3.785   1.00 44.07 ? 98  SER A C   1 
ATOM   700  O  O   . SER A 1 98  ? -1.538  12.908  4.470   1.00 42.18 ? 98  SER A O   1 
ATOM   701  C  CB  . SER A 1 98  ? -3.517  15.136  5.086   1.00 47.81 ? 98  SER A CB  1 
ATOM   702  O  OG  . SER A 1 98  ? -2.449  15.922  5.576   1.00 49.63 ? 98  SER A OG  1 
ATOM   703  N  N   . LYS A 1 99  ? -0.864  14.521  3.052   1.00 45.83 ? 99  LYS A N   1 
ATOM   704  C  CA  . LYS A 1 99  ? 0.539   14.117  3.088   1.00 44.90 ? 99  LYS A CA  1 
ATOM   705  C  C   . LYS A 1 99  ? 1.051   14.102  4.526   1.00 44.88 ? 99  LYS A C   1 
ATOM   706  O  O   . LYS A 1 99  ? 1.608   13.109  4.981   1.00 43.13 ? 99  LYS A O   1 
ATOM   707  C  CB  . LYS A 1 99  ? 1.367   15.062  2.220   1.00 47.00 ? 99  LYS A CB  1 
ATOM   708  C  CG  . LYS A 1 99  ? 2.756   14.568  1.859   1.00 46.90 ? 99  LYS A CG  1 
ATOM   709  C  CD  . LYS A 1 99  ? 3.807   15.252  2.708   1.00 47.68 ? 99  LYS A CD  1 
ATOM   710  C  CE  . LYS A 1 99  ? 3.863   16.729  2.423   1.00 48.25 ? 99  LYS A CE  1 
ATOM   711  N  NZ  . LYS A 1 99  ? 4.899   17.383  3.256   1.00 48.00 ? 99  LYS A NZ  1 
ATOM   712  N  N   . ASP A 1 100 ? 0.822   15.192  5.256   1.00 45.89 ? 100 ASP A N   1 
ATOM   713  C  CA  . ASP A 1 100 ? 1.358   15.338  6.607   1.00 46.85 ? 100 ASP A CA  1 
ATOM   714  C  C   . ASP A 1 100 ? 0.503   14.716  7.711   1.00 48.40 ? 100 ASP A C   1 
ATOM   715  O  O   . ASP A 1 100 ? 1.034   14.232  8.710   1.00 48.84 ? 100 ASP A O   1 
ATOM   716  C  CB  . ASP A 1 100 ? 1.585   16.817  6.941   1.00 51.25 ? 100 ASP A CB  1 
ATOM   717  C  CG  . ASP A 1 100 ? 2.647   17.466  6.062   1.00 53.74 ? 100 ASP A CG  1 
ATOM   718  O  OD1 . ASP A 1 100 ? 3.570   16.756  5.587   1.00 52.56 ? 100 ASP A OD1 1 
ATOM   719  O  OD2 . ASP A 1 100 ? 2.553   18.697  5.850   1.00 56.50 ? 100 ASP A OD2 1 
ATOM   720  N  N   . LYS A 1 101 ? -0.817  14.741  7.551   1.00 47.96 ? 101 LYS A N   1 
ATOM   721  C  CA  . LYS A 1 101 ? -1.691  14.239  8.609   1.00 46.40 ? 101 LYS A CA  1 
ATOM   722  C  C   . LYS A 1 101 ? -1.977  12.748  8.467   1.00 44.53 ? 101 LYS A C   1 
ATOM   723  O  O   . LYS A 1 101 ? -2.190  12.053  9.458   1.00 48.00 ? 101 LYS A O   1 
ATOM   724  C  CB  . LYS A 1 101 ? -2.981  15.065  8.693   1.00 49.77 ? 101 LYS A CB  1 
ATOM   725  C  CG  . LYS A 1 101 ? -2.704  16.566  8.786   1.00 54.65 ? 101 LYS A CG  1 
ATOM   726  C  CD  . LYS A 1 101 ? -3.947  17.396  9.090   1.00 62.77 ? 101 LYS A CD  1 
ATOM   727  C  CE  . LYS A 1 101 ? -3.565  18.846  9.417   1.00 65.95 ? 101 LYS A CE  1 
ATOM   728  N  NZ  . LYS A 1 101 ? -4.716  19.648  9.941   1.00 67.90 ? 101 LYS A NZ  1 
ATOM   729  N  N   . ASP A 1 102 ? -1.938  12.237  7.245   1.00 44.35 ? 102 ASP A N   1 
ATOM   730  C  CA  . ASP A 1 102 ? -2.293  10.832  7.028   1.00 43.44 ? 102 ASP A CA  1 
ATOM   731  C  C   . ASP A 1 102 ? -1.140  9.927   6.569   1.00 42.23 ? 102 ASP A C   1 
ATOM   732  O  O   . ASP A 1 102 ? -0.853  8.894   7.181   1.00 41.63 ? 102 ASP A O   1 
ATOM   733  C  CB  . ASP A 1 102 ? -3.437  10.736  6.014   1.00 44.37 ? 102 ASP A CB  1 
ATOM   734  C  CG  . ASP A 1 102 ? -4.625  11.618  6.379   1.00 46.04 ? 102 ASP A CG  1 
ATOM   735  O  OD1 . ASP A 1 102 ? -5.133  11.479  7.506   1.00 48.09 ? 102 ASP A OD1 1 
ATOM   736  O  OD2 . ASP A 1 102 ? -5.042  12.451  5.538   1.00 48.36 ? 102 ASP A OD2 1 
ATOM   737  N  N   . ILE A 1 103 ? -0.496  10.303  5.472   1.00 42.43 ? 103 ILE A N   1 
ATOM   738  C  CA  . ILE A 1 103 ? 0.397   9.378   4.781   1.00 41.33 ? 103 ILE A CA  1 
ATOM   739  C  C   . ILE A 1 103 ? 1.721   9.164   5.531   1.00 40.47 ? 103 ILE A C   1 
ATOM   740  O  O   . ILE A 1 103 ? 2.128   8.035   5.803   1.00 39.21 ? 103 ILE A O   1 
ATOM   741  C  CB  . ILE A 1 103 ? 0.664   9.860   3.354   1.00 41.12 ? 103 ILE A CB  1 
ATOM   742  C  CG1 . ILE A 1 103 ? -0.658  10.069  2.610   1.00 43.29 ? 103 ILE A CG1 1 
ATOM   743  C  CG2 . ILE A 1 103 ? 1.553   8.882   2.606   1.00 37.99 ? 103 ILE A CG2 1 
ATOM   744  C  CD1 . ILE A 1 103 ? -0.476  10.423  1.113   1.00 40.54 ? 103 ILE A CD1 1 
ATOM   745  N  N   . ILE A 1 104 ? 2.393   10.256  5.859   1.00 40.95 ? 104 ILE A N   1 
ATOM   746  C  CA  . ILE A 1 104 ? 3.639   10.166  6.609   1.00 43.49 ? 104 ILE A CA  1 
ATOM   747  C  C   . ILE A 1 104 ? 3.459   9.413   7.945   1.00 44.23 ? 104 ILE A C   1 
ATOM   748  O  O   . ILE A 1 104 ? 4.230   8.508   8.253   1.00 42.26 ? 104 ILE A O   1 
ATOM   749  C  CB  . ILE A 1 104 ? 4.253   11.564  6.817   1.00 42.64 ? 104 ILE A CB  1 
ATOM   750  C  CG1 . ILE A 1 104 ? 4.785   12.085  5.475   1.00 41.53 ? 104 ILE A CG1 1 
ATOM   751  C  CG2 . ILE A 1 104 ? 5.315   11.505  7.911   1.00 44.24 ? 104 ILE A CG2 1 
ATOM   752  C  CD1 . ILE A 1 104 ? 5.440   13.429  5.526   1.00 43.72 ? 104 ILE A CD1 1 
ATOM   753  N  N   . PRO A 1 105 ? 2.421   9.771   8.733   1.00 44.79 ? 105 PRO A N   1 
ATOM   754  C  CA  . PRO A 1 105 ? 2.156   9.030   9.975   1.00 43.04 ? 105 PRO A CA  1 
ATOM   755  C  C   . PRO A 1 105 ? 1.901   7.547   9.736   1.00 42.53 ? 105 PRO A C   1 
ATOM   756  O  O   . PRO A 1 105 ? 2.318   6.723   10.543  1.00 44.02 ? 105 PRO A O   1 
ATOM   757  C  CB  . PRO A 1 105 ? 0.892   9.708   10.520  1.00 42.20 ? 105 PRO A CB  1 
ATOM   758  C  CG  . PRO A 1 105 ? 0.962   11.082  9.991   1.00 42.95 ? 105 PRO A CG  1 
ATOM   759  C  CD  . PRO A 1 105 ? 1.546   10.949  8.608   1.00 42.69 ? 105 PRO A CD  1 
ATOM   760  N  N   . PHE A 1 106 ? 1.218   7.192   8.655   1.00 40.58 ? 106 PHE A N   1 
ATOM   761  C  CA  . PHE A 1 106 ? 1.043   5.771   8.360   1.00 42.13 ? 106 PHE A CA  1 
ATOM   762  C  C   . PHE A 1 106 ? 2.393   5.093   8.099   1.00 41.30 ? 106 PHE A C   1 
ATOM   763  O  O   . PHE A 1 106 ? 2.683   4.020   8.622   1.00 40.18 ? 106 PHE A O   1 
ATOM   764  C  CB  . PHE A 1 106 ? 0.130   5.559   7.148   1.00 39.91 ? 106 PHE A CB  1 
ATOM   765  C  CG  . PHE A 1 106 ? -0.158  4.100   6.849   1.00 39.60 ? 106 PHE A CG  1 
ATOM   766  C  CD1 . PHE A 1 106 ? 0.758   3.323   6.168   1.00 37.32 ? 106 PHE A CD1 1 
ATOM   767  C  CD2 . PHE A 1 106 ? -1.356  3.516   7.243   1.00 37.58 ? 106 PHE A CD2 1 
ATOM   768  C  CE1 . PHE A 1 106 ? 0.491   1.990   5.892   1.00 37.27 ? 106 PHE A CE1 1 
ATOM   769  C  CE2 . PHE A 1 106 ? -1.619  2.191   6.956   1.00 40.97 ? 106 PHE A CE2 1 
ATOM   770  C  CZ  . PHE A 1 106 ? -0.692  1.428   6.275   1.00 37.14 ? 106 PHE A CZ  1 
ATOM   771  N  N   . ILE A 1 107 ? 3.207   5.717   7.260   1.00 41.32 ? 107 ILE A N   1 
ATOM   772  C  CA  . ILE A 1 107 ? 4.496   5.133   6.918   1.00 42.36 ? 107 ILE A CA  1 
ATOM   773  C  C   . ILE A 1 107 ? 5.370   4.967   8.166   1.00 42.83 ? 107 ILE A C   1 
ATOM   774  O  O   . ILE A 1 107 ? 6.010   3.931   8.343   1.00 44.70 ? 107 ILE A O   1 
ATOM   775  C  CB  . ILE A 1 107 ? 5.196   5.930   5.815   1.00 40.82 ? 107 ILE A CB  1 
ATOM   776  C  CG1 . ILE A 1 107 ? 4.383   5.804   4.522   1.00 39.54 ? 107 ILE A CG1 1 
ATOM   777  C  CG2 . ILE A 1 107 ? 6.650   5.447   5.629   1.00 41.78 ? 107 ILE A CG2 1 
ATOM   778  C  CD1 . ILE A 1 107 ? 4.896   6.598   3.368   1.00 36.05 ? 107 ILE A CD1 1 
ATOM   779  N  N   . ASP A 1 108 ? 5.360   5.970   9.037   1.00 42.01 ? 108 ASP A N   1 
ATOM   780  C  CA  . ASP A 1 108 ? 6.051   5.895   10.327  1.00 45.54 ? 108 ASP A CA  1 
ATOM   781  C  C   . ASP A 1 108 ? 5.538   4.766   11.207  1.00 46.03 ? 108 ASP A C   1 
ATOM   782  O  O   . ASP A 1 108 ? 6.307   3.946   11.702  1.00 46.64 ? 108 ASP A O   1 
ATOM   783  C  CB  . ASP A 1 108 ? 5.891   7.204   11.095  1.00 48.26 ? 108 ASP A CB  1 
ATOM   784  C  CG  . ASP A 1 108 ? 7.005   8.173   10.819  1.00 53.26 ? 108 ASP A CG  1 
ATOM   785  O  OD1 . ASP A 1 108 ? 8.126   7.711   10.491  1.00 57.38 ? 108 ASP A OD1 1 
ATOM   786  O  OD2 . ASP A 1 108 ? 6.762   9.390   10.940  1.00 56.83 ? 108 ASP A OD2 1 
ATOM   787  N  N   . LYS A 1 109 ? 4.231   4.729   11.419  1.00 44.41 ? 109 LYS A N   1 
ATOM   788  C  CA  . LYS A 1 109 ? 3.663   3.679   12.250  1.00 46.44 ? 109 LYS A CA  1 
ATOM   789  C  C   . LYS A 1 109 ? 3.953   2.268   11.735  1.00 43.65 ? 109 LYS A C   1 
ATOM   790  O  O   . LYS A 1 109 ? 4.180   1.353   12.518  1.00 42.84 ? 109 LYS A O   1 
ATOM   791  C  CB  . LYS A 1 109 ? 2.154   3.871   12.391  1.00 47.21 ? 109 LYS A CB  1 
ATOM   792  C  CG  . LYS A 1 109 ? 1.505   2.866   13.326  1.00 49.38 ? 109 LYS A CG  1 
ATOM   793  C  CD  . LYS A 1 109 ? 0.007   3.071   13.363  1.00 53.07 ? 109 LYS A CD  1 
ATOM   794  C  CE  . LYS A 1 109 ? -0.660  2.125   14.346  1.00 57.24 ? 109 LYS A CE  1 
ATOM   795  N  NZ  . LYS A 1 109 ? -2.143  2.300   14.321  1.00 63.13 ? 109 LYS A NZ  1 
ATOM   796  N  N   . TYR A 1 110 ? 3.916   2.074   10.424  1.00 42.03 ? 110 TYR A N   1 
ATOM   797  C  CA  . TYR A 1 110 ? 3.969   0.713   9.893   1.00 41.54 ? 110 TYR A CA  1 
ATOM   798  C  C   . TYR A 1 110 ? 5.281   0.403   9.180   1.00 40.89 ? 110 TYR A C   1 
ATOM   799  O  O   . TYR A 1 110 ? 5.381   -0.575  8.431   1.00 40.19 ? 110 TYR A O   1 
ATOM   800  C  CB  . TYR A 1 110 ? 2.778   0.446   8.972   1.00 40.77 ? 110 TYR A CB  1 
ATOM   801  C  CG  . TYR A 1 110 ? 1.472   0.398   9.710   1.00 43.89 ? 110 TYR A CG  1 
ATOM   802  C  CD1 . TYR A 1 110 ? 0.595   1.472   9.687   1.00 45.56 ? 110 TYR A CD1 1 
ATOM   803  C  CD2 . TYR A 1 110 ? 1.130   -0.712  10.465  1.00 48.67 ? 110 TYR A CD2 1 
ATOM   804  C  CE1 . TYR A 1 110 ? -0.606  1.428   10.382  1.00 48.10 ? 110 TYR A CE1 1 
ATOM   805  C  CE2 . TYR A 1 110 ? -0.063  -0.765  11.164  1.00 50.20 ? 110 TYR A CE2 1 
ATOM   806  C  CZ  . TYR A 1 110 ? -0.927  0.301   11.118  1.00 50.99 ? 110 TYR A CZ  1 
ATOM   807  O  OH  . TYR A 1 110 ? -2.113  0.234   11.815  1.00 53.66 ? 110 TYR A OH  1 
ATOM   808  N  N   . TRP A 1 111 ? 6.272   1.252   9.420   1.00 41.39 ? 111 TRP A N   1 
ATOM   809  C  CA  . TRP A 1 111 ? 7.604   1.125   8.829   1.00 43.34 ? 111 TRP A CA  1 
ATOM   810  C  C   . TRP A 1 111 ? 8.099   -0.320  8.748   1.00 40.65 ? 111 TRP A C   1 
ATOM   811  O  O   . TRP A 1 111 ? 8.480   -0.801  7.669   1.00 39.12 ? 111 TRP A O   1 
ATOM   812  C  CB  . TRP A 1 111 ? 8.589   1.969   9.645   1.00 46.21 ? 111 TRP A CB  1 
ATOM   813  C  CG  . TRP A 1 111 ? 9.987   2.051   9.090   1.00 44.61 ? 111 TRP A CG  1 
ATOM   814  C  CD1 . TRP A 1 111 ? 11.072  1.308   9.478   1.00 46.97 ? 111 TRP A CD1 1 
ATOM   815  C  CD2 . TRP A 1 111 ? 10.461  2.957   8.090   1.00 44.05 ? 111 TRP A CD2 1 
ATOM   816  N  NE1 . TRP A 1 111 ? 12.184  1.689   8.762   1.00 44.29 ? 111 TRP A NE1 1 
ATOM   817  C  CE2 . TRP A 1 111 ? 11.836  2.697   7.907   1.00 43.66 ? 111 TRP A CE2 1 
ATOM   818  C  CE3 . TRP A 1 111 ? 9.855   3.966   7.326   1.00 43.26 ? 111 TRP A CE3 1 
ATOM   819  C  CZ2 . TRP A 1 111 ? 12.607  3.399   6.989   1.00 44.68 ? 111 TRP A CZ2 1 
ATOM   820  C  CZ3 . TRP A 1 111 ? 10.622  4.661   6.423   1.00 43.84 ? 111 TRP A CZ3 1 
ATOM   821  C  CH2 . TRP A 1 111 ? 11.986  4.376   6.258   1.00 44.90 ? 111 TRP A CH2 1 
ATOM   822  N  N   . GLU A 1 112 ? 8.087   -1.009  9.888   1.00 40.86 ? 112 GLU A N   1 
ATOM   823  C  CA  . GLU A 1 112 ? 8.687   -2.347  9.982   1.00 41.02 ? 112 GLU A CA  1 
ATOM   824  C  C   . GLU A 1 112 ? 7.963   -3.415  9.170   1.00 40.34 ? 112 GLU A C   1 
ATOM   825  O  O   . GLU A 1 112 ? 8.510   -4.486  8.928   1.00 40.04 ? 112 GLU A O   1 
ATOM   826  C  CB  . GLU A 1 112 ? 8.796   -2.798  11.442  1.00 45.53 ? 112 GLU A CB  1 
ATOM   827  C  CG  . GLU A 1 112 ? 9.383   -1.742  12.384  1.00 49.19 ? 112 GLU A CG  1 
ATOM   828  C  CD  . GLU A 1 112 ? 9.751   -2.318  13.751  1.00 58.55 ? 112 GLU A CD  1 
ATOM   829  O  OE1 . GLU A 1 112 ? 9.761   -3.569  13.892  1.00 60.37 ? 112 GLU A OE1 1 
ATOM   830  O  OE2 . GLU A 1 112 ? 10.035  -1.518  14.679  1.00 60.50 ? 112 GLU A OE2 1 
ATOM   831  N  N   . CYS A 1 113 ? 6.729   -3.132  8.764   1.00 39.72 ? 113 CYS A N   1 
ATOM   832  C  CA  . CYS A 1 113 ? 5.977   -4.053  7.909   1.00 41.65 ? 113 CYS A CA  1 
ATOM   833  C  C   . CYS A 1 113 ? 6.376   -3.864  6.461   1.00 37.49 ? 113 CYS A C   1 
ATOM   834  O  O   . CYS A 1 113 ? 5.986   -4.638  5.590   1.00 39.26 ? 113 CYS A O   1 
ATOM   835  C  CB  . CYS A 1 113 ? 4.463   -3.815  8.045   1.00 42.30 ? 113 CYS A CB  1 
ATOM   836  S  SG  . CYS A 1 113 ? 3.798   -4.051  9.714   1.00 46.55 ? 113 CYS A SG  1 
HETATM 837  N  N   . MSE A 1 114 ? 7.135   -2.809  6.205   1.00 36.83 ? 114 MSE A N   1 
HETATM 838  C  CA  . MSE A 1 114 ? 7.489   -2.455  4.839   1.00 39.24 ? 114 MSE A CA  1 
HETATM 839  C  C   . MSE A 1 114 ? 8.979   -2.619  4.551   1.00 38.38 ? 114 MSE A C   1 
HETATM 840  O  O   . MSE A 1 114 ? 9.375   -2.871  3.414   1.00 37.40 ? 114 MSE A O   1 
HETATM 841  C  CB  . MSE A 1 114 ? 7.053   -1.021  4.561   1.00 38.13 ? 114 MSE A CB  1 
HETATM 842  C  CG  . MSE A 1 114 ? 5.560   -0.838  4.707   1.00 43.89 ? 114 MSE A CG  1 
HETATM 843  SE SE  . MSE A 1 114 ? 4.933   0.935   4.133   1.00 60.05 ? 114 MSE A SE  1 
HETATM 844  C  CE  . MSE A 1 114 ? 5.865   2.032   5.390   1.00 42.26 ? 114 MSE A CE  1 
ATOM   845  N  N   . THR A 1 115 ? 9.792   -2.497  5.595   1.00 39.43 ? 115 THR A N   1 
ATOM   846  C  CA  . THR A 1 115 ? 11.243  -2.505  5.444   1.00 38.67 ? 115 THR A CA  1 
ATOM   847  C  C   . THR A 1 115 ? 11.926  -2.919  6.750   1.00 41.02 ? 115 THR A C   1 
ATOM   848  O  O   . THR A 1 115 ? 11.384  -2.716  7.839   1.00 41.00 ? 115 THR A O   1 
ATOM   849  C  CB  . THR A 1 115 ? 11.724  -1.085  5.049   1.00 37.04 ? 115 THR A CB  1 
ATOM   850  O  OG1 . THR A 1 115 ? 13.140  -1.068  4.843   1.00 37.71 ? 115 THR A OG1 1 
ATOM   851  C  CG2 . THR A 1 115 ? 11.369  -0.091  6.146   1.00 40.78 ? 115 THR A CG2 1 
ATOM   852  N  N   . THR A 1 116 ? 13.126  -3.483  6.650   1.00 41.40 ? 116 THR A N   1 
ATOM   853  C  CA  . THR A 1 116 ? 13.926  -3.747  7.846   1.00 41.84 ? 116 THR A CA  1 
ATOM   854  C  C   . THR A 1 116 ? 15.020  -2.689  8.057   1.00 45.65 ? 116 THR A C   1 
ATOM   855  O  O   . THR A 1 116 ? 15.830  -2.830  8.959   1.00 46.30 ? 116 THR A O   1 
ATOM   856  C  CB  . THR A 1 116 ? 14.589  -5.130  7.786   1.00 44.54 ? 116 THR A CB  1 
ATOM   857  O  OG1 . THR A 1 116 ? 15.517  -5.159  6.696   1.00 45.29 ? 116 THR A OG1 1 
ATOM   858  C  CG2 . THR A 1 116 ? 13.538  -6.224  7.575   1.00 42.97 ? 116 THR A CG2 1 
ATOM   859  N  N   . ARG A 1 117 ? 15.050  -1.649  7.222   1.00 43.65 ? 117 ARG A N   1 
ATOM   860  C  CA  . ARG A 1 117 ? 15.989  -0.542  7.409   1.00 43.99 ? 117 ARG A CA  1 
ATOM   861  C  C   . ARG A 1 117 ? 15.806  0.080   8.788   1.00 46.08 ? 117 ARG A C   1 
ATOM   862  O  O   . ARG A 1 117 ? 14.683  0.320   9.210   1.00 46.33 ? 117 ARG A O   1 
ATOM   863  C  CB  . ARG A 1 117 ? 15.776  0.574   6.367   1.00 41.14 ? 117 ARG A CB  1 
ATOM   864  C  CG  . ARG A 1 117 ? 16.003  0.231   4.886   1.00 37.21 ? 117 ARG A CG  1 
ATOM   865  C  CD  . ARG A 1 117 ? 15.755  1.504   4.086   1.00 35.21 ? 117 ARG A CD  1 
ATOM   866  N  NE  . ARG A 1 117 ? 15.700  1.369   2.628   1.00 36.59 ? 117 ARG A NE  1 
ATOM   867  C  CZ  . ARG A 1 117 ? 14.618  1.003   1.942   1.00 34.03 ? 117 ARG A CZ  1 
ATOM   868  N  NH1 . ARG A 1 117 ? 13.497  0.666   2.576   1.00 35.33 ? 117 ARG A NH1 1 
ATOM   869  N  NH2 . ARG A 1 117 ? 14.665  0.948   0.614   1.00 34.43 ? 117 ARG A NH2 1 
ATOM   870  N  N   . GLN A 1 118 ? 16.902  0.364   9.481   1.00 47.63 ? 118 GLN A N   1 
ATOM   871  C  CA  . GLN A 1 118 ? 16.829  1.108   10.737  1.00 51.79 ? 118 GLN A CA  1 
ATOM   872  C  C   . GLN A 1 118 ? 16.416  2.552   10.467  1.00 54.25 ? 118 GLN A C   1 
ATOM   873  O  O   . GLN A 1 118 ? 16.451  3.010   9.333   1.00 53.14 ? 118 GLN A O   1 
ATOM   874  C  CB  . GLN A 1 118 ? 18.182  1.110   11.463  1.00 56.94 ? 118 GLN A CB  1 
ATOM   875  C  CG  . GLN A 1 118 ? 18.750  -0.263  11.798  1.00 56.65 ? 118 GLN A CG  1 
ATOM   876  C  CD  . GLN A 1 118 ? 20.093  -0.174  12.522  1.00 68.31 ? 118 GLN A CD  1 
ATOM   877  O  OE1 . GLN A 1 118 ? 20.392  0.835   13.176  1.00 70.10 ? 118 GLN A OE1 1 
ATOM   878  N  NE2 . GLN A 1 118 ? 20.910  -1.227  12.406  1.00 67.62 ? 118 GLN A NE2 1 
ATOM   879  N  N   . ARG A 1 119 ? 16.051  3.278   11.515  1.00 56.08 ? 119 ARG A N   1 
ATOM   880  C  CA  . ARG A 1 119 ? 15.713  4.689   11.374  1.00 60.85 ? 119 ARG A CA  1 
ATOM   881  C  C   . ARG A 1 119 ? 16.592  5.591   12.246  1.00 65.80 ? 119 ARG A C   1 
ATOM   882  O  O   . ARG A 1 119 ? 16.107  6.244   13.177  1.00 65.36 ? 119 ARG A O   1 
ATOM   883  C  CB  . ARG A 1 119 ? 14.232  4.910   11.681  1.00 59.33 ? 119 ARG A CB  1 
ATOM   884  C  CG  . ARG A 1 119 ? 13.311  4.103   10.797  1.00 53.82 ? 119 ARG A CG  1 
ATOM   885  C  CD  . ARG A 1 119 ? 11.846  4.320   11.170  1.00 54.56 ? 119 ARG A CD  1 
ATOM   886  N  NE  . ARG A 1 119 ? 11.358  3.289   12.083  1.00 56.38 ? 119 ARG A NE  1 
ATOM   887  C  CZ  . ARG A 1 119 ? 10.114  3.238   12.560  1.00 56.80 ? 119 ARG A CZ  1 
ATOM   888  N  NH1 . ARG A 1 119 ? 9.223   4.173   12.216  1.00 51.23 ? 119 ARG A NH1 1 
ATOM   889  N  NH2 . ARG A 1 119 ? 9.762   2.250   13.381  1.00 57.17 ? 119 ARG A NH2 1 
ATOM   890  N  N   . PRO A 1 120 ? 17.899  5.624   11.946  1.00 68.91 ? 120 PRO A N   1 
ATOM   891  C  CA  . PRO A 1 120 ? 18.828  6.497   12.670  1.00 72.13 ? 120 PRO A CA  1 
ATOM   892  C  C   . PRO A 1 120 ? 18.692  7.958   12.239  1.00 73.96 ? 120 PRO A C   1 
ATOM   893  O  O   . PRO A 1 120 ? 18.668  8.256   11.035  1.00 72.99 ? 120 PRO A O   1 
ATOM   894  C  CB  . PRO A 1 120 ? 20.208  5.949   12.268  1.00 71.29 ? 120 PRO A CB  1 
ATOM   895  C  CG  . PRO A 1 120 ? 19.946  4.571   11.693  1.00 67.98 ? 120 PRO A CG  1 
ATOM   896  C  CD  . PRO A 1 120 ? 18.611  4.712   11.034  1.00 66.31 ? 120 PRO A CD  1 
ATOM   897  N  N   . GLY A 1 121 ? 18.607  8.855   13.219  1.00 72.13 ? 121 GLY A N   1 
ATOM   898  C  CA  . GLY A 1 121 ? 18.501  10.276  12.950  1.00 72.54 ? 121 GLY A CA  1 
ATOM   899  C  C   . GLY A 1 121 ? 17.290  10.610  12.104  1.00 74.77 ? 121 GLY A C   1 
ATOM   900  O  O   . GLY A 1 121 ? 16.365  9.799   11.968  1.00 73.11 ? 121 GLY A O   1 
ATOM   901  N  N   . LYS A 1 122 ? 17.293  11.808  11.526  1.00 75.18 ? 122 LYS A N   1 
ATOM   902  C  CA  . LYS A 1 122 ? 16.161  12.245  10.718  1.00 72.54 ? 122 LYS A CA  1 
ATOM   903  C  C   . LYS A 1 122 ? 16.317  11.814  9.263   1.00 70.39 ? 122 LYS A C   1 
ATOM   904  O  O   . LYS A 1 122 ? 17.374  11.995  8.649   1.00 71.37 ? 122 LYS A O   1 
ATOM   905  C  CB  . LYS A 1 122 ? 15.928  13.756  10.843  1.00 77.45 ? 122 LYS A CB  1 
ATOM   906  C  CG  . LYS A 1 122 ? 16.653  14.615  9.823   1.00 79.27 ? 122 LYS A CG  1 
ATOM   907  C  CD  . LYS A 1 122 ? 16.252  16.074  9.993   1.00 86.27 ? 122 LYS A CD  1 
ATOM   908  C  CE  . LYS A 1 122 ? 16.762  16.944  8.854   1.00 91.13 ? 122 LYS A CE  1 
ATOM   909  N  NZ  . LYS A 1 122 ? 16.302  18.359  9.009   1.00 93.37 ? 122 LYS A NZ  1 
HETATM 910  N  N   . MSE A 1 123 ? 15.246  11.239  8.726   1.00 65.46 ? 123 MSE A N   1 
HETATM 911  C  CA  . MSE A 1 123 ? 15.274  10.623  7.409   1.00 59.17 ? 123 MSE A CA  1 
HETATM 912  C  C   . MSE A 1 123 ? 14.982  11.636  6.305   1.00 53.94 ? 123 MSE A C   1 
HETATM 913  O  O   . MSE A 1 123 ? 14.463  12.719  6.557   1.00 52.83 ? 123 MSE A O   1 
HETATM 914  C  CB  . MSE A 1 123 ? 14.262  9.477   7.359   1.00 56.05 ? 123 MSE A CB  1 
HETATM 915  C  CG  . MSE A 1 123 ? 14.314  8.543   8.573   1.00 64.24 ? 123 MSE A CG  1 
HETATM 916  SE SE  . MSE A 1 123 ? 15.866  7.330   8.575   1.00 81.49 ? 123 MSE A SE  1 
HETATM 917  C  CE  . MSE A 1 123 ? 15.204  5.977   7.330   1.00 57.21 ? 123 MSE A CE  1 
ATOM   918  N  N   . THR A 1 124 ? 15.323  11.285  5.076   1.00 50.14 ? 124 THR A N   1 
ATOM   919  C  CA  . THR A 1 124 ? 15.005  12.161  3.962   1.00 50.28 ? 124 THR A CA  1 
ATOM   920  C  C   . THR A 1 124 ? 13.742  11.731  3.211   1.00 45.49 ? 124 THR A C   1 
ATOM   921  O  O   . THR A 1 124 ? 13.221  12.493  2.414   1.00 45.21 ? 124 THR A O   1 
ATOM   922  C  CB  . THR A 1 124 ? 16.175  12.267  2.969   1.00 50.33 ? 124 THR A CB  1 
ATOM   923  O  OG1 . THR A 1 124 ? 16.477  10.966  2.441   1.00 50.25 ? 124 THR A OG1 1 
ATOM   924  C  CG2 . THR A 1 124 ? 17.405  12.840  3.663   1.00 55.90 ? 124 THR A CG2 1 
ATOM   925  N  N   . TRP A 1 125 ? 13.254  10.519  3.459   1.00 44.20 ? 125 TRP A N   1 
ATOM   926  C  CA  . TRP A 1 125 ? 12.091  10.034  2.711   1.00 44.41 ? 125 TRP A CA  1 
ATOM   927  C  C   . TRP A 1 125 ? 10.845  10.926  2.790   1.00 40.75 ? 125 TRP A C   1 
ATOM   928  O  O   . TRP A 1 125 ? 10.147  11.064  1.806   1.00 42.91 ? 125 TRP A O   1 
ATOM   929  C  CB  . TRP A 1 125 ? 11.771  8.559   3.017   1.00 43.39 ? 125 TRP A CB  1 
ATOM   930  C  CG  . TRP A 1 125 ? 11.312  8.306   4.408   1.00 42.35 ? 125 TRP A CG  1 
ATOM   931  C  CD1 . TRP A 1 125 ? 12.064  7.860   5.445   1.00 44.60 ? 125 TRP A CD1 1 
ATOM   932  C  CD2 . TRP A 1 125 ? 9.988   8.499   4.918   1.00 40.16 ? 125 TRP A CD2 1 
ATOM   933  N  NE1 . TRP A 1 125 ? 11.288  7.754   6.582   1.00 44.93 ? 125 TRP A NE1 1 
ATOM   934  C  CE2 . TRP A 1 125 ? 10.010  8.138   6.279   1.00 42.55 ? 125 TRP A CE2 1 
ATOM   935  C  CE3 . TRP A 1 125 ? 8.786   8.932   4.353   1.00 42.44 ? 125 TRP A CE3 1 
ATOM   936  C  CZ2 . TRP A 1 125 ? 8.880   8.199   7.081   1.00 43.31 ? 125 TRP A CZ2 1 
ATOM   937  C  CZ3 . TRP A 1 125 ? 7.667   8.998   5.148   1.00 41.38 ? 125 TRP A CZ3 1 
ATOM   938  C  CH2 . TRP A 1 125 ? 7.717   8.638   6.497   1.00 42.13 ? 125 TRP A CH2 1 
ATOM   939  N  N   . PRO A 1 126 ? 10.586  11.570  3.942   1.00 44.55 ? 126 PRO A N   1 
ATOM   940  C  CA  . PRO A 1 126 ? 9.427   12.468  4.008   1.00 43.56 ? 126 PRO A CA  1 
ATOM   941  C  C   . PRO A 1 126 ? 9.477   13.581  2.971   1.00 46.41 ? 126 PRO A C   1 
ATOM   942  O  O   . PRO A 1 126 ? 8.433   13.971  2.427   1.00 43.96 ? 126 PRO A O   1 
ATOM   943  C  CB  . PRO A 1 126 ? 9.530   13.059  5.413   1.00 43.63 ? 126 PRO A CB  1 
ATOM   944  C  CG  . PRO A 1 126 ? 10.249  12.031  6.190   1.00 43.72 ? 126 PRO A CG  1 
ATOM   945  C  CD  . PRO A 1 126 ? 11.267  11.475  5.247   1.00 44.44 ? 126 PRO A CD  1 
ATOM   946  N  N   . ASN A 1 127 ? 10.681  14.068  2.687   1.00 46.25 ? 127 ASN A N   1 
ATOM   947  C  CA  . ASN A 1 127 ? 10.880  15.163  1.741   1.00 45.77 ? 127 ASN A CA  1 
ATOM   948  C  C   . ASN A 1 127 ? 10.742  14.719  0.299   1.00 45.90 ? 127 ASN A C   1 
ATOM   949  O  O   . ASN A 1 127 ? 10.720  15.549  -0.612  1.00 45.66 ? 127 ASN A O   1 
ATOM   950  C  CB  . ASN A 1 127 ? 12.283  15.766  1.908   1.00 49.09 ? 127 ASN A CB  1 
ATOM   951  C  CG  . ASN A 1 127 ? 12.572  16.202  3.329   1.00 50.43 ? 127 ASN A CG  1 
ATOM   952  O  OD1 . ASN A 1 127 ? 11.746  16.838  3.982   1.00 53.89 ? 127 ASN A OD1 1 
ATOM   953  N  ND2 . ASN A 1 127 ? 13.758  15.858  3.816   1.00 52.70 ? 127 ASN A ND2 1 
ATOM   954  N  N   . ASN A 1 128 ? 10.665  13.411  0.085   1.00 41.61 ? 128 ASN A N   1 
ATOM   955  C  CA  . ASN A 1 128 ? 10.692  12.894  -1.266  1.00 42.59 ? 128 ASN A CA  1 
ATOM   956  C  C   . ASN A 1 128 ? 9.433   12.174  -1.762  1.00 40.52 ? 128 ASN A C   1 
ATOM   957  O  O   . ASN A 1 128 ? 9.330   11.861  -2.944  1.00 38.26 ? 128 ASN A O   1 
ATOM   958  C  CB  . ASN A 1 128 ? 11.921  11.998  -1.446  1.00 43.77 ? 128 ASN A CB  1 
ATOM   959  C  CG  . ASN A 1 128 ? 13.215  12.782  -1.410  1.00 44.80 ? 128 ASN A CG  1 
ATOM   960  O  OD1 . ASN A 1 128 ? 13.380  13.760  -2.136  1.00 46.76 ? 128 ASN A OD1 1 
ATOM   961  N  ND2 . ASN A 1 128 ? 14.136  12.365  -0.559  1.00 44.31 ? 128 ASN A ND2 1 
ATOM   962  N  N   . ILE A 1 129 ? 8.479   11.903  -0.886  1.00 41.30 ? 129 ILE A N   1 
ATOM   963  C  CA  . ILE A 1 129 ? 7.306   11.163  -1.358  1.00 41.98 ? 129 ILE A CA  1 
ATOM   964  C  C   . ILE A 1 129 ? 6.416   11.971  -2.290  1.00 40.69 ? 129 ILE A C   1 
ATOM   965  O  O   . ILE A 1 129 ? 5.798   11.408  -3.191  1.00 40.74 ? 129 ILE A O   1 
ATOM   966  C  CB  . ILE A 1 129 ? 6.474   10.535  -0.237  1.00 39.52 ? 129 ILE A CB  1 
ATOM   967  C  CG1 . ILE A 1 129 ? 6.048   11.596  0.768   1.00 40.33 ? 129 ILE A CG1 1 
ATOM   968  C  CG2 . ILE A 1 129 ? 7.240   9.387   0.425   1.00 39.28 ? 129 ILE A CG2 1 
ATOM   969  C  CD1 . ILE A 1 129 ? 4.963   11.105  1.687   1.00 41.60 ? 129 ILE A CD1 1 
ATOM   970  N  N   . VAL A 1 130 ? 6.384   13.287  -2.102  1.00 39.72 ? 130 VAL A N   1 
ATOM   971  C  CA  . VAL A 1 130 ? 5.572   14.135  -2.965  1.00 40.69 ? 130 VAL A CA  1 
ATOM   972  C  C   . VAL A 1 130 ? 6.032   14.013  -4.393  1.00 40.50 ? 130 VAL A C   1 
ATOM   973  O  O   . VAL A 1 130 ? 5.223   13.785  -5.272  1.00 42.69 ? 130 VAL A O   1 
ATOM   974  C  CB  . VAL A 1 130 ? 5.573   15.617  -2.529  1.00 42.47 ? 130 VAL A CB  1 
ATOM   975  C  CG1 . VAL A 1 130 ? 5.000   16.495  -3.635  1.00 43.14 ? 130 VAL A CG1 1 
ATOM   976  C  CG2 . VAL A 1 130 ? 4.781   15.782  -1.240  1.00 41.95 ? 130 VAL A CG2 1 
ATOM   977  N  N   . LYS A 1 131 ? 7.334   14.129  -4.636  1.00 42.86 ? 131 LYS A N   1 
ATOM   978  C  CA  . LYS A 1 131 ? 7.830   13.996  -6.007  1.00 41.58 ? 131 LYS A CA  1 
ATOM   979  C  C   . LYS A 1 131 ? 7.690   12.564  -6.532  1.00 41.69 ? 131 LYS A C   1 
ATOM   980  O  O   . LYS A 1 131 ? 7.558   12.349  -7.740  1.00 41.26 ? 131 LYS A O   1 
ATOM   981  C  CB  . LYS A 1 131 ? 9.275   14.513  -6.145  1.00 45.59 ? 131 LYS A CB  1 
ATOM   982  C  CG  . LYS A 1 131 ? 10.347  13.615  -5.563  1.00 49.06 ? 131 LYS A CG  1 
ATOM   983  C  CD  . LYS A 1 131 ? 11.766  14.217  -5.697  1.00 49.08 ? 131 LYS A CD  1 
ATOM   984  C  CE  . LYS A 1 131 ? 11.997  15.355  -4.691  1.00 49.01 ? 131 LYS A CE  1 
ATOM   985  N  NZ  . LYS A 1 131 ? 13.433  15.732  -4.558  1.00 56.92 ? 131 LYS A NZ  1 
ATOM   986  N  N   . THR A 1 132 ? 7.725   11.585  -5.624  1.00 41.15 ? 132 THR A N   1 
ATOM   987  C  CA  . THR A 1 132 ? 7.474   10.189  -5.991  1.00 40.59 ? 132 THR A CA  1 
ATOM   988  C  C   . THR A 1 132 ? 6.063   10.019  -6.569  1.00 37.37 ? 132 THR A C   1 
ATOM   989  O  O   . THR A 1 132 ? 5.880   9.484   -7.655  1.00 38.40 ? 132 THR A O   1 
ATOM   990  C  CB  . THR A 1 132 ? 7.667   9.246   -4.785  1.00 39.34 ? 132 THR A CB  1 
ATOM   991  O  OG1 . THR A 1 132 ? 9.052   9.211   -4.427  1.00 37.55 ? 132 THR A OG1 1 
ATOM   992  C  CG2 . THR A 1 132 ? 7.194   7.815   -5.107  1.00 35.03 ? 132 THR A CG2 1 
HETATM 993  N  N   . MSE A 1 133 ? 5.069   10.491  -5.838  1.00 37.58 ? 133 MSE A N   1 
HETATM 994  C  CA  . MSE A 1 133 ? 3.691   10.382  -6.305  1.00 41.19 ? 133 MSE A CA  1 
HETATM 995  C  C   . MSE A 1 133 ? 3.405   11.281  -7.511  1.00 43.05 ? 133 MSE A C   1 
HETATM 996  O  O   . MSE A 1 133 ? 2.764   10.859  -8.464  1.00 41.84 ? 133 MSE A O   1 
HETATM 997  C  CB  . MSE A 1 133 ? 2.736   10.657  -5.159  1.00 40.72 ? 133 MSE A CB  1 
HETATM 998  C  CG  . MSE A 1 133 ? 2.738   9.501   -4.149  1.00 40.28 ? 133 MSE A CG  1 
HETATM 999  SE SE  . MSE A 1 133 ? 1.607   9.780   -2.625  1.00 47.38 ? 133 MSE A SE  1 
HETATM 1000 C  CE  . MSE A 1 133 ? 2.509   11.240  -1.707  1.00 42.06 ? 133 MSE A CE  1 
ATOM   1001 N  N   . SER A 1 134 ? 3.930   12.501  -7.487  1.00 42.63 ? 134 SER A N   1 
ATOM   1002 C  CA  . SER A 1 134 ? 3.699   13.445  -8.579  1.00 45.14 ? 134 SER A CA  1 
ATOM   1003 C  C   . SER A 1 134 ? 4.234   12.990  -9.928  1.00 45.76 ? 134 SER A C   1 
ATOM   1004 O  O   . SER A 1 134 ? 3.753   13.442  -10.965 1.00 47.25 ? 134 SER A O   1 
ATOM   1005 C  CB  . SER A 1 134 ? 4.268   14.812  -8.230  1.00 44.21 ? 134 SER A CB  1 
ATOM   1006 O  OG  . SER A 1 134 ? 3.627   15.312  -7.071  1.00 44.43 ? 134 SER A OG  1 
ATOM   1007 N  N   . LYS A 1 135 ? 5.225   12.106  -9.939  1.00 44.84 ? 135 LYS A N   1 
ATOM   1008 C  CA  . LYS A 1 135 ? 5.725   11.661  -11.227 1.00 45.35 ? 135 LYS A CA  1 
ATOM   1009 C  C   . LYS A 1 135 ? 5.028   10.401  -11.745 1.00 49.22 ? 135 LYS A C   1 
ATOM   1010 O  O   . LYS A 1 135 ? 5.369   9.899   -12.819 1.00 48.30 ? 135 LYS A O   1 
ATOM   1011 C  CB  . LYS A 1 135 ? 7.259   11.558  -11.259 1.00 44.55 ? 135 LYS A CB  1 
ATOM   1012 C  CG  . LYS A 1 135 ? 7.899   10.625  -10.271 1.00 45.45 ? 135 LYS A CG  1 
ATOM   1013 C  CD  . LYS A 1 135 ? 9.389   10.960  -10.184 1.00 48.73 ? 135 LYS A CD  1 
ATOM   1014 C  CE  . LYS A 1 135 ? 10.202  9.883   -9.465  1.00 53.98 ? 135 LYS A CE  1 
ATOM   1015 N  NZ  . LYS A 1 135 ? 10.112  8.574   -10.189 1.00 57.26 ? 135 LYS A NZ  1 
ATOM   1016 N  N   . GLU A 1 136 ? 4.036   9.918   -10.994 1.00 47.24 ? 136 GLU A N   1 
ATOM   1017 C  CA  . GLU A 1 136 ? 3.292   8.720   -11.380 1.00 48.56 ? 136 GLU A CA  1 
ATOM   1018 C  C   . GLU A 1 136 ? 1.794   8.940   -11.305 1.00 49.65 ? 136 GLU A C   1 
ATOM   1019 O  O   . GLU A 1 136 ? 1.105   8.277   -10.526 1.00 45.86 ? 136 GLU A O   1 
ATOM   1020 C  CB  . GLU A 1 136 ? 3.670   7.542   -10.487 1.00 46.75 ? 136 GLU A CB  1 
ATOM   1021 C  CG  . GLU A 1 136 ? 5.137   7.243   -10.500 1.00 49.46 ? 136 GLU A CG  1 
ATOM   1022 C  CD  . GLU A 1 136 ? 5.441   5.761   -10.512 1.00 50.98 ? 136 GLU A CD  1 
ATOM   1023 O  OE1 . GLU A 1 136 ? 4.659   4.988   -11.112 1.00 51.58 ? 136 GLU A OE1 1 
ATOM   1024 O  OE2 . GLU A 1 136 ? 6.476   5.377   -9.931  1.00 50.52 ? 136 GLU A OE2 1 
ATOM   1025 N  N   . ARG A 1 137 ? 1.297   9.869   -12.120 1.00 51.01 ? 137 ARG A N   1 
ATOM   1026 C  CA  . ARG A 1 137 ? -0.096  10.283  -12.060 1.00 49.08 ? 137 ARG A CA  1 
ATOM   1027 C  C   . ARG A 1 137 ? -0.999  9.308   -12.794 1.00 48.74 ? 137 ARG A C   1 
ATOM   1028 O  O   . ARG A 1 137 ? -2.207  9.525   -12.891 1.00 50.91 ? 137 ARG A O   1 
ATOM   1029 C  CB  . ARG A 1 137 ? -0.269  11.708  -12.605 1.00 54.32 ? 137 ARG A CB  1 
ATOM   1030 C  CG  . ARG A 1 137 ? 0.376   12.780  -11.733 1.00 53.95 ? 137 ARG A CG  1 
ATOM   1031 C  CD  . ARG A 1 137 ? 0.545   14.071  -12.504 1.00 56.08 ? 137 ARG A CD  1 
ATOM   1032 N  NE  . ARG A 1 137 ? 1.352   15.062  -11.789 1.00 56.79 ? 137 ARG A NE  1 
ATOM   1033 C  CZ  . ARG A 1 137 ? 0.855   15.969  -10.949 1.00 58.12 ? 137 ARG A CZ  1 
ATOM   1034 N  NH1 . ARG A 1 137 ? -0.451  16.000  -10.702 1.00 57.48 ? 137 ARG A NH1 1 
ATOM   1035 N  NH2 . ARG A 1 137 ? 1.663   16.844  -10.355 1.00 55.66 ? 137 ARG A NH2 1 
ATOM   1036 N  N   . ASP A 1 138 ? -0.403  8.242   -13.319 1.00 51.36 ? 138 ASP A N   1 
ATOM   1037 C  CA  . ASP A 1 138 ? -1.168  7.070   -13.738 1.00 52.18 ? 138 ASP A CA  1 
ATOM   1038 C  C   . ASP A 1 138 ? -1.443  6.136   -12.542 1.00 50.86 ? 138 ASP A C   1 
ATOM   1039 O  O   . ASP A 1 138 ? -2.221  5.190   -12.643 1.00 49.36 ? 138 ASP A O   1 
ATOM   1040 C  CB  . ASP A 1 138 ? -0.449  6.316   -14.859 1.00 52.86 ? 138 ASP A CB  1 
ATOM   1041 C  CG  . ASP A 1 138 ? 0.943   5.890   -14.469 1.00 55.72 ? 138 ASP A CG  1 
ATOM   1042 O  OD1 . ASP A 1 138 ? 1.578   6.616   -13.668 1.00 57.00 ? 138 ASP A OD1 1 
ATOM   1043 O  OD2 . ASP A 1 138 ? 1.405   4.832   -14.960 1.00 56.98 ? 138 ASP A OD2 1 
ATOM   1044 N  N   . VAL A 1 139 ? -0.805  6.402   -11.408 1.00 48.34 ? 139 VAL A N   1 
ATOM   1045 C  CA  . VAL A 1 139 ? -1.084  5.629   -10.202 1.00 44.69 ? 139 VAL A CA  1 
ATOM   1046 C  C   . VAL A 1 139 ? -1.708  6.523   -9.141  1.00 43.92 ? 139 VAL A C   1 
ATOM   1047 O  O   . VAL A 1 139 ? -2.697  6.155   -8.493  1.00 41.15 ? 139 VAL A O   1 
ATOM   1048 C  CB  . VAL A 1 139 ? 0.188   4.974   -9.645  1.00 44.29 ? 139 VAL A CB  1 
ATOM   1049 C  CG1 . VAL A 1 139 ? -0.060  4.444   -8.245  1.00 41.37 ? 139 VAL A CG1 1 
ATOM   1050 C  CG2 . VAL A 1 139 ? 0.652   3.841   -10.572 1.00 47.50 ? 139 VAL A CG2 1 
ATOM   1051 N  N   . PHE A 1 140 ? -1.130  7.711   -8.991  1.00 40.26 ? 140 PHE A N   1 
ATOM   1052 C  CA  . PHE A 1 140 ? -1.504  8.626   -7.928  1.00 40.46 ? 140 PHE A CA  1 
ATOM   1053 C  C   . PHE A 1 140 ? -2.241  9.870   -8.435  1.00 42.89 ? 140 PHE A C   1 
ATOM   1054 O  O   . PHE A 1 140 ? -1.883  10.462  -9.450  1.00 44.79 ? 140 PHE A O   1 
ATOM   1055 C  CB  . PHE A 1 140 ? -0.260  9.061   -7.131  1.00 40.50 ? 140 PHE A CB  1 
ATOM   1056 C  CG  . PHE A 1 140 ? 0.508   7.921   -6.520  1.00 37.79 ? 140 PHE A CG  1 
ATOM   1057 C  CD1 . PHE A 1 140 ? 1.637   7.422   -7.144  1.00 38.83 ? 140 PHE A CD1 1 
ATOM   1058 C  CD2 . PHE A 1 140 ? 0.093   7.339   -5.326  1.00 36.76 ? 140 PHE A CD2 1 
ATOM   1059 C  CE1 . PHE A 1 140 ? 2.350   6.374   -6.602  1.00 35.57 ? 140 PHE A CE1 1 
ATOM   1060 C  CE2 . PHE A 1 140 ? 0.817   6.272   -4.766  1.00 37.08 ? 140 PHE A CE2 1 
ATOM   1061 C  CZ  . PHE A 1 140 ? 1.942   5.805   -5.404  1.00 36.40 ? 140 PHE A CZ  1 
ATOM   1062 N  N   . LEU A 1 141 ? -3.269  10.243  -7.692  1.00 43.19 ? 141 LEU A N   1 
ATOM   1063 C  CA  . LEU A 1 141 ? -3.963  11.504  -7.826  1.00 44.33 ? 141 LEU A CA  1 
ATOM   1064 C  C   . LEU A 1 141 ? -3.347  12.515  -6.870  1.00 45.22 ? 141 LEU A C   1 
ATOM   1065 O  O   . LEU A 1 141 ? -3.229  12.264  -5.655  1.00 43.47 ? 141 LEU A O   1 
ATOM   1066 C  CB  . LEU A 1 141 ? -5.428  11.321  -7.457  1.00 43.84 ? 141 LEU A CB  1 
ATOM   1067 C  CG  . LEU A 1 141 ? -6.272  10.565  -8.467  1.00 49.33 ? 141 LEU A CG  1 
ATOM   1068 C  CD1 . LEU A 1 141 ? -7.501  9.986   -7.789  1.00 48.17 ? 141 LEU A CD1 1 
ATOM   1069 C  CD2 . LEU A 1 141 ? -6.642  11.500  -9.597  1.00 47.97 ? 141 LEU A CD2 1 
ATOM   1070 N  N   . VAL A 1 142 ? -2.983  13.665  -7.429  1.00 46.11 ? 142 VAL A N   1 
ATOM   1071 C  CA  . VAL A 1 142 ? -2.317  14.721  -6.687  1.00 44.83 ? 142 VAL A CA  1 
ATOM   1072 C  C   . VAL A 1 142 ? -3.184  15.964  -6.614  1.00 45.37 ? 142 VAL A C   1 
ATOM   1073 O  O   . VAL A 1 142 ? -3.690  16.431  -7.632  1.00 45.03 ? 142 VAL A O   1 
ATOM   1074 C  CB  . VAL A 1 142 ? -1.008  15.129  -7.383  1.00 46.47 ? 142 VAL A CB  1 
ATOM   1075 C  CG1 . VAL A 1 142 ? -0.321  16.242  -6.601  1.00 46.00 ? 142 VAL A CG1 1 
ATOM   1076 C  CG2 . VAL A 1 142 ? -0.094  13.926  -7.541  1.00 45.83 ? 142 VAL A CG2 1 
ATOM   1077 N  N   . LYS A 1 143 ? -3.336  16.504  -5.408  1.00 45.15 ? 143 LYS A N   1 
ATOM   1078 C  CA  . LYS A 1 143 ? -4.005  17.784  -5.227  1.00 47.76 ? 143 LYS A CA  1 
ATOM   1079 C  C   . LYS A 1 143 ? -3.196  18.725  -4.360  1.00 46.00 ? 143 LYS A C   1 
ATOM   1080 O  O   . LYS A 1 143 ? -3.181  18.599  -3.143  1.00 45.55 ? 143 LYS A O   1 
ATOM   1081 C  CB  . LYS A 1 143 ? -5.393  17.585  -4.626  1.00 49.69 ? 143 LYS A CB  1 
ATOM   1082 C  CG  . LYS A 1 143 ? -6.492  18.065  -5.533  1.00 51.00 ? 143 LYS A CG  1 
ATOM   1083 C  CD  . LYS A 1 143 ? -7.802  17.353  -5.257  1.00 56.43 ? 143 LYS A CD  1 
ATOM   1084 C  CE  . LYS A 1 143 ? -8.303  17.620  -3.860  1.00 53.86 ? 143 LYS A CE  1 
ATOM   1085 N  NZ  . LYS A 1 143 ? -9.731  17.170  -3.743  1.00 58.71 ? 143 LYS A NZ  1 
ATOM   1086 N  N   . GLU A 1 144 ? -2.525  19.676  -4.995  1.00 49.12 ? 144 GLU A N   1 
ATOM   1087 C  CA  . GLU A 1 144 ? -1.709  20.646  -4.269  1.00 52.60 ? 144 GLU A CA  1 
ATOM   1088 C  C   . GLU A 1 144 ? -2.522  21.553  -3.335  1.00 52.03 ? 144 GLU A C   1 
ATOM   1089 O  O   . GLU A 1 144 ? -2.067  21.890  -2.238  1.00 51.54 ? 144 GLU A O   1 
ATOM   1090 C  CB  . GLU A 1 144 ? -0.877  21.490  -5.242  1.00 55.00 ? 144 GLU A CB  1 
ATOM   1091 C  CG  . GLU A 1 144 ? 0.317   20.754  -5.868  1.00 54.31 ? 144 GLU A CG  1 
ATOM   1092 C  CD  . GLU A 1 144 ? -0.050  19.967  -7.114  1.00 59.66 ? 144 GLU A CD  1 
ATOM   1093 O  OE1 . GLU A 1 144 ? -1.244  19.987  -7.510  1.00 62.07 ? 144 GLU A OE1 1 
ATOM   1094 O  OE2 . GLU A 1 144 ? 0.855   19.325  -7.705  1.00 59.55 ? 144 GLU A OE2 1 
ATOM   1095 N  N   . HIS A 1 145 ? -3.716  21.943  -3.771  1.00 50.57 ? 145 HIS A N   1 
ATOM   1096 C  CA  . HIS A 1 145 ? -4.562  22.856  -3.003  1.00 53.11 ? 145 HIS A CA  1 
ATOM   1097 C  C   . HIS A 1 145 ? -6.017  22.425  -3.082  1.00 51.67 ? 145 HIS A C   1 
ATOM   1098 O  O   . HIS A 1 145 ? -6.389  21.655  -3.965  1.00 50.99 ? 145 HIS A O   1 
ATOM   1099 C  CB  . HIS A 1 145 ? -4.443  24.286  -3.551  1.00 56.07 ? 145 HIS A CB  1 
ATOM   1100 C  CG  . HIS A 1 145 ? -3.056  24.657  -3.974  1.00 56.91 ? 145 HIS A CG  1 
ATOM   1101 N  ND1 . HIS A 1 145 ? -2.114  25.139  -3.091  1.00 62.22 ? 145 HIS A ND1 1 
ATOM   1102 C  CD2 . HIS A 1 145 ? -2.450  24.613  -5.185  1.00 59.37 ? 145 HIS A CD2 1 
ATOM   1103 C  CE1 . HIS A 1 145 ? -0.984  25.377  -3.740  1.00 62.23 ? 145 HIS A CE1 1 
ATOM   1104 N  NE2 . HIS A 1 145 ? -1.162  25.064  -5.011  1.00 62.47 ? 145 HIS A NE2 1 
ATOM   1105 N  N   . PRO A 1 146 ? -6.851  22.929  -2.160  1.00 51.75 ? 146 PRO A N   1 
ATOM   1106 C  CA  . PRO A 1 146 ? -8.269  22.578  -2.245  1.00 50.82 ? 146 PRO A CA  1 
ATOM   1107 C  C   . PRO A 1 146 ? -8.887  23.113  -3.527  1.00 48.11 ? 146 PRO A C   1 
ATOM   1108 O  O   . PRO A 1 146 ? -8.398  24.089  -4.098  1.00 46.95 ? 146 PRO A O   1 
ATOM   1109 C  CB  . PRO A 1 146 ? -8.887  23.225  -0.990  1.00 49.73 ? 146 PRO A CB  1 
ATOM   1110 C  CG  . PRO A 1 146 ? -7.858  24.146  -0.454  1.00 52.78 ? 146 PRO A CG  1 
ATOM   1111 C  CD  . PRO A 1 146 ? -6.528  23.674  -0.932  1.00 53.85 ? 146 PRO A CD  1 
ATOM   1112 N  N   . ASP A 1 147 ? -9.926  22.434  -3.995  1.00 48.82 ? 147 ASP A N   1 
ATOM   1113 C  CA  . ASP A 1 147 ? -10.638 22.846  -5.203  1.00 50.84 ? 147 ASP A CA  1 
ATOM   1114 C  C   . ASP A 1 147 ? -11.242 24.237  -5.019  1.00 46.70 ? 147 ASP A C   1 
ATOM   1115 O  O   . ASP A 1 147 ? -11.744 24.568  -3.937  1.00 44.58 ? 147 ASP A O   1 
ATOM   1116 C  CB  . ASP A 1 147 ? -11.750 21.840  -5.541  1.00 47.88 ? 147 ASP A CB  1 
ATOM   1117 C  CG  . ASP A 1 147 ? -11.211 20.451  -5.873  1.00 53.09 ? 147 ASP A CG  1 
ATOM   1118 O  OD1 . ASP A 1 147 ? -10.166 20.369  -6.558  1.00 54.90 ? 147 ASP A OD1 1 
ATOM   1119 O  OD2 . ASP A 1 147 ? -11.828 19.442  -5.448  1.00 51.10 ? 147 ASP A OD2 1 
ATOM   1120 N  N   . PRO A 1 148 ? -11.198 25.058  -6.079  1.00 47.12 ? 148 PRO A N   1 
ATOM   1121 C  CA  . PRO A 1 148 ? -11.943 26.322  -6.036  1.00 46.74 ? 148 PRO A CA  1 
ATOM   1122 C  C   . PRO A 1 148 ? -13.373 26.047  -5.572  1.00 47.55 ? 148 PRO A C   1 
ATOM   1123 O  O   . PRO A 1 148 ? -14.041 25.170  -6.134  1.00 47.61 ? 148 PRO A O   1 
ATOM   1124 C  CB  . PRO A 1 148 ? -11.937 26.780  -7.492  1.00 46.94 ? 148 PRO A CB  1 
ATOM   1125 C  CG  . PRO A 1 148 ? -10.711 26.148  -8.078  1.00 48.76 ? 148 PRO A CG  1 
ATOM   1126 C  CD  . PRO A 1 148 ? -10.567 24.818  -7.389  1.00 46.15 ? 148 PRO A CD  1 
ATOM   1127 N  N   . GLY A 1 149 ? -13.814 26.759  -4.540  1.00 45.17 ? 149 GLY A N   1 
ATOM   1128 C  CA  . GLY A 1 149 ? -15.125 26.557  -3.950  1.00 43.39 ? 149 GLY A CA  1 
ATOM   1129 C  C   . GLY A 1 149 ? -15.153 25.594  -2.774  1.00 46.99 ? 149 GLY A C   1 
ATOM   1130 O  O   . GLY A 1 149 ? -16.136 25.534  -2.026  1.00 46.46 ? 149 GLY A O   1 
ATOM   1131 N  N   . SER A 1 150 ? -14.081 24.826  -2.605  1.00 47.11 ? 150 SER A N   1 
ATOM   1132 C  CA  . SER A 1 150 ? -14.025 23.866  -1.511  1.00 46.42 ? 150 SER A CA  1 
ATOM   1133 C  C   . SER A 1 150 ? -13.877 24.553  -0.154  1.00 47.16 ? 150 SER A C   1 
ATOM   1134 O  O   . SER A 1 150 ? -13.227 25.578  -0.039  1.00 48.43 ? 150 SER A O   1 
ATOM   1135 C  CB  . SER A 1 150 ? -12.887 22.870  -1.728  1.00 48.40 ? 150 SER A CB  1 
ATOM   1136 O  OG  . SER A 1 150 ? -12.745 22.042  -0.590  1.00 52.26 ? 150 SER A OG  1 
ATOM   1137 N  N   . LYS A 1 151 ? -14.502 23.985  0.867   1.00 49.97 ? 151 LYS A N   1 
ATOM   1138 C  CA  . LYS A 1 151 ? -14.385 24.492  2.227   1.00 54.94 ? 151 LYS A CA  1 
ATOM   1139 C  C   . LYS A 1 151 ? -13.280 23.735  2.977   1.00 54.39 ? 151 LYS A C   1 
ATOM   1140 O  O   . LYS A 1 151 ? -13.090 23.895  4.186   1.00 50.81 ? 151 LYS A O   1 
ATOM   1141 C  CB  . LYS A 1 151 ? -15.744 24.424  2.945   1.00 55.06 ? 151 LYS A CB  1 
ATOM   1142 C  CG  . LYS A 1 151 ? -16.693 25.576  2.537   1.00 56.96 ? 151 LYS A CG  1 
ATOM   1143 C  CD  . LYS A 1 151 ? -18.167 25.170  2.587   1.00 62.14 ? 151 LYS A CD  1 
ATOM   1144 C  CE  . LYS A 1 151 ? -19.109 26.387  2.545   1.00 62.08 ? 151 LYS A CE  1 
ATOM   1145 N  NZ  . LYS A 1 151 ? -18.949 27.253  1.327   1.00 58.48 ? 151 LYS A NZ  1 
ATOM   1146 N  N   . ASP A 1 152 ? -12.545 22.926  2.223   1.00 54.58 ? 152 ASP A N   1 
ATOM   1147 C  CA  . ASP A 1 152 ? -11.422 22.156  2.748   1.00 56.25 ? 152 ASP A CA  1 
ATOM   1148 C  C   . ASP A 1 152 ? -10.331 23.051  3.283   1.00 55.40 ? 152 ASP A C   1 
ATOM   1149 O  O   . ASP A 1 152 ? -9.853  23.941  2.580   1.00 54.37 ? 152 ASP A O   1 
ATOM   1150 C  CB  . ASP A 1 152 ? -10.838 21.256  1.662   1.00 55.97 ? 152 ASP A CB  1 
ATOM   1151 C  CG  . ASP A 1 152 ? -11.297 19.837  1.797   1.00 59.49 ? 152 ASP A CG  1 
ATOM   1152 O  OD1 . ASP A 1 152 ? -12.430 19.638  2.291   1.00 61.57 ? 152 ASP A OD1 1 
ATOM   1153 O  OD2 . ASP A 1 152 ? -10.520 18.925  1.435   1.00 62.36 ? 152 ASP A OD2 1 
ATOM   1154 N  N   . PRO A 1 153 ? -9.935  22.820  4.539   1.00 56.81 ? 153 PRO A N   1 
ATOM   1155 C  CA  . PRO A 1 153 ? -8.880  23.626  5.149   1.00 56.81 ? 153 PRO A CA  1 
ATOM   1156 C  C   . PRO A 1 153 ? -7.579  23.471  4.371   1.00 55.22 ? 153 PRO A C   1 
ATOM   1157 O  O   . PRO A 1 153 ? -7.124  22.354  4.143   1.00 56.92 ? 153 PRO A O   1 
ATOM   1158 C  CB  . PRO A 1 153 ? -8.754  23.027  6.553   1.00 61.53 ? 153 PRO A CB  1 
ATOM   1159 C  CG  . PRO A 1 153 ? -10.092 22.395  6.818   1.00 58.96 ? 153 PRO A CG  1 
ATOM   1160 C  CD  . PRO A 1 153 ? -10.506 21.846  5.483   1.00 59.53 ? 153 PRO A CD  1 
ATOM   1161 N  N   . GLU A 1 154 ? -7.005  24.598  3.972   1.00 54.60 ? 154 GLU A N   1 
ATOM   1162 C  CA  . GLU A 1 154 ? -5.770  24.645  3.195   1.00 57.21 ? 154 GLU A CA  1 
ATOM   1163 C  C   . GLU A 1 154 ? -4.606  23.912  3.876   1.00 57.88 ? 154 GLU A C   1 
ATOM   1164 O  O   . GLU A 1 154 ? -3.727  23.357  3.210   1.00 56.57 ? 154 GLU A O   1 
ATOM   1165 C  CB  . GLU A 1 154 ? -5.400  26.116  2.946   1.00 60.18 ? 154 GLU A CB  1 
ATOM   1166 C  CG  . GLU A 1 154 ? -4.059  26.356  2.271   1.00 62.50 ? 154 GLU A CG  1 
ATOM   1167 C  CD  . GLU A 1 154 ? -4.125  26.260  0.748   1.00 62.78 ? 154 GLU A CD  1 
ATOM   1168 O  OE1 . GLU A 1 154 ? -4.724  27.157  0.113   1.00 64.06 ? 154 GLU A OE1 1 
ATOM   1169 O  OE2 . GLU A 1 154 ? -3.561  25.294  0.185   1.00 61.63 ? 154 GLU A OE2 1 
ATOM   1170 N  N   . GLU A 1 155 ? -4.618  23.900  5.203   1.00 55.79 ? 155 GLU A N   1 
ATOM   1171 C  CA  . GLU A 1 155 ? -3.513  23.355  5.982   1.00 60.74 ? 155 GLU A CA  1 
ATOM   1172 C  C   . GLU A 1 155 ? -3.291  21.847  5.819   1.00 60.64 ? 155 GLU A C   1 
ATOM   1173 O  O   . GLU A 1 155 ? -2.233  21.344  6.177   1.00 62.05 ? 155 GLU A O   1 
ATOM   1174 C  CB  . GLU A 1 155 ? -3.703  23.683  7.466   1.00 62.57 ? 155 GLU A CB  1 
ATOM   1175 C  CG  . GLU A 1 155 ? -5.083  23.322  7.988   1.00 65.63 ? 155 GLU A CG  1 
ATOM   1176 C  CD  . GLU A 1 155 ? -5.082  22.904  9.451   1.00 72.45 ? 155 GLU A CD  1 
ATOM   1177 O  OE1 . GLU A 1 155 ? -3.989  22.639  10.007  1.00 72.90 ? 155 GLU A OE1 1 
ATOM   1178 O  OE2 . GLU A 1 155 ? -6.185  22.835  10.042  1.00 75.63 ? 155 GLU A OE2 1 
ATOM   1179 N  N   . ASP A 1 156 ? -4.284  21.123  5.304   1.00 58.98 ? 156 ASP A N   1 
ATOM   1180 C  CA  . ASP A 1 156 ? -4.156  19.672  5.136   1.00 55.67 ? 156 ASP A CA  1 
ATOM   1181 C  C   . ASP A 1 156 ? -3.539  19.320  3.788   1.00 53.11 ? 156 ASP A C   1 
ATOM   1182 O  O   . ASP A 1 156 ? -3.308  18.149  3.482   1.00 53.89 ? 156 ASP A O   1 
ATOM   1183 C  CB  . ASP A 1 156 ? -5.521  18.990  5.224   1.00 58.00 ? 156 ASP A CB  1 
ATOM   1184 C  CG  . ASP A 1 156 ? -6.278  19.348  6.485   1.00 63.43 ? 156 ASP A CG  1 
ATOM   1185 O  OD1 . ASP A 1 156 ? -5.638  19.437  7.557   1.00 64.89 ? 156 ASP A OD1 1 
ATOM   1186 O  OD2 . ASP A 1 156 ? -7.517  19.535  6.395   1.00 63.03 ? 156 ASP A OD2 1 
ATOM   1187 N  N   . TYR A 1 157 ? -3.301  20.327  2.964   1.00 51.13 ? 157 TYR A N   1 
ATOM   1188 C  CA  . TYR A 1 157 ? -2.785  20.079  1.629   1.00 48.85 ? 157 TYR A CA  1 
ATOM   1189 C  C   . TYR A 1 157 ? -1.269  20.168  1.642   1.00 50.01 ? 157 TYR A C   1 
ATOM   1190 O  O   . TYR A 1 157 ? -0.702  20.828  2.506   1.00 50.15 ? 157 TYR A O   1 
ATOM   1191 C  CB  . TYR A 1 157 ? -3.432  21.037  0.622   1.00 51.91 ? 157 TYR A CB  1 
ATOM   1192 C  CG  . TYR A 1 157 ? -4.861  20.631  0.332   1.00 48.91 ? 157 TYR A CG  1 
ATOM   1193 C  CD1 . TYR A 1 157 ? -5.864  20.813  1.284   1.00 49.80 ? 157 TYR A CD1 1 
ATOM   1194 C  CD2 . TYR A 1 157 ? -5.190  20.008  -0.857  1.00 48.56 ? 157 TYR A CD2 1 
ATOM   1195 C  CE1 . TYR A 1 157 ? -7.162  20.416  1.035   1.00 50.72 ? 157 TYR A CE1 1 
ATOM   1196 C  CE2 . TYR A 1 157 ? -6.479  19.601  -1.117  1.00 48.85 ? 157 TYR A CE2 1 
ATOM   1197 C  CZ  . TYR A 1 157 ? -7.463  19.808  -0.172  1.00 50.84 ? 157 TYR A CZ  1 
ATOM   1198 O  OH  . TYR A 1 157 ? -8.743  19.400  -0.448  1.00 50.53 ? 157 TYR A OH  1 
ATOM   1199 N  N   . PRO A 1 158 ? -0.608  19.487  0.695   1.00 48.58 ? 158 PRO A N   1 
ATOM   1200 C  CA  . PRO A 1 158 ? -1.246  18.769  -0.414  1.00 45.66 ? 158 PRO A CA  1 
ATOM   1201 C  C   . PRO A 1 158 ? -1.864  17.405  -0.055  1.00 47.01 ? 158 PRO A C   1 
ATOM   1202 O  O   . PRO A 1 158 ? -1.583  16.827  1.001   1.00 45.32 ? 158 PRO A O   1 
ATOM   1203 C  CB  . PRO A 1 158 ? -0.105  18.598  -1.406  1.00 46.65 ? 158 PRO A CB  1 
ATOM   1204 C  CG  . PRO A 1 158 ? 1.111   18.513  -0.545  1.00 45.92 ? 158 PRO A CG  1 
ATOM   1205 C  CD  . PRO A 1 158 ? 0.862   19.425  0.621   1.00 47.63 ? 158 PRO A CD  1 
ATOM   1206 N  N   . LYS A 1 159 ? -2.716  16.903  -0.950  1.00 45.74 ? 159 LYS A N   1 
ATOM   1207 C  CA  . LYS A 1 159 ? -3.434  15.659  -0.706  1.00 42.22 ? 159 LYS A CA  1 
ATOM   1208 C  C   . LYS A 1 159 ? -3.189  14.692  -1.825  1.00 40.46 ? 159 LYS A C   1 
ATOM   1209 O  O   . LYS A 1 159 ? -2.888  15.100  -2.942  1.00 41.11 ? 159 LYS A O   1 
ATOM   1210 C  CB  . LYS A 1 159 ? -4.931  15.897  -0.511  1.00 44.61 ? 159 LYS A CB  1 
ATOM   1211 C  CG  . LYS A 1 159 ? -5.264  16.482  0.856   1.00 48.03 ? 159 LYS A CG  1 
ATOM   1212 C  CD  . LYS A 1 159 ? -6.754  16.380  1.207   1.00 48.20 ? 159 LYS A CD  1 
ATOM   1213 C  CE  . LYS A 1 159 ? -7.021  17.036  2.550   1.00 49.28 ? 159 LYS A CE  1 
ATOM   1214 N  NZ  . LYS A 1 159 ? -8.360  16.709  3.110   1.00 52.96 ? 159 LYS A NZ  1 
ATOM   1215 N  N   . PHE A 1 160 ? -3.289  13.401  -1.516  1.00 39.58 ? 160 PHE A N   1 
ATOM   1216 C  CA  . PHE A 1 160 ? -3.014  12.364  -2.505  1.00 40.67 ? 160 PHE A CA  1 
ATOM   1217 C  C   . PHE A 1 160 ? -4.012  11.215  -2.395  1.00 38.85 ? 160 PHE A C   1 
ATOM   1218 O  O   . PHE A 1 160 ? -4.583  10.970  -1.327  1.00 39.16 ? 160 PHE A O   1 
ATOM   1219 C  CB  . PHE A 1 160 ? -1.576  11.842  -2.357  1.00 39.70 ? 160 PHE A CB  1 
ATOM   1220 C  CG  . PHE A 1 160 ? -0.537  12.900  -2.511  1.00 37.45 ? 160 PHE A CG  1 
ATOM   1221 C  CD1 . PHE A 1 160 ? -0.235  13.745  -1.447  1.00 40.98 ? 160 PHE A CD1 1 
ATOM   1222 C  CD2 . PHE A 1 160 ? 0.127   13.061  -3.710  1.00 37.85 ? 160 PHE A CD2 1 
ATOM   1223 C  CE1 . PHE A 1 160 ? 0.705   14.743  -1.574  1.00 40.93 ? 160 PHE A CE1 1 
ATOM   1224 C  CE2 . PHE A 1 160 ? 1.080   14.057  -3.860  1.00 40.06 ? 160 PHE A CE2 1 
ATOM   1225 C  CZ  . PHE A 1 160 ? 1.369   14.902  -2.787  1.00 41.97 ? 160 PHE A CZ  1 
ATOM   1226 N  N   . GLY A 1 161 ? -4.197  10.503  -3.501  1.00 38.41 ? 161 GLY A N   1 
ATOM   1227 C  CA  . GLY A 1 161 ? -5.113  9.383   -3.533  1.00 39.59 ? 161 GLY A CA  1 
ATOM   1228 C  C   . GLY A 1 161 ? -4.714  8.424   -4.628  1.00 42.10 ? 161 GLY A C   1 
ATOM   1229 O  O   . GLY A 1 161 ? -3.804  8.700   -5.408  1.00 39.91 ? 161 GLY A O   1 
ATOM   1230 N  N   . LEU A 1 162 ? -5.391  7.288   -4.699  1.00 40.37 ? 162 LEU A N   1 
ATOM   1231 C  CA  . LEU A 1 162 ? -5.142  6.357   -5.780  1.00 39.49 ? 162 LEU A CA  1 
ATOM   1232 C  C   . LEU A 1 162 ? -6.037  6.695   -6.957  1.00 43.05 ? 162 LEU A C   1 
ATOM   1233 O  O   . LEU A 1 162 ? -7.225  6.944   -6.778  1.00 43.96 ? 162 LEU A O   1 
ATOM   1234 C  CB  . LEU A 1 162 ? -5.423  4.927   -5.319  1.00 39.84 ? 162 LEU A CB  1 
ATOM   1235 C  CG  . LEU A 1 162 ? -4.571  4.460   -4.136  1.00 39.49 ? 162 LEU A CG  1 
ATOM   1236 C  CD1 . LEU A 1 162 ? -4.923  3.025   -3.756  1.00 36.21 ? 162 LEU A CD1 1 
ATOM   1237 C  CD2 . LEU A 1 162 ? -3.097  4.586   -4.500  1.00 37.61 ? 162 LEU A CD2 1 
ATOM   1238 N  N   . LEU A 1 163 ? -5.469  6.683   -8.157  1.00 42.45 ? 163 LEU A N   1 
ATOM   1239 C  CA  . LEU A 1 163 ? -6.243  6.861   -9.367  1.00 44.22 ? 163 LEU A CA  1 
ATOM   1240 C  C   . LEU A 1 163 ? -7.265  5.738   -9.488  1.00 48.53 ? 163 LEU A C   1 
ATOM   1241 O  O   . LEU A 1 163 ? -8.464  5.982   -9.689  1.00 50.18 ? 163 LEU A O   1 
ATOM   1242 C  CB  . LEU A 1 163 ? -5.312  6.819   -10.570 1.00 45.81 ? 163 LEU A CB  1 
ATOM   1243 C  CG  . LEU A 1 163 ? -5.889  7.341   -11.881 1.00 47.99 ? 163 LEU A CG  1 
ATOM   1244 C  CD1 . LEU A 1 163 ? -5.821  8.857   -11.885 1.00 50.70 ? 163 LEU A CD1 1 
ATOM   1245 C  CD2 . LEU A 1 163 ? -5.120  6.782   -13.050 1.00 49.27 ? 163 LEU A CD2 1 
ATOM   1246 N  N   . ASP A 1 164 ? -6.771  4.506   -9.370  1.00 45.66 ? 164 ASP A N   1 
ATOM   1247 C  CA  . ASP A 1 164 ? -7.580  3.296   -9.460  1.00 42.17 ? 164 ASP A CA  1 
ATOM   1248 C  C   . ASP A 1 164 ? -8.142  2.949   -8.085  1.00 44.02 ? 164 ASP A C   1 
ATOM   1249 O  O   . ASP A 1 164 ? -7.391  2.638   -7.166  1.00 44.85 ? 164 ASP A O   1 
ATOM   1250 C  CB  . ASP A 1 164 ? -6.707  2.151   -9.978  1.00 45.03 ? 164 ASP A CB  1 
ATOM   1251 C  CG  . ASP A 1 164 ? -7.500  0.876   -10.286 1.00 47.44 ? 164 ASP A CG  1 
ATOM   1252 O  OD1 . ASP A 1 164 ? -8.656  0.750   -9.812  1.00 46.81 ? 164 ASP A OD1 1 
ATOM   1253 O  OD2 . ASP A 1 164 ? -6.948  -0.004  -10.997 1.00 43.98 ? 164 ASP A OD2 1 
ATOM   1254 N  N   . GLN A 1 165 ? -9.460  3.005   -7.934  1.00 42.55 ? 165 GLN A N   1 
ATOM   1255 C  CA  . GLN A 1 165 ? -10.093 2.637   -6.669  1.00 44.21 ? 165 GLN A CA  1 
ATOM   1256 C  C   . GLN A 1 165 ? -10.394 1.131   -6.546  1.00 40.82 ? 165 GLN A C   1 
ATOM   1257 O  O   . GLN A 1 165 ? -10.887 0.676   -5.522  1.00 40.99 ? 165 GLN A O   1 
ATOM   1258 C  CB  . GLN A 1 165 ? -11.373 3.449   -6.440  1.00 45.47 ? 165 GLN A CB  1 
ATOM   1259 C  CG  . GLN A 1 165 ? -11.135 4.916   -6.163  1.00 45.26 ? 165 GLN A CG  1 
ATOM   1260 C  CD  . GLN A 1 165 ? -10.535 5.169   -4.781  1.00 48.30 ? 165 GLN A CD  1 
ATOM   1261 O  OE1 . GLN A 1 165 ? -9.415  5.664   -4.671  1.00 46.44 ? 165 GLN A OE1 1 
ATOM   1262 N  NE2 . GLN A 1 165 ? -11.291 4.850   -3.723  1.00 46.35 ? 165 GLN A NE2 1 
ATOM   1263 N  N   . ASP A 1 166 ? -10.116 0.368   -7.592  1.00 41.64 ? 166 ASP A N   1 
ATOM   1264 C  CA  . ASP A 1 166 ? -10.244 -1.082  -7.504  1.00 41.81 ? 166 ASP A CA  1 
ATOM   1265 C  C   . ASP A 1 166 ? -8.984  -1.613  -6.811  1.00 40.18 ? 166 ASP A C   1 
ATOM   1266 O  O   . ASP A 1 166 ? -7.990  -1.921  -7.465  1.00 37.92 ? 166 ASP A O   1 
ATOM   1267 C  CB  . ASP A 1 166 ? -10.406 -1.709  -8.896  1.00 42.21 ? 166 ASP A CB  1 
ATOM   1268 C  CG  . ASP A 1 166 ? -10.814 -3.188  -8.839  1.00 43.90 ? 166 ASP A CG  1 
ATOM   1269 O  OD1 . ASP A 1 166 ? -10.779 -3.777  -7.739  1.00 43.97 ? 166 ASP A OD1 1 
ATOM   1270 O  OD2 . ASP A 1 166 ? -11.162 -3.763  -9.897  1.00 44.55 ? 166 ASP A OD2 1 
ATOM   1271 N  N   . LEU A 1 167 ? -9.040  -1.696  -5.485  1.00 40.20 ? 167 LEU A N   1 
ATOM   1272 C  CA  . LEU A 1 167 ? -7.913  -2.150  -4.686  1.00 38.27 ? 167 LEU A CA  1 
ATOM   1273 C  C   . LEU A 1 167 ? -7.512  -3.582  -5.012  1.00 37.89 ? 167 LEU A C   1 
ATOM   1274 O  O   . LEU A 1 167 ? -6.419  -4.011  -4.647  1.00 35.85 ? 167 LEU A O   1 
ATOM   1275 C  CB  . LEU A 1 167 ? -8.242  -2.044  -3.202  1.00 38.12 ? 167 LEU A CB  1 
ATOM   1276 C  CG  . LEU A 1 167 ? -8.572  -0.626  -2.749  1.00 41.05 ? 167 LEU A CG  1 
ATOM   1277 C  CD1 . LEU A 1 167 ? -8.872  -0.608  -1.270  1.00 39.67 ? 167 LEU A CD1 1 
ATOM   1278 C  CD2 . LEU A 1 167 ? -7.413  0.304   -3.073  1.00 41.18 ? 167 LEU A CD2 1 
ATOM   1279 N  N   . SER A 1 168 ? -8.386  -4.326  -5.692  1.00 37.52 ? 168 SER A N   1 
ATOM   1280 C  CA  . SER A 1 168 ? -8.060  -5.716  -5.988  1.00 38.16 ? 168 SER A CA  1 
ATOM   1281 C  C   . SER A 1 168 ? -6.955  -5.739  -7.038  1.00 37.15 ? 168 SER A C   1 
ATOM   1282 O  O   . SER A 1 168 ? -6.263  -6.739  -7.199  1.00 38.13 ? 168 SER A O   1 
ATOM   1283 C  CB  . SER A 1 168 ? -9.294  -6.503  -6.448  1.00 39.79 ? 168 SER A CB  1 
ATOM   1284 O  OG  . SER A 1 168 ? -9.539  -6.324  -7.838  1.00 45.42 ? 168 SER A OG  1 
ATOM   1285 N  N   . ASN A 1 169 ? -6.784  -4.615  -7.728  1.00 36.40 ? 169 ASN A N   1 
ATOM   1286 C  CA  . ASN A 1 169 ? -5.768  -4.486  -8.781  1.00 40.41 ? 169 ASN A CA  1 
ATOM   1287 C  C   . ASN A 1 169 ? -4.320  -4.356  -8.270  1.00 37.02 ? 169 ASN A C   1 
ATOM   1288 O  O   . ASN A 1 169 ? -3.375  -4.577  -9.015  1.00 39.84 ? 169 ASN A O   1 
ATOM   1289 C  CB  . ASN A 1 169 ? -6.098  -3.308  -9.714  1.00 39.02 ? 169 ASN A CB  1 
ATOM   1290 C  CG  . ASN A 1 169 ? -7.212  -3.631  -10.712 1.00 42.49 ? 169 ASN A CG  1 
ATOM   1291 O  OD1 . ASN A 1 169 ? -7.499  -4.797  -10.994 1.00 42.45 ? 169 ASN A OD1 1 
ATOM   1292 N  ND2 . ASN A 1 169 ? -7.838  -2.592  -11.253 1.00 43.56 ? 169 ASN A ND2 1 
ATOM   1293 N  N   . ILE A 1 170 ? -4.159  -3.984  -7.009  1.00 36.24 ? 170 ILE A N   1 
ATOM   1294 C  CA  . ILE A 1 170 ? -2.834  -3.829  -6.421  1.00 36.10 ? 170 ILE A CA  1 
ATOM   1295 C  C   . ILE A 1 170 ? -2.100  -5.187  -6.288  1.00 39.09 ? 170 ILE A C   1 
ATOM   1296 O  O   . ILE A 1 170 ? -2.655  -6.169  -5.779  1.00 31.93 ? 170 ILE A O   1 
ATOM   1297 C  CB  . ILE A 1 170 ? -2.935  -3.117  -5.064  1.00 34.90 ? 170 ILE A CB  1 
ATOM   1298 C  CG1 . ILE A 1 170 ? -3.544  -1.721  -5.264  1.00 35.71 ? 170 ILE A CG1 1 
ATOM   1299 C  CG2 . ILE A 1 170 ? -1.559  -3.068  -4.353  1.00 32.59 ? 170 ILE A CG2 1 
ATOM   1300 C  CD1 . ILE A 1 170 ? -3.790  -0.965  -3.988  1.00 35.73 ? 170 ILE A CD1 1 
ATOM   1301 N  N   . GLY A 1 171 ? -0.866  -5.249  -6.778  1.00 36.65 ? 171 GLY A N   1 
ATOM   1302 C  CA  . GLY A 1 171 ? -0.070  -6.455  -6.615  1.00 37.74 ? 171 GLY A CA  1 
ATOM   1303 C  C   . GLY A 1 171 ? 1.356   -6.289  -7.091  1.00 38.97 ? 171 GLY A C   1 
ATOM   1304 O  O   . GLY A 1 171 ? 1.683   -5.272  -7.671  1.00 36.25 ? 171 GLY A O   1 
ATOM   1305 N  N   . PRO A 1 172 ? 2.207   -7.300  -6.854  1.00 39.39 ? 172 PRO A N   1 
ATOM   1306 C  CA  . PRO A 1 172 ? 3.599   -7.202  -7.291  1.00 38.72 ? 172 PRO A CA  1 
ATOM   1307 C  C   . PRO A 1 172 ? 3.709   -7.045  -8.793  1.00 44.04 ? 172 PRO A C   1 
ATOM   1308 O  O   . PRO A 1 172 ? 2.830   -7.478  -9.547  1.00 43.45 ? 172 PRO A O   1 
ATOM   1309 C  CB  . PRO A 1 172 ? 4.198   -8.550  -6.876  1.00 37.86 ? 172 PRO A CB  1 
ATOM   1310 C  CG  . PRO A 1 172 ? 3.306   -9.050  -5.774  1.00 34.78 ? 172 PRO A CG  1 
ATOM   1311 C  CD  . PRO A 1 172 ? 1.933   -8.572  -6.166  1.00 35.95 ? 172 PRO A CD  1 
ATOM   1312 N  N   . ALA A 1 173 ? 4.812   -6.447  -9.220  1.00 44.88 ? 173 ALA A N   1 
ATOM   1313 C  CA  . ALA A 1 173 ? 5.085   -6.251  -10.634 1.00 48.89 ? 173 ALA A CA  1 
ATOM   1314 C  C   . ALA A 1 173 ? 5.694   -7.486  -11.296 1.00 50.59 ? 173 ALA A C   1 
ATOM   1315 O  O   . ALA A 1 173 ? 6.830   -7.439  -11.763 1.00 56.20 ? 173 ALA A O   1 
ATOM   1316 C  CB  . ALA A 1 173 ? 6.018   -5.050  -10.802 1.00 49.19 ? 173 ALA A CB  1 
ATOM   1317 N  N   . TYR A 1 174 ? 4.958   -8.587  -11.332 1.00 49.62 ? 174 TYR A N   1 
ATOM   1318 C  CA  . TYR A 1 174 ? 5.419   -9.767  -12.055 1.00 53.23 ? 174 TYR A CA  1 
ATOM   1319 C  C   . TYR A 1 174 ? 5.275   -9.485  -13.543 1.00 61.36 ? 174 TYR A C   1 
ATOM   1320 O  O   . TYR A 1 174 ? 4.725   -8.454  -13.934 1.00 62.73 ? 174 TYR A O   1 
ATOM   1321 C  CB  . TYR A 1 174 ? 4.584   -11.007 -11.710 1.00 50.63 ? 174 TYR A CB  1 
ATOM   1322 C  CG  . TYR A 1 174 ? 4.541   -11.397 -10.247 1.00 44.58 ? 174 TYR A CG  1 
ATOM   1323 C  CD1 . TYR A 1 174 ? 5.699   -11.754 -9.562  1.00 44.29 ? 174 TYR A CD1 1 
ATOM   1324 C  CD2 . TYR A 1 174 ? 3.332   -11.439 -9.555  1.00 42.04 ? 174 TYR A CD2 1 
ATOM   1325 C  CE1 . TYR A 1 174 ? 5.658   -12.120 -8.226  1.00 42.54 ? 174 TYR A CE1 1 
ATOM   1326 C  CE2 . TYR A 1 174 ? 3.278   -11.813 -8.222  1.00 38.74 ? 174 TYR A CE2 1 
ATOM   1327 C  CZ  . TYR A 1 174 ? 4.442   -12.155 -7.559  1.00 39.23 ? 174 TYR A CZ  1 
ATOM   1328 O  OH  . TYR A 1 174 ? 4.393   -12.530 -6.229  1.00 37.08 ? 174 TYR A OH  1 
ATOM   1329 N  N   . ASP A 1 175 ? 5.742   -10.413 -14.372 1.00 66.04 ? 175 ASP A N   1 
ATOM   1330 C  CA  . ASP A 1 175 ? 5.627   -10.269 -15.825 1.00 73.14 ? 175 ASP A CA  1 
ATOM   1331 C  C   . ASP A 1 175 ? 4.921   -11.464 -16.481 1.00 74.02 ? 175 ASP A C   1 
ATOM   1332 O  O   . ASP A 1 175 ? 4.220   -11.314 -17.488 1.00 77.59 ? 175 ASP A O   1 
ATOM   1333 C  CB  . ASP A 1 175 ? 7.010   -10.060 -16.448 1.00 74.35 ? 175 ASP A CB  1 
ATOM   1334 C  CG  . ASP A 1 175 ? 7.986   -11.158 -16.074 1.00 76.75 ? 175 ASP A CG  1 
ATOM   1335 O  OD1 . ASP A 1 175 ? 7.639   -12.006 -15.223 1.00 74.64 ? 175 ASP A OD1 1 
ATOM   1336 O  OD2 . ASP A 1 175 ? 9.107   -11.168 -16.624 1.00 83.92 ? 175 ASP A OD2 1 
HETATM 1337 ZN ZN  . ZN  B 2 .   ? 0.623   -20.569 -7.807  1.00 35.21 ? 200 ZN  A ZN  1 
HETATM 1338 O  O   . HOH C 3 .   ? -4.861  -6.288  -4.364  1.00 34.14 ? 178 HOH A O   1 
HETATM 1339 O  O   . HOH C 3 .   ? -0.445  -8.069  -2.246  1.00 32.25 ? 179 HOH A O   1 
HETATM 1340 O  O   . HOH C 3 .   ? -6.346  -7.428  0.974   1.00 35.73 ? 180 HOH A O   1 
HETATM 1341 O  O   . HOH C 3 .   ? -3.545  -7.700  0.464   1.00 35.36 ? 181 HOH A O   1 
HETATM 1342 O  O   . HOH C 3 .   ? 10.019  4.454   -5.645  1.00 34.23 ? 182 HOH A O   1 
HETATM 1343 O  O   . HOH C 3 .   ? -6.190  -2.122  5.858   1.00 44.59 ? 183 HOH A O   1 
HETATM 1344 O  O   . HOH C 3 .   ? -12.081 -2.125  -4.342  1.00 40.79 ? 184 HOH A O   1 
HETATM 1345 O  O   . HOH C 3 .   ? -5.938  0.126   -6.928  1.00 41.11 ? 185 HOH A O   1 
HETATM 1346 O  O   . HOH C 3 .   ? -3.977  3.608   -8.857  1.00 41.74 ? 186 HOH A O   1 
HETATM 1347 O  O   . HOH C 3 .   ? -3.562  -13.527 5.791   1.00 42.77 ? 187 HOH A O   1 
HETATM 1348 O  O   . HOH C 3 .   ? 2.908   -2.708  -8.559  1.00 44.03 ? 188 HOH A O   1 
HETATM 1349 O  O   . HOH C 3 .   ? -0.386  -7.826  0.849   1.00 37.85 ? 189 HOH A O   1 
HETATM 1350 O  O   . HOH C 3 .   ? 19.559  -0.134  8.369   1.00 48.61 ? 190 HOH A O   1 
HETATM 1351 O  O   . HOH C 3 .   ? -4.777  -11.473 7.144   1.00 42.96 ? 191 HOH A O   1 
HETATM 1352 O  O   . HOH C 3 .   ? 4.237   -2.062  -1.062  1.00 37.99 ? 192 HOH A O   1 
HETATM 1353 O  O   . HOH C 3 .   ? 6.681   -7.956  1.721   1.00 39.76 ? 193 HOH A O   1 
HETATM 1354 O  O   . HOH C 3 .   ? 2.841   7.549   13.093  1.00 48.80 ? 194 HOH A O   1 
HETATM 1355 O  O   . HOH C 3 .   ? -6.119  -18.557 0.044   1.00 40.41 ? 195 HOH A O   1 
HETATM 1356 O  O   . HOH C 3 .   ? -3.078  -7.032  -2.166  1.00 34.87 ? 196 HOH A O   1 
HETATM 1357 O  O   . HOH C 3 .   ? 5.206   -10.708 9.256   1.00 47.31 ? 197 HOH A O   1 
HETATM 1358 O  O   . HOH C 3 .   ? -10.342 -4.757  7.302   1.00 49.20 ? 198 HOH A O   1 
HETATM 1359 O  O   . HOH C 3 .   ? -11.752 -4.458  -5.761  1.00 43.25 ? 199 HOH A O   1 
HETATM 1360 O  O   . HOH C 3 .   ? 7.468   14.985  0.245   1.00 42.34 ? 201 HOH A O   1 
HETATM 1361 O  O   . HOH C 3 .   ? 9.061   15.526  -2.887  1.00 45.43 ? 202 HOH A O   1 
HETATM 1362 O  O   . HOH C 3 .   ? -8.499  5.944   6.815   1.00 47.50 ? 203 HOH A O   1 
HETATM 1363 O  O   . HOH C 3 .   ? -0.320  -2.340  -8.072  1.00 43.64 ? 204 HOH A O   1 
HETATM 1364 O  O   . HOH C 3 .   ? 10.171  -18.759 1.588   1.00 46.92 ? 205 HOH A O   1 
HETATM 1365 O  O   . HOH C 3 .   ? 0.490   -8.301  -10.019 1.00 43.76 ? 206 HOH A O   1 
HETATM 1366 O  O   . HOH C 3 .   ? -16.389 21.847  0.565   1.00 51.27 ? 207 HOH A O   1 
HETATM 1367 O  O   . HOH C 3 .   ? 4.831   -2.562  1.909   1.00 44.89 ? 208 HOH A O   1 
HETATM 1368 O  O   . HOH C 3 .   ? 6.519   -2.808  -7.115  1.00 46.52 ? 209 HOH A O   1 
HETATM 1369 O  O   . HOH C 3 .   ? -7.463  -4.201  6.895   1.00 47.38 ? 210 HOH A O   1 
HETATM 1370 O  O   . HOH C 3 .   ? -7.220  -14.344 -1.156  1.00 41.31 ? 211 HOH A O   1 
HETATM 1371 O  O   . HOH C 3 .   ? -11.989 12.435  -0.664  1.00 49.51 ? 212 HOH A O   1 
HETATM 1372 O  O   . HOH C 3 .   ? -8.847  -16.538 -1.562  1.00 45.60 ? 213 HOH A O   1 
HETATM 1373 O  O   . HOH C 3 .   ? 14.512  2.245   -2.037  1.00 35.80 ? 214 HOH A O   1 
HETATM 1374 O  O   . HOH C 3 .   ? 14.967  -5.881  -1.551  1.00 36.60 ? 215 HOH A O   1 
HETATM 1375 O  O   . HOH C 3 .   ? -0.152  17.494  3.805   1.00 47.46 ? 216 HOH A O   1 
HETATM 1376 O  O   . HOH C 3 .   ? 13.498  -0.308  -2.439  1.00 38.50 ? 217 HOH A O   1 
HETATM 1377 O  O   . HOH C 3 .   ? 9.790   3.046   -7.457  1.00 46.26 ? 218 HOH A O   1 
HETATM 1378 O  O   . HOH C 3 .   ? -7.291  6.755   -2.763  1.00 42.35 ? 219 HOH A O   1 
HETATM 1379 O  O   . HOH C 3 .   ? 3.551   -28.472 -5.876  1.00 41.79 ? 220 HOH A O   1 
HETATM 1380 O  O   . HOH C 3 .   ? 2.142   -27.674 -9.889  1.00 49.05 ? 221 HOH A O   1 
HETATM 1381 O  O   . HOH C 3 .   ? -5.562  -13.141 -10.763 1.00 45.67 ? 222 HOH A O   1 
HETATM 1382 O  O   . HOH C 3 .   ? 11.353  -3.347  -3.473  1.00 42.71 ? 223 HOH A O   1 
HETATM 1383 O  O   . HOH C 3 .   ? -10.727 19.951  -2.404  1.00 51.83 ? 224 HOH A O   1 
HETATM 1384 O  O   . HOH C 3 .   ? 12.987  -1.125  -4.593  1.00 41.40 ? 225 HOH A O   1 
HETATM 1385 O  O   . HOH C 3 .   ? -2.149  7.779   9.215   1.00 43.56 ? 226 HOH A O   1 
HETATM 1386 O  O   . HOH C 3 .   ? -13.422 -1.049  -6.489  1.00 47.80 ? 227 HOH A O   1 
HETATM 1387 O  O   . HOH C 3 .   ? 9.878   -4.680  -4.872  1.00 43.14 ? 228 HOH A O   1 
HETATM 1388 O  O   . HOH C 3 .   ? -3.738  2.890   -11.433 1.00 48.26 ? 229 HOH A O   1 
HETATM 1389 O  O   . HOH C 3 .   ? -1.583  6.013   10.960  1.00 46.37 ? 230 HOH A O   1 
HETATM 1390 O  O   . HOH C 3 .   ? -5.874  -14.570 -12.684 1.00 50.80 ? 231 HOH A O   1 
HETATM 1391 O  O   . HOH C 3 .   ? 3.179   18.136  -6.977  1.00 51.81 ? 232 HOH A O   1 
HETATM 1392 O  O   . HOH C 3 .   ? -0.528  -3.688  -10.196 1.00 49.53 ? 233 HOH A O   1 
HETATM 1393 O  O   . HOH C 3 .   ? -4.643  -8.243  -9.556  1.00 41.69 ? 234 HOH A O   1 
HETATM 1394 O  O   . HOH C 3 .   ? -3.259  1.173   -7.529  1.00 41.93 ? 235 HOH A O   1 
HETATM 1395 O  O   . HOH C 3 .   ? -3.249  -2.947  9.330   1.00 53.15 ? 236 HOH A O   1 
HETATM 1396 O  O   . HOH C 3 .   ? 8.196   -9.205  -6.990  1.00 40.04 ? 237 HOH A O   1 
HETATM 1397 O  O   . HOH C 3 .   ? -3.637  -0.529  8.614   1.00 51.93 ? 238 HOH A O   1 
HETATM 1398 O  O   . HOH C 3 .   ? -5.792  -10.491 -10.789 1.00 52.23 ? 239 HOH A O   1 
HETATM 1399 O  O   . HOH C 3 .   ? -8.179  -16.301 -5.236  1.00 42.95 ? 240 HOH A O   1 
HETATM 1400 O  O   . HOH C 3 .   ? 11.303  10.506  -5.457  1.00 47.23 ? 241 HOH A O   1 
HETATM 1401 O  O   . HOH C 3 .   ? -2.393  -0.699  -8.960  1.00 47.41 ? 242 HOH A O   1 
HETATM 1402 O  O   . HOH C 3 .   ? 6.404   -0.565  12.260  1.00 45.49 ? 243 HOH A O   1 
HETATM 1403 O  O   . HOH C 3 .   ? -8.608  13.955  3.341   1.00 50.87 ? 244 HOH A O   1 
HETATM 1404 O  O   . HOH C 3 .   ? 3.212   -24.849 2.589   1.00 42.75 ? 245 HOH A O   1 
HETATM 1405 O  O   . HOH C 3 .   ? 1.771   22.217  3.227   1.00 57.85 ? 246 HOH A O   1 
HETATM 1406 O  O   . HOH C 3 .   ? 3.641   -27.550 2.133   1.00 49.36 ? 247 HOH A O   1 
HETATM 1407 O  O   . HOH C 3 .   ? -12.058 -2.179  8.346   1.00 55.44 ? 248 HOH A O   1 
HETATM 1408 O  O   . HOH C 3 .   ? 6.757   -5.580  -7.362  1.00 46.16 ? 249 HOH A O   1 
HETATM 1409 O  O   . HOH C 3 .   ? 14.174  -7.868  2.389   1.00 44.75 ? 250 HOH A O   1 
HETATM 1410 O  O   . HOH C 3 .   ? -8.136  -10.327 -8.254  1.00 40.81 ? 251 HOH A O   1 
HETATM 1411 O  O   . HOH C 3 .   ? -2.304  -9.768  -12.305 1.00 45.44 ? 252 HOH A O   1 
HETATM 1412 O  O   . HOH C 3 .   ? -4.147  -0.440  -10.901 1.00 50.60 ? 253 HOH A O   1 
# 
